data_8SB5
#
_entry.id   8SB5
#
_cell.length_a   1.00
_cell.length_b   1.00
_cell.length_c   1.00
_cell.angle_alpha   90.00
_cell.angle_beta   90.00
_cell.angle_gamma   90.00
#
_symmetry.space_group_name_H-M   'P 1'
#
loop_
_entity.id
_entity.type
_entity.pdbx_description
1 polymer 'CH848.10.17.SOSIP gp120'
2 polymer 'CH848.10.17.SOSIP gp41'
3 polymer 'DH270.I1.6 variable heavy chain'
4 polymer 'DH270.I1.6 variable light chain'
5 branched alpha-D-mannopyranose-(1-3)-beta-D-mannopyranose-(1-4)-2-acetamido-2-deoxy-beta-D-glucopyranose-(1-4)-2-acetamido-2-deoxy-beta-D-glucopyranose
6 branched alpha-D-mannopyranose-(1-2)-alpha-D-mannopyranose-(1-2)-alpha-D-mannopyranose-(1-3)-[alpha-D-mannopyranose-(1-2)-alpha-D-mannopyranose-(1-3)-[alpha-D-mannopyranose-(1-2)-alpha-D-mannopyranose-(1-6)]alpha-D-mannopyranose-(1-6)]beta-D-mannopyranose-(1-4)-2-acetamido-2-deoxy-beta-D-glucopyranose-(1-4)-2-acetamido-2-deoxy-beta-D-glucopyranose
7 branched alpha-D-mannopyranose-(1-2)-alpha-D-mannopyranose-(1-2)-alpha-D-mannopyranose-(1-3)-beta-D-mannopyranose-(1-4)-2-acetamido-2-deoxy-beta-D-glucopyranose-(1-4)-2-acetamido-2-deoxy-beta-D-glucopyranose
8 branched beta-D-mannopyranose-(1-4)-2-acetamido-2-deoxy-beta-D-glucopyranose-(1-4)-2-acetamido-2-deoxy-beta-D-glucopyranose
#
loop_
_entity_poly.entity_id
_entity_poly.type
_entity_poly.pdbx_seq_one_letter_code
_entity_poly.pdbx_strand_id
1 'polypeptide(L)'
;AENLWVTVYYGVPVWKEAKTTLFCASDARAYEKEVHNVWATHACVPTDPSPQELVLGNVTENFNMWKNDMVDQMHEDIIS
LWDQSLKPCVKLTPLCVTLICSNATVKNGTVEEMKNCSFNTTTEIRDKEKKEYALFYKPDIVPLSETNNTSEYRLINCNT
SACTQACPKVTFEPIPIHYCAPAGYAILKCNDETFNGTGPCSNVSTVQCTHGIRPVVSTQLLLNGSLAEKEIVIRSENLT
NNAKIIIVHLHTPVEIVCTRPNNNTRKSVRIGPGQTFYATGDIIGDIKQAHCNISEEKWNDTLQKVGIELQKHFPNKTIK
YNQSAGGDMEITTHSFNCGGEFFYCNTSNLFNGTYNGTYISTNSSANSTSTITLQCRIKQIINMWQGVGRCMYAPPIAGN
ITCRSNITGLLLTRDGGTNSNETETFRPAGGDMRDNWRSELYKYKVVKIEPLGVAPTRCKRRVVGRRRRRR
;
A,F,K
2 'polypeptide(L)'
;AVGIGAVFLGFLGAAGSTMGAASMTLTVQARNLLSGTVWGIKQLQARVLAVERYLRDQQLLGIWGCSGKLICCTNVPWNS
SWSNRNLSEIWDNMTWLQWDKEISNYTQIIYGLLEESQNQQEKNEQDLLALD
;
B,G,L
3 'polypeptide(L)'
;QVQLVQSGAEMKNPGASVKVSCAASGYTFTDFYIHWVRLAPGQGLQWMGWMNPKTGRTNNAQNFQGRVTMTRDTSIGTAY
MELRSLTSDDTAVYYCVTGGWISLYYDSSYYPNFDHWGQGTLVTVSS
;
C,H,M
4 'polypeptide(L)'
;QSALTQPASVSGSPGQSITISCTGTSYDVGKFDLVSWYQQHPGKAPKYMIYEVNKWPSGVSHRFSGSKSGNTASLTISGL
QAEDEADYYCCSFGGSATVVCGGGTKVTVL
;
D,I,N
#
# COMPACT_ATOMS: atom_id res chain seq x y z
N GLU A 2 -63.69 7.47 -22.73
CA GLU A 2 -62.93 6.37 -23.40
C GLU A 2 -61.89 5.79 -22.45
N ASN A 3 -61.52 4.54 -22.67
CA ASN A 3 -60.67 3.84 -21.71
C ASN A 3 -59.24 4.36 -21.75
N LEU A 4 -58.48 4.04 -20.70
CA LEU A 4 -57.09 4.46 -20.55
C LEU A 4 -56.17 3.26 -20.49
N TRP A 5 -54.99 3.42 -21.10
CA TRP A 5 -53.96 2.42 -21.22
C TRP A 5 -52.67 2.99 -20.66
N VAL A 6 -51.92 2.16 -19.91
CA VAL A 6 -50.70 2.65 -19.28
C VAL A 6 -49.68 3.00 -20.37
N THR A 7 -49.22 4.25 -20.35
CA THR A 7 -48.22 4.76 -21.29
C THR A 7 -46.99 5.17 -20.50
N VAL A 8 -45.82 4.73 -20.96
CA VAL A 8 -44.58 4.87 -20.22
C VAL A 8 -43.75 5.98 -20.84
N TYR A 9 -43.14 6.80 -19.98
CA TYR A 9 -42.33 7.94 -20.40
C TYR A 9 -40.95 7.80 -19.80
N TYR A 10 -39.92 7.91 -20.65
CA TYR A 10 -38.54 7.87 -20.23
C TYR A 10 -37.92 9.23 -20.52
N GLY A 11 -37.00 9.66 -19.66
CA GLY A 11 -36.58 11.05 -19.63
C GLY A 11 -37.50 11.90 -18.79
N VAL A 12 -37.92 11.39 -17.65
CA VAL A 12 -38.99 11.96 -16.83
C VAL A 12 -38.38 12.62 -15.59
N PRO A 13 -38.71 13.88 -15.25
CA PRO A 13 -38.08 14.48 -14.07
C PRO A 13 -38.71 14.02 -12.76
N VAL A 14 -38.01 13.14 -12.04
CA VAL A 14 -38.45 12.59 -10.76
C VAL A 14 -37.21 12.30 -9.93
N TRP A 15 -37.36 12.41 -8.60
CA TRP A 15 -36.25 12.39 -7.66
C TRP A 15 -36.45 11.37 -6.55
N LYS A 16 -35.32 10.90 -6.03
CA LYS A 16 -35.25 10.21 -4.73
C LYS A 16 -33.98 10.65 -4.04
N GLU A 17 -34.11 11.22 -2.85
CA GLU A 17 -32.93 11.50 -2.03
C GLU A 17 -32.25 10.20 -1.67
N ALA A 18 -30.94 10.12 -1.91
CA ALA A 18 -30.24 8.85 -1.83
C ALA A 18 -28.77 9.08 -1.56
N LYS A 19 -28.10 8.00 -1.16
CA LYS A 19 -26.66 8.04 -0.95
C LYS A 19 -25.93 7.75 -2.26
N THR A 20 -24.91 8.55 -2.54
CA THR A 20 -24.13 8.39 -3.76
C THR A 20 -22.71 8.86 -3.51
N THR A 21 -21.77 8.34 -4.30
CA THR A 21 -20.36 8.70 -4.21
C THR A 21 -20.13 9.91 -5.11
N LEU A 22 -19.90 11.06 -4.49
CA LEU A 22 -19.77 12.31 -5.23
C LEU A 22 -18.37 12.47 -5.81
N PHE A 23 -18.28 13.26 -6.87
CA PHE A 23 -16.98 13.64 -7.41
C PHE A 23 -16.24 14.54 -6.43
N CYS A 24 -14.97 14.78 -6.71
CA CYS A 24 -14.26 15.94 -6.20
C CYS A 24 -13.76 16.74 -7.38
N ALA A 25 -14.08 18.03 -7.40
CA ALA A 25 -13.70 18.92 -8.48
C ALA A 25 -13.12 20.21 -7.91
N SER A 26 -12.17 20.78 -8.64
CA SER A 26 -11.48 22.00 -8.21
C SER A 26 -11.18 22.86 -9.42
N ASP A 27 -10.85 24.12 -9.17
CA ASP A 27 -10.63 25.07 -10.23
C ASP A 27 -9.36 24.73 -11.03
N ALA A 28 -9.29 25.27 -12.24
CA ALA A 28 -8.22 24.89 -13.16
C ALA A 28 -6.85 25.41 -12.70
N ARG A 29 -6.82 26.48 -11.90
CA ARG A 29 -5.55 27.10 -11.54
C ARG A 29 -4.68 26.22 -10.65
N ALA A 30 -5.22 25.15 -10.08
CA ALA A 30 -4.43 24.28 -9.21
C ALA A 30 -3.65 23.21 -9.97
N TYR A 31 -3.88 23.07 -11.28
CA TYR A 31 -3.38 21.89 -12.00
C TYR A 31 -2.07 22.12 -12.74
N GLU A 32 -1.52 23.33 -12.71
CA GLU A 32 -0.17 23.56 -13.23
C GLU A 32 0.91 23.23 -12.21
N LYS A 33 0.54 22.88 -10.98
CA LYS A 33 1.51 22.62 -9.92
C LYS A 33 1.97 21.16 -9.96
N GLU A 34 2.85 20.81 -9.03
CA GLU A 34 3.37 19.46 -8.94
C GLU A 34 2.36 18.53 -8.26
N VAL A 35 2.77 17.29 -8.03
CA VAL A 35 1.86 16.29 -7.50
C VAL A 35 1.50 16.63 -6.06
N HIS A 36 0.19 16.63 -5.78
CA HIS A 36 -0.36 16.81 -4.43
C HIS A 36 0.03 18.14 -3.81
N ASN A 37 0.36 19.13 -4.65
CA ASN A 37 0.74 20.47 -4.20
C ASN A 37 -0.23 21.47 -4.81
N VAL A 38 -1.37 21.72 -4.16
CA VAL A 38 -2.01 21.06 -3.01
C VAL A 38 -2.80 19.87 -3.57
N TRP A 39 -3.33 19.02 -2.68
CA TRP A 39 -4.00 17.76 -3.07
C TRP A 39 -5.01 17.93 -4.21
N ALA A 40 -5.66 19.08 -4.30
CA ALA A 40 -6.70 19.28 -5.33
C ALA A 40 -6.12 19.18 -6.73
N THR A 41 -4.82 19.42 -6.89
CA THR A 41 -4.18 19.28 -8.19
C THR A 41 -4.17 17.84 -8.69
N HIS A 42 -4.23 16.86 -7.79
CA HIS A 42 -3.99 15.46 -8.09
C HIS A 42 -5.18 14.56 -7.79
N ALA A 43 -5.86 14.79 -6.67
CA ALA A 43 -6.92 13.91 -6.20
C ALA A 43 -8.31 14.35 -6.64
N CYS A 44 -8.42 15.32 -7.55
CA CYS A 44 -9.71 15.84 -7.96
C CYS A 44 -9.65 16.24 -9.42
N VAL A 45 -10.82 16.26 -10.06
CA VAL A 45 -10.93 16.52 -11.50
C VAL A 45 -10.97 18.02 -11.74
N PRO A 46 -10.49 18.55 -12.87
CA PRO A 46 -10.74 19.96 -13.17
C PRO A 46 -12.24 20.23 -13.32
N THR A 47 -12.66 21.41 -12.86
CA THR A 47 -14.08 21.74 -12.84
C THR A 47 -14.52 22.31 -14.18
N ASP A 48 -15.82 22.56 -14.28
CA ASP A 48 -16.43 23.22 -15.43
C ASP A 48 -17.55 24.10 -14.89
N PRO A 49 -17.59 25.41 -15.21
CA PRO A 49 -18.71 26.23 -14.76
C PRO A 49 -20.07 25.75 -15.24
N SER A 50 -20.15 25.13 -16.42
CA SER A 50 -21.40 24.59 -16.89
C SER A 50 -21.84 23.43 -16.01
N PRO A 51 -23.14 23.24 -15.75
CA PRO A 51 -24.31 24.02 -16.21
C PRO A 51 -24.49 25.32 -15.44
N GLN A 52 -25.30 26.24 -15.93
CA GLN A 52 -25.65 27.41 -15.16
C GLN A 52 -26.52 27.01 -13.96
N GLU A 53 -26.61 27.92 -12.99
CA GLU A 53 -27.44 27.67 -11.83
C GLU A 53 -28.91 27.83 -12.18
N LEU A 54 -29.44 26.86 -12.94
CA LEU A 54 -30.82 26.94 -13.39
C LEU A 54 -31.78 26.82 -12.21
N VAL A 55 -32.92 27.50 -12.32
CA VAL A 55 -33.90 27.60 -11.25
C VAL A 55 -35.15 26.82 -11.64
N LEU A 56 -35.60 25.94 -10.76
CA LEU A 56 -36.79 25.13 -10.96
C LEU A 56 -37.98 25.77 -10.25
N GLY A 57 -38.49 26.84 -10.85
CA GLY A 57 -39.28 27.82 -10.12
C GLY A 57 -40.50 27.28 -9.40
N ASN A 58 -41.12 26.23 -9.93
CA ASN A 58 -42.37 25.72 -9.38
C ASN A 58 -42.19 24.62 -8.35
N VAL A 59 -40.96 24.35 -7.90
CA VAL A 59 -40.69 23.17 -7.08
C VAL A 59 -40.88 23.51 -5.60
N THR A 60 -41.24 22.49 -4.83
CA THR A 60 -41.06 22.47 -3.38
C THR A 60 -40.33 21.19 -3.01
N GLU A 61 -39.30 21.31 -2.16
CA GLU A 61 -38.51 20.17 -1.73
C GLU A 61 -38.03 20.38 -0.30
N ASN A 62 -38.02 19.29 0.46
CA ASN A 62 -37.58 19.30 1.86
C ASN A 62 -36.10 18.98 1.90
N PHE A 63 -35.31 19.87 2.51
CA PHE A 63 -33.88 19.69 2.67
C PHE A 63 -33.53 19.47 4.13
N ASN A 64 -32.29 19.05 4.37
CA ASN A 64 -31.81 18.76 5.70
C ASN A 64 -30.29 18.89 5.73
N MET A 65 -29.76 19.04 6.93
CA MET A 65 -28.31 19.06 7.17
C MET A 65 -27.84 17.99 8.14
N TRP A 66 -28.66 17.63 9.13
CA TRP A 66 -28.25 16.82 10.27
C TRP A 66 -28.47 15.34 10.02
N LYS A 67 -29.53 14.98 9.30
CA LYS A 67 -29.63 13.66 8.69
C LYS A 67 -28.93 13.61 7.34
N ASN A 68 -28.35 14.73 6.88
CA ASN A 68 -27.69 14.75 5.58
C ASN A 68 -26.50 13.81 5.57
N ASP A 69 -26.47 12.92 4.58
CA ASP A 69 -25.35 12.00 4.40
C ASP A 69 -24.12 12.68 3.83
N MET A 70 -24.32 13.74 3.04
CA MET A 70 -23.23 14.27 2.24
C MET A 70 -22.11 14.86 3.09
N VAL A 71 -22.45 15.45 4.24
CA VAL A 71 -21.40 15.97 5.12
C VAL A 71 -20.55 14.82 5.67
N ASP A 72 -21.18 13.70 6.03
CA ASP A 72 -20.40 12.56 6.51
C ASP A 72 -19.56 11.93 5.40
N GLN A 73 -20.10 11.85 4.18
CA GLN A 73 -19.32 11.32 3.06
C GLN A 73 -18.13 12.22 2.77
N MET A 74 -18.35 13.54 2.82
CA MET A 74 -17.23 14.47 2.82
C MET A 74 -16.21 14.12 3.87
N HIS A 75 -16.60 14.09 5.15
CA HIS A 75 -15.67 13.84 6.25
C HIS A 75 -14.87 12.57 6.02
N GLU A 76 -15.50 11.53 5.49
CA GLU A 76 -14.78 10.30 5.19
C GLU A 76 -13.76 10.50 4.08
N ASP A 77 -14.16 11.13 2.96
CA ASP A 77 -13.23 11.39 1.86
C ASP A 77 -12.04 12.22 2.33
N ILE A 78 -12.31 13.24 3.13
CA ILE A 78 -11.27 14.15 3.60
C ILE A 78 -10.30 13.44 4.56
N ILE A 79 -10.83 12.64 5.50
CA ILE A 79 -9.95 11.93 6.41
C ILE A 79 -9.08 10.94 5.64
N SER A 80 -9.69 10.23 4.69
CA SER A 80 -8.91 9.33 3.83
C SER A 80 -7.90 10.10 3.01
N LEU A 81 -8.21 11.36 2.65
CA LEU A 81 -7.28 12.15 1.88
C LEU A 81 -6.03 12.48 2.68
N TRP A 82 -6.18 12.91 3.94
CA TRP A 82 -4.96 13.07 4.74
C TRP A 82 -4.25 11.74 4.98
N ASP A 83 -4.99 10.64 5.13
CA ASP A 83 -4.34 9.34 5.28
C ASP A 83 -3.47 9.03 4.07
N GLN A 84 -3.93 9.40 2.87
CA GLN A 84 -3.15 9.18 1.66
C GLN A 84 -2.03 10.20 1.53
N SER A 85 -2.23 11.42 2.03
CA SER A 85 -1.26 12.49 1.80
C SER A 85 -0.06 12.38 2.72
N LEU A 86 -0.28 11.98 3.98
CA LEU A 86 0.84 11.86 4.92
C LEU A 86 1.58 10.53 4.78
N LYS A 87 1.07 9.60 3.96
CA LYS A 87 1.69 8.30 3.82
C LYS A 87 3.13 8.34 3.30
N PRO A 88 3.46 9.04 2.21
CA PRO A 88 4.85 9.01 1.72
C PRO A 88 5.84 9.76 2.60
N CYS A 89 5.38 10.55 3.56
CA CYS A 89 6.30 11.39 4.32
C CYS A 89 7.05 10.57 5.37
N VAL A 90 8.08 11.22 5.94
CA VAL A 90 8.94 10.56 6.92
C VAL A 90 8.13 10.17 8.15
N LYS A 91 8.47 9.01 8.73
CA LYS A 91 7.78 8.46 9.89
C LYS A 91 8.44 8.88 11.21
N LEU A 92 9.24 9.95 11.20
CA LEU A 92 10.00 10.40 12.38
C LEU A 92 10.88 9.28 12.94
N THR A 93 10.28 8.37 13.71
CA THR A 93 10.95 7.29 14.43
C THR A 93 12.03 7.72 15.45
N PRO A 94 13.36 7.93 15.16
CA PRO A 94 14.19 8.38 16.30
C PRO A 94 13.99 9.84 16.66
N LEU A 95 12.89 10.12 17.36
CA LEU A 95 12.71 11.39 18.07
C LEU A 95 12.25 11.17 19.51
N CYS A 96 11.68 9.99 19.82
CA CYS A 96 11.26 9.70 21.19
C CYS A 96 12.43 9.28 22.07
N VAL A 97 13.66 9.42 21.58
CA VAL A 97 14.83 9.36 22.44
C VAL A 97 14.71 10.39 23.57
N THR A 98 15.47 10.16 24.64
CA THR A 98 15.42 11.04 25.80
C THR A 98 15.88 12.44 25.45
N LEU A 99 14.93 13.38 25.41
CA LEU A 99 15.25 14.78 25.15
C LEU A 99 15.70 15.45 26.43
N ILE A 100 16.95 15.89 26.48
CA ILE A 100 17.48 16.64 27.61
C ILE A 100 17.24 18.12 27.31
N CYS A 101 16.22 18.70 27.94
CA CYS A 101 15.77 20.05 27.64
C CYS A 101 16.25 20.99 28.74
N SER A 102 16.99 22.03 28.35
CA SER A 102 17.53 22.98 29.30
C SER A 102 16.44 23.92 29.79
N ASN A 103 16.40 24.15 31.10
CA ASN A 103 15.53 25.17 31.69
C ASN A 103 16.16 26.52 31.36
N ALA A 104 15.69 27.13 30.27
CA ALA A 104 16.30 28.34 29.76
C ALA A 104 16.17 29.48 30.76
N THR A 105 17.19 30.35 30.75
CA THR A 105 17.27 31.44 31.73
C THR A 105 16.30 32.57 31.47
N VAL A 106 15.57 32.55 30.34
CA VAL A 106 14.67 33.65 30.01
C VAL A 106 13.56 33.76 31.06
N LYS A 107 13.23 35.00 31.41
CA LYS A 107 12.20 35.25 32.41
C LYS A 107 10.84 34.78 31.90
N ASN A 108 10.09 34.12 32.79
CA ASN A 108 8.78 33.61 32.42
C ASN A 108 7.75 34.74 32.38
N GLY A 109 6.66 34.49 31.66
CA GLY A 109 5.59 35.47 31.57
C GLY A 109 4.74 35.21 30.33
N THR A 110 4.07 36.26 29.88
CA THR A 110 3.23 36.21 28.69
C THR A 110 4.07 36.46 27.43
N VAL A 111 5.02 35.54 27.20
CA VAL A 111 5.95 35.63 26.09
C VAL A 111 6.03 34.33 25.29
N GLU A 112 5.48 33.23 25.79
CA GLU A 112 5.48 31.94 25.10
C GLU A 112 6.91 31.48 24.82
N GLU A 113 7.66 31.26 25.89
CA GLU A 113 9.01 30.75 25.78
C GLU A 113 8.98 29.24 25.56
N MET A 114 9.82 28.76 24.64
CA MET A 114 9.90 27.35 24.30
C MET A 114 11.07 26.70 25.01
N LYS A 115 11.17 25.38 24.88
CA LYS A 115 12.20 24.59 25.54
C LYS A 115 13.23 24.13 24.52
N ASN A 116 14.51 24.39 24.84
CA ASN A 116 15.62 24.02 23.97
C ASN A 116 16.05 22.60 24.31
N CYS A 117 15.69 21.65 23.44
CA CYS A 117 15.87 20.23 23.71
C CYS A 117 16.98 19.67 22.84
N SER A 118 17.95 18.99 23.47
CA SER A 118 19.07 18.37 22.80
C SER A 118 18.93 16.86 22.93
N PHE A 119 19.24 16.14 21.85
CA PHE A 119 18.95 14.72 21.77
C PHE A 119 19.87 14.06 20.76
N ASN A 120 19.98 12.74 20.90
CA ASN A 120 20.82 11.94 20.00
C ASN A 120 20.00 11.48 18.79
N THR A 121 20.65 11.50 17.62
CA THR A 121 20.01 11.12 16.37
C THR A 121 20.88 10.10 15.65
N THR A 122 20.23 9.17 14.95
CA THR A 122 20.93 8.29 14.03
C THR A 122 21.18 9.06 12.75
N THR A 123 22.45 9.37 12.48
CA THR A 123 22.80 10.19 11.32
C THR A 123 22.67 9.35 10.06
N GLU A 124 23.18 9.89 8.94
CA GLU A 124 23.18 9.16 7.67
C GLU A 124 23.80 7.78 7.82
N ILE A 125 24.82 7.65 8.66
CA ILE A 125 25.37 6.36 9.02
C ILE A 125 24.40 5.72 10.01
N ARG A 126 23.87 4.56 9.66
CA ARG A 126 22.72 4.02 10.40
C ARG A 126 23.09 3.68 11.84
N ASP A 127 24.29 3.16 12.07
CA ASP A 127 24.75 2.76 13.40
C ASP A 127 25.83 3.68 13.92
N LYS A 128 25.70 4.98 13.65
CA LYS A 128 26.51 6.01 14.29
C LYS A 128 25.58 7.18 14.63
N GLU A 129 25.95 7.94 15.66
CA GLU A 129 25.05 8.92 16.24
C GLU A 129 25.79 10.19 16.59
N LYS A 130 25.04 11.28 16.66
CA LYS A 130 25.55 12.60 17.03
C LYS A 130 24.52 13.31 17.89
N LYS A 131 24.99 14.24 18.73
CA LYS A 131 24.09 15.07 19.52
C LYS A 131 23.58 16.21 18.65
N GLU A 132 22.26 16.40 18.64
CA GLU A 132 21.60 17.43 17.86
C GLU A 132 20.61 18.17 18.75
N TYR A 133 20.44 19.46 18.49
CA TYR A 133 19.57 20.32 19.28
C TYR A 133 18.49 20.92 18.39
N ALA A 134 17.30 21.04 18.95
CA ALA A 134 16.18 21.67 18.27
C ALA A 134 15.19 22.15 19.33
N LEU A 135 14.54 23.28 19.03
CA LEU A 135 13.62 23.90 19.98
C LEU A 135 12.20 23.45 19.71
N PHE A 136 11.52 22.99 20.75
CA PHE A 136 10.14 22.51 20.66
C PHE A 136 9.26 23.35 21.57
N TYR A 137 8.03 23.60 21.11
CA TYR A 137 7.06 24.29 21.94
C TYR A 137 6.68 23.40 23.13
N LYS A 138 6.34 24.04 24.24
CA LYS A 138 6.02 23.30 25.47
C LYS A 138 4.89 22.29 25.31
N PRO A 139 3.79 22.57 24.60
CA PRO A 139 2.75 21.54 24.43
C PRO A 139 3.23 20.27 23.73
N ASP A 140 4.33 20.34 22.98
CA ASP A 140 4.85 19.16 22.29
C ASP A 140 5.67 18.26 23.21
N ILE A 141 5.91 18.65 24.45
CA ILE A 141 6.93 18.06 25.30
C ILE A 141 6.31 17.68 26.64
N VAL A 142 6.72 16.52 27.17
CA VAL A 142 6.18 15.97 28.41
C VAL A 142 7.35 15.47 29.25
N PRO A 143 7.31 15.53 30.59
CA PRO A 143 8.39 14.90 31.37
C PRO A 143 8.41 13.39 31.21
N LEU A 144 9.59 12.80 31.44
CA LEU A 144 9.90 11.48 30.91
C LEU A 144 9.00 10.40 31.48
N SER A 145 9.13 10.11 32.77
CA SER A 145 8.54 8.88 33.31
C SER A 145 8.65 8.88 34.83
N GLU A 146 8.19 7.78 35.43
CA GLU A 146 8.28 7.59 36.87
C GLU A 146 9.73 7.53 37.35
N THR A 147 10.66 7.14 36.48
CA THR A 147 12.09 7.32 36.74
C THR A 147 12.43 8.80 36.55
N ASN A 148 11.97 9.60 37.52
CA ASN A 148 11.79 11.02 37.30
C ASN A 148 13.11 11.77 37.24
N ASN A 149 13.24 12.62 36.25
CA ASN A 149 14.32 13.60 36.18
C ASN A 149 13.77 14.82 35.46
N THR A 150 13.71 15.96 36.16
CA THR A 150 13.06 17.14 35.60
C THR A 150 13.79 17.70 34.38
N SER A 151 15.02 17.30 34.13
CA SER A 151 15.78 17.76 32.97
C SER A 151 15.64 16.85 31.75
N GLU A 152 14.86 15.77 31.84
CA GLU A 152 14.71 14.80 30.77
C GLU A 152 13.24 14.73 30.36
N TYR A 153 12.99 14.69 29.04
CA TYR A 153 11.66 14.87 28.50
C TYR A 153 11.42 13.94 27.32
N ARG A 154 10.16 13.91 26.87
CA ARG A 154 9.71 13.10 25.76
C ARG A 154 8.76 13.92 24.90
N LEU A 155 8.69 13.59 23.62
CA LEU A 155 7.65 14.15 22.77
C LEU A 155 6.29 13.67 23.28
N ILE A 156 5.25 14.48 23.01
CA ILE A 156 3.91 14.12 23.50
C ILE A 156 3.36 12.87 22.84
N ASN A 157 3.92 12.46 21.70
CA ASN A 157 3.61 11.14 21.15
C ASN A 157 4.37 10.08 21.94
N CYS A 158 4.28 8.83 21.49
CA CYS A 158 4.84 7.63 22.14
C CYS A 158 4.08 7.23 23.40
N ASN A 159 3.09 8.04 23.82
CA ASN A 159 1.91 7.54 24.52
C ASN A 159 0.75 7.29 23.53
N THR A 160 1.17 7.04 22.29
CA THR A 160 0.33 7.12 21.10
C THR A 160 1.15 6.53 19.96
N SER A 161 0.47 6.16 18.88
CA SER A 161 1.13 5.64 17.69
C SER A 161 2.17 6.61 17.16
N ALA A 162 3.11 6.10 16.36
CA ALA A 162 4.15 6.95 15.80
C ALA A 162 3.55 8.02 14.91
N CYS A 163 4.17 9.19 14.91
CA CYS A 163 3.64 10.36 14.24
C CYS A 163 4.54 10.72 13.07
N THR A 164 3.98 11.42 12.09
CA THR A 164 4.65 11.66 10.81
C THR A 164 4.67 13.15 10.50
N GLN A 165 5.79 13.60 9.94
CA GLN A 165 5.92 15.00 9.51
C GLN A 165 5.11 15.22 8.25
N ALA A 166 4.51 16.40 8.15
CA ALA A 166 3.88 16.84 6.90
C ALA A 166 4.96 17.40 6.00
N CYS A 167 5.09 16.83 4.80
CA CYS A 167 6.19 17.20 3.92
C CYS A 167 6.04 18.67 3.49
N PRO A 168 7.13 19.42 3.38
CA PRO A 168 6.99 20.81 2.89
C PRO A 168 6.55 20.90 1.44
N LYS A 169 6.69 19.81 0.67
CA LYS A 169 6.28 19.82 -0.73
C LYS A 169 4.77 19.95 -0.89
N VAL A 170 3.99 19.77 0.16
CA VAL A 170 2.54 19.98 0.15
C VAL A 170 2.21 21.01 1.22
N THR A 171 1.20 21.83 0.94
CA THR A 171 0.79 22.93 1.79
C THR A 171 -0.70 22.81 2.06
N PHE A 172 -1.10 23.12 3.30
CA PHE A 172 -2.49 22.92 3.72
C PHE A 172 -3.28 24.20 3.57
N GLU A 173 -3.25 24.80 2.37
CA GLU A 173 -4.12 25.93 2.09
C GLU A 173 -5.55 25.42 1.91
N PRO A 174 -6.57 26.14 2.42
CA PRO A 174 -7.95 25.68 2.17
C PRO A 174 -8.36 25.96 0.73
N ILE A 175 -7.85 25.15 -0.19
CA ILE A 175 -8.18 25.34 -1.61
C ILE A 175 -9.66 25.05 -1.81
N PRO A 176 -10.40 25.84 -2.60
CA PRO A 176 -11.82 25.54 -2.80
C PRO A 176 -11.99 24.19 -3.48
N ILE A 177 -13.03 23.46 -3.05
CA ILE A 177 -13.34 22.14 -3.57
C ILE A 177 -14.80 22.14 -4.01
N HIS A 178 -15.03 21.81 -5.28
CA HIS A 178 -16.38 21.65 -5.81
C HIS A 178 -16.75 20.17 -5.77
N TYR A 179 -17.79 19.84 -5.01
CA TYR A 179 -18.40 18.52 -5.08
C TYR A 179 -19.49 18.50 -6.15
N CYS A 180 -19.47 17.46 -6.98
CA CYS A 180 -20.38 17.31 -8.09
C CYS A 180 -21.00 15.93 -8.04
N ALA A 181 -22.32 15.87 -8.25
CA ALA A 181 -22.99 14.58 -8.27
C ALA A 181 -22.52 13.80 -9.50
N PRO A 182 -22.42 12.47 -9.42
CA PRO A 182 -22.07 11.71 -10.61
C PRO A 182 -23.21 11.71 -11.60
N ALA A 183 -22.89 11.32 -12.83
CA ALA A 183 -23.88 11.31 -13.90
C ALA A 183 -25.04 10.39 -13.53
N GLY A 184 -26.25 10.84 -13.82
CA GLY A 184 -27.46 10.17 -13.37
C GLY A 184 -27.97 10.66 -12.04
N TYR A 185 -27.19 11.45 -11.30
CA TYR A 185 -27.62 12.15 -10.11
C TYR A 185 -27.42 13.65 -10.32
N ALA A 186 -28.11 14.44 -9.50
CA ALA A 186 -27.99 15.89 -9.53
C ALA A 186 -27.99 16.42 -8.10
N ILE A 187 -27.44 17.62 -7.94
CA ILE A 187 -27.44 18.33 -6.67
C ILE A 187 -28.42 19.49 -6.79
N LEU A 188 -29.40 19.54 -5.89
CA LEU A 188 -30.35 20.64 -5.85
C LEU A 188 -29.97 21.60 -4.74
N LYS A 189 -29.97 22.89 -5.06
CA LYS A 189 -29.43 23.95 -4.21
C LYS A 189 -30.57 24.88 -3.81
N CYS A 190 -30.75 25.06 -2.50
CA CYS A 190 -31.81 25.94 -2.02
C CYS A 190 -31.52 27.37 -2.42
N ASN A 191 -32.50 28.03 -3.03
CA ASN A 191 -32.38 29.42 -3.45
C ASN A 191 -32.93 30.40 -2.42
N ASP A 192 -33.73 29.93 -1.47
CA ASP A 192 -34.32 30.81 -0.46
C ASP A 192 -33.31 31.07 0.65
N GLU A 193 -32.94 32.34 0.84
CA GLU A 193 -31.98 32.71 1.87
C GLU A 193 -32.52 32.51 3.28
N THR A 194 -33.83 32.33 3.45
CA THR A 194 -34.43 32.23 4.77
C THR A 194 -34.37 30.82 5.35
N PHE A 195 -33.63 29.90 4.71
CA PHE A 195 -33.61 28.50 5.15
C PHE A 195 -33.04 28.39 6.55
N ASN A 196 -33.77 27.69 7.42
CA ASN A 196 -33.43 27.57 8.84
C ASN A 196 -32.92 26.19 9.23
N GLY A 197 -32.40 25.42 8.28
CA GLY A 197 -31.72 24.16 8.56
C GLY A 197 -32.54 22.92 8.32
N THR A 198 -33.86 23.02 8.26
CA THR A 198 -34.72 21.88 8.00
C THR A 198 -36.07 22.40 7.52
N GLY A 199 -36.70 21.63 6.64
CA GLY A 199 -38.01 21.95 6.12
C GLY A 199 -37.99 22.35 4.66
N PRO A 200 -39.17 22.66 4.11
CA PRO A 200 -39.26 22.89 2.67
C PRO A 200 -38.63 24.22 2.24
N CYS A 201 -37.66 24.13 1.34
CA CYS A 201 -37.27 25.26 0.50
C CYS A 201 -38.23 25.30 -0.67
N SER A 202 -39.08 26.34 -0.72
CA SER A 202 -40.09 26.45 -1.77
C SER A 202 -39.55 27.15 -3.00
N ASN A 203 -38.22 27.19 -3.16
CA ASN A 203 -37.59 27.75 -4.36
C ASN A 203 -36.19 27.18 -4.46
N VAL A 204 -35.94 26.33 -5.46
CA VAL A 204 -34.74 25.52 -5.53
C VAL A 204 -34.11 25.69 -6.91
N SER A 205 -32.77 25.61 -6.94
CA SER A 205 -31.99 25.63 -8.16
C SER A 205 -31.22 24.32 -8.29
N THR A 206 -30.84 23.99 -9.51
CA THR A 206 -30.13 22.75 -9.82
C THR A 206 -28.74 23.07 -10.37
N VAL A 207 -27.74 22.39 -9.83
CA VAL A 207 -26.36 22.52 -10.28
C VAL A 207 -25.71 21.15 -10.22
N GLN A 208 -24.88 20.86 -11.23
CA GLN A 208 -24.11 19.62 -11.19
C GLN A 208 -22.97 19.68 -10.20
N CYS A 209 -22.44 20.87 -9.90
CA CYS A 209 -21.31 21.05 -9.00
C CYS A 209 -21.67 22.07 -7.93
N THR A 210 -21.14 21.88 -6.73
CA THR A 210 -21.43 22.77 -5.62
C THR A 210 -20.47 23.97 -5.63
N HIS A 211 -20.70 24.88 -4.68
CA HIS A 211 -19.81 26.02 -4.40
C HIS A 211 -18.40 25.50 -4.13
N GLY A 212 -17.40 26.37 -4.26
CA GLY A 212 -16.03 26.01 -3.95
C GLY A 212 -15.83 25.86 -2.45
N ILE A 213 -16.34 24.75 -1.90
CA ILE A 213 -16.38 24.56 -0.45
C ILE A 213 -14.97 24.59 0.11
N ARG A 214 -14.78 25.37 1.16
CA ARG A 214 -13.49 25.47 1.82
C ARG A 214 -13.28 24.31 2.78
N PRO A 215 -12.22 23.48 2.62
CA PRO A 215 -11.94 22.47 3.64
C PRO A 215 -11.10 23.03 4.77
N VAL A 216 -11.66 24.04 5.44
CA VAL A 216 -10.91 24.83 6.41
C VAL A 216 -10.86 24.07 7.73
N VAL A 217 -9.75 24.24 8.47
CA VAL A 217 -9.58 23.65 9.80
C VAL A 217 -9.66 24.77 10.82
N SER A 218 -10.65 24.70 11.70
CA SER A 218 -10.95 25.77 12.65
C SER A 218 -11.99 25.21 13.61
N THR A 219 -11.80 25.48 14.91
CA THR A 219 -12.67 24.86 15.91
C THR A 219 -13.84 25.72 16.35
N GLN A 220 -13.58 26.86 16.99
CA GLN A 220 -14.65 27.62 17.63
C GLN A 220 -15.24 28.70 16.72
N LEU A 221 -14.52 29.09 15.68
CA LEU A 221 -15.00 30.04 14.68
C LEU A 221 -14.83 29.42 13.31
N LEU A 222 -15.59 29.91 12.35
CA LEU A 222 -15.55 29.42 10.98
C LEU A 222 -14.83 30.43 10.12
N LEU A 223 -13.76 29.98 9.45
CA LEU A 223 -12.80 30.86 8.80
C LEU A 223 -12.96 30.79 7.29
N ASN A 224 -12.96 31.96 6.64
CA ASN A 224 -12.99 32.09 5.19
C ASN A 224 -14.20 31.39 4.57
N GLY A 225 -15.29 31.26 5.33
CA GLY A 225 -16.45 30.53 4.86
C GLY A 225 -17.35 31.38 3.99
N SER A 226 -18.47 30.76 3.58
CA SER A 226 -19.46 31.46 2.79
C SER A 226 -20.32 32.36 3.68
N LEU A 227 -21.18 33.16 3.04
CA LEU A 227 -21.99 34.16 3.72
C LEU A 227 -23.44 34.01 3.31
N ALA A 228 -24.34 34.41 4.23
CA ALA A 228 -25.76 34.46 3.90
C ALA A 228 -26.06 35.68 3.04
N GLU A 229 -27.13 35.57 2.26
CA GLU A 229 -27.41 36.61 1.25
C GLU A 229 -27.94 37.88 1.89
N LYS A 230 -28.87 37.77 2.85
CA LYS A 230 -29.64 38.92 3.33
C LYS A 230 -29.64 39.12 4.84
N GLU A 231 -29.45 38.09 5.66
CA GLU A 231 -29.55 38.26 7.10
C GLU A 231 -28.73 37.19 7.81
N ILE A 232 -28.36 37.49 9.05
CA ILE A 232 -27.66 36.53 9.89
C ILE A 232 -28.61 35.38 10.21
N VAL A 233 -28.06 34.17 10.25
CA VAL A 233 -28.85 32.95 10.35
C VAL A 233 -28.34 32.11 11.52
N ILE A 234 -29.25 31.34 12.11
CA ILE A 234 -28.94 30.38 13.16
C ILE A 234 -29.49 29.04 12.73
N ARG A 235 -28.74 27.96 13.02
CA ARG A 235 -29.09 26.62 12.58
C ARG A 235 -28.77 25.63 13.70
N SER A 236 -29.67 24.67 13.89
CA SER A 236 -29.50 23.63 14.89
C SER A 236 -30.52 22.54 14.64
N GLU A 237 -30.12 21.30 14.93
CA GLU A 237 -31.04 20.17 14.76
C GLU A 237 -32.22 20.30 15.71
N ASN A 238 -31.96 20.66 16.97
CA ASN A 238 -33.03 20.80 17.96
C ASN A 238 -32.50 21.76 19.03
N LEU A 239 -33.00 23.01 19.01
CA LEU A 239 -32.57 24.00 19.97
C LEU A 239 -33.00 23.67 21.40
N THR A 240 -33.95 22.76 21.58
CA THR A 240 -34.37 22.36 22.92
C THR A 240 -33.23 21.70 23.69
N ASN A 241 -32.35 20.98 22.98
CA ASN A 241 -31.30 20.22 23.64
C ASN A 241 -30.12 21.13 23.99
N ASN A 242 -29.57 20.92 25.19
CA ASN A 242 -28.35 21.61 25.60
C ASN A 242 -27.10 20.97 25.00
N ALA A 243 -27.19 19.73 24.53
CA ALA A 243 -26.00 19.02 24.05
C ALA A 243 -25.71 19.30 22.58
N LYS A 244 -26.72 19.65 21.79
CA LYS A 244 -26.55 19.80 20.35
C LYS A 244 -25.87 21.11 20.02
N ILE A 245 -24.95 21.06 19.05
CA ILE A 245 -24.26 22.27 18.61
C ILE A 245 -25.25 23.18 17.88
N ILE A 246 -25.02 24.49 18.02
CA ILE A 246 -25.79 25.51 17.32
C ILE A 246 -24.83 26.28 16.42
N ILE A 247 -25.11 26.26 15.11
CA ILE A 247 -24.30 27.00 14.14
C ILE A 247 -24.91 28.38 13.96
N VAL A 248 -24.04 29.38 13.81
CA VAL A 248 -24.43 30.74 13.49
C VAL A 248 -23.72 31.13 12.20
N HIS A 249 -24.46 31.70 11.27
CA HIS A 249 -23.94 32.07 9.96
C HIS A 249 -24.20 33.56 9.74
N LEU A 250 -23.15 34.30 9.38
CA LEU A 250 -23.17 35.75 9.40
C LEU A 250 -23.56 36.33 8.05
N HIS A 251 -24.02 37.59 8.08
CA HIS A 251 -24.39 38.35 6.89
C HIS A 251 -23.20 39.12 6.33
N THR A 252 -22.34 39.63 7.21
CA THR A 252 -21.08 40.27 6.83
C THR A 252 -19.95 39.65 7.64
N PRO A 253 -18.72 39.65 7.12
CA PRO A 253 -17.64 38.97 7.84
C PRO A 253 -17.02 39.87 8.90
N VAL A 254 -16.45 39.24 9.91
CA VAL A 254 -15.67 39.90 10.96
C VAL A 254 -14.21 39.53 10.74
N GLU A 255 -13.41 40.52 10.36
CA GLU A 255 -12.02 40.25 9.99
C GLU A 255 -11.21 39.82 11.21
N ILE A 256 -10.37 38.80 11.02
CA ILE A 256 -9.47 38.30 12.04
C ILE A 256 -8.09 38.18 11.42
N VAL A 257 -7.07 38.66 12.15
CA VAL A 257 -5.68 38.58 11.73
C VAL A 257 -4.87 37.99 12.86
N CYS A 258 -4.07 36.97 12.54
CA CYS A 258 -3.22 36.27 13.49
C CYS A 258 -1.80 36.28 12.97
N THR A 259 -0.83 36.07 13.87
CA THR A 259 0.56 36.16 13.44
C THR A 259 1.49 35.59 14.50
N ARG A 260 2.63 35.09 14.03
CA ARG A 260 3.78 34.82 14.90
C ARG A 260 4.76 35.98 14.79
N PRO A 261 4.94 36.82 15.82
CA PRO A 261 6.05 37.76 15.78
C PRO A 261 7.40 37.11 16.00
N ASN A 262 7.44 35.89 16.53
CA ASN A 262 8.71 35.17 16.66
C ASN A 262 9.24 34.81 15.28
N ASN A 263 10.53 35.10 15.06
CA ASN A 263 11.16 34.86 13.76
C ASN A 263 11.97 33.55 13.81
N ASN A 264 11.24 32.46 13.62
CA ASN A 264 11.87 31.14 13.63
C ASN A 264 12.81 30.99 12.43
N THR A 265 13.83 30.17 12.61
CA THR A 265 14.66 29.69 11.51
C THR A 265 14.54 28.19 11.41
N ARG A 266 14.34 27.69 10.20
CA ARG A 266 14.08 26.28 9.97
C ARG A 266 15.39 25.51 10.02
N LYS A 267 15.58 24.72 11.07
CA LYS A 267 16.71 23.82 11.15
C LYS A 267 16.44 22.57 10.32
N SER A 268 17.49 21.98 9.77
CA SER A 268 17.39 20.82 8.89
C SER A 268 18.20 19.68 9.51
N VAL A 269 17.56 18.92 10.39
CA VAL A 269 18.18 17.73 10.95
C VAL A 269 18.01 16.57 9.96
N ARG A 270 19.02 15.71 9.89
CA ARG A 270 18.99 14.50 9.08
C ARG A 270 18.72 13.30 9.97
N ILE A 271 17.76 12.47 9.56
CA ILE A 271 17.31 11.31 10.33
C ILE A 271 17.48 10.07 9.45
N GLY A 272 18.61 9.40 9.59
CA GLY A 272 18.78 8.09 9.01
C GLY A 272 18.92 8.13 7.49
N PRO A 273 17.99 7.49 6.74
CA PRO A 273 18.22 7.35 5.29
C PRO A 273 18.14 8.64 4.46
N GLY A 274 18.86 9.69 4.83
CA GLY A 274 18.85 10.92 4.04
C GLY A 274 17.63 11.80 4.23
N GLN A 275 16.50 11.22 4.59
CA GLN A 275 15.29 12.00 4.85
C GLN A 275 15.54 12.99 5.98
N THR A 276 15.12 14.23 5.75
CA THR A 276 15.34 15.30 6.71
C THR A 276 14.20 15.36 7.71
N PHE A 277 14.49 15.96 8.87
CA PHE A 277 13.48 16.30 9.86
C PHE A 277 13.67 17.76 10.23
N TYR A 278 12.63 18.57 10.04
CA TYR A 278 12.70 20.01 10.20
C TYR A 278 12.20 20.39 11.59
N ALA A 279 12.92 21.28 12.25
CA ALA A 279 12.56 21.72 13.59
C ALA A 279 13.04 23.15 13.79
N THR A 280 12.44 23.82 14.76
CA THR A 280 12.71 25.24 14.99
C THR A 280 14.13 25.41 15.52
N GLY A 281 14.89 26.30 14.89
CA GLY A 281 16.22 26.63 15.36
C GLY A 281 16.20 27.76 16.36
N ASP A 282 17.13 28.70 16.21
CA ASP A 282 17.16 29.87 17.09
C ASP A 282 16.04 30.84 16.71
N ILE A 283 15.64 31.65 17.69
CA ILE A 283 14.70 32.75 17.46
C ILE A 283 15.56 33.97 17.16
N ILE A 284 15.80 34.22 15.88
CA ILE A 284 16.65 35.31 15.45
C ILE A 284 15.81 36.58 15.55
N GLY A 285 15.89 37.23 16.70
CA GLY A 285 15.01 38.34 17.01
C GLY A 285 14.59 38.27 18.46
N ASP A 286 13.77 39.23 18.85
CA ASP A 286 13.27 39.27 20.22
C ASP A 286 12.07 38.35 20.37
N ILE A 287 11.94 37.78 21.57
CA ILE A 287 10.85 36.84 21.86
C ILE A 287 9.57 37.64 22.06
N LYS A 288 8.50 37.21 21.38
CA LYS A 288 7.25 37.95 21.38
C LYS A 288 6.08 36.96 21.36
N GLN A 289 4.89 37.47 21.66
CA GLN A 289 3.72 36.62 21.86
C GLN A 289 2.97 36.42 20.55
N ALA A 290 2.77 35.17 20.15
CA ALA A 290 1.87 34.86 19.06
C ALA A 290 0.43 35.10 19.50
N HIS A 291 -0.38 35.69 18.62
CA HIS A 291 -1.67 36.22 19.02
C HIS A 291 -2.60 36.33 17.82
N CYS A 292 -3.83 36.76 18.11
CA CYS A 292 -4.82 37.07 17.09
C CYS A 292 -5.50 38.38 17.45
N ASN A 293 -6.15 39.00 16.47
CA ASN A 293 -6.80 40.29 16.62
C ASN A 293 -8.15 40.29 15.93
N ILE A 294 -9.10 41.02 16.52
CA ILE A 294 -10.39 41.28 15.93
C ILE A 294 -10.75 42.73 16.24
N SER A 295 -11.29 43.43 15.24
CA SER A 295 -11.78 44.79 15.46
C SER A 295 -12.90 44.75 16.49
N GLU A 296 -12.71 45.46 17.60
CA GLU A 296 -13.57 45.27 18.77
C GLU A 296 -15.01 45.69 18.47
N GLU A 297 -15.20 46.86 17.86
CA GLU A 297 -16.56 47.35 17.64
C GLU A 297 -17.29 46.47 16.64
N LYS A 298 -16.63 45.99 15.60
CA LYS A 298 -17.28 45.11 14.64
C LYS A 298 -17.65 43.77 15.28
N TRP A 299 -16.78 43.23 16.13
CA TRP A 299 -17.13 42.00 16.85
C TRP A 299 -18.32 42.24 17.77
N ASN A 300 -18.36 43.39 18.45
CA ASN A 300 -19.47 43.71 19.32
C ASN A 300 -20.77 43.81 18.53
N ASP A 301 -20.73 44.47 17.37
CA ASP A 301 -21.92 44.60 16.54
C ASP A 301 -22.41 43.24 16.05
N THR A 302 -21.49 42.41 15.54
CA THR A 302 -21.86 41.09 15.06
C THR A 302 -22.42 40.23 16.19
N LEU A 303 -21.81 40.31 17.37
CA LEU A 303 -22.27 39.52 18.51
C LEU A 303 -23.65 39.98 18.99
N GLN A 304 -23.93 41.28 19.01
CA GLN A 304 -25.26 41.74 19.38
C GLN A 304 -26.29 41.38 18.31
N LYS A 305 -25.87 41.33 17.05
CA LYS A 305 -26.81 40.93 16.00
C LYS A 305 -27.13 39.44 16.10
N VAL A 306 -26.12 38.61 16.40
CA VAL A 306 -26.40 37.23 16.75
C VAL A 306 -27.27 37.16 17.99
N GLY A 307 -27.16 38.15 18.88
CA GLY A 307 -28.09 38.23 20.00
C GLY A 307 -29.52 38.39 19.56
N ILE A 308 -29.78 39.29 18.61
CA ILE A 308 -31.18 39.47 18.17
C ILE A 308 -31.66 38.21 17.47
N GLU A 309 -30.77 37.54 16.72
CA GLU A 309 -31.19 36.32 16.04
C GLU A 309 -31.42 35.17 17.03
N LEU A 310 -30.74 35.20 18.18
CA LEU A 310 -31.04 34.25 19.23
C LEU A 310 -32.34 34.61 19.94
N GLN A 311 -32.68 35.89 20.00
CA GLN A 311 -33.93 36.31 20.63
C GLN A 311 -35.14 35.79 19.86
N LYS A 312 -35.02 35.61 18.55
CA LYS A 312 -36.13 35.09 17.77
C LYS A 312 -36.53 33.69 18.23
N HIS A 313 -35.58 32.93 18.77
CA HIS A 313 -35.83 31.61 19.35
C HIS A 313 -35.94 31.64 20.87
N PHE A 314 -35.47 32.71 21.52
CA PHE A 314 -35.57 32.88 22.97
C PHE A 314 -36.05 34.30 23.25
N PRO A 315 -37.32 34.60 22.95
CA PRO A 315 -37.79 36.00 23.00
C PRO A 315 -37.73 36.65 24.37
N ASN A 316 -38.01 35.92 25.44
CA ASN A 316 -38.18 36.52 26.76
C ASN A 316 -36.88 36.56 27.57
N LYS A 317 -35.72 36.55 26.90
CA LYS A 317 -34.44 36.49 27.59
C LYS A 317 -33.40 37.32 26.87
N THR A 318 -32.56 38.00 27.66
CA THR A 318 -31.30 38.53 27.16
C THR A 318 -30.33 37.38 26.94
N ILE A 319 -29.27 37.65 26.18
CA ILE A 319 -28.25 36.67 25.84
C ILE A 319 -26.96 37.04 26.54
N LYS A 320 -26.40 36.08 27.27
CA LYS A 320 -25.09 36.20 27.91
C LYS A 320 -24.12 35.28 27.19
N TYR A 321 -22.86 35.68 27.11
CA TYR A 321 -21.80 34.87 26.53
C TYR A 321 -20.66 34.70 27.54
N ASN A 322 -20.09 33.51 27.57
CA ASN A 322 -19.20 33.09 28.64
C ASN A 322 -17.97 32.41 28.06
N GLN A 323 -17.00 32.17 28.96
CA GLN A 323 -15.76 31.49 28.61
C GLN A 323 -16.05 30.10 28.06
N SER A 324 -15.10 29.55 27.33
CA SER A 324 -15.26 28.24 26.70
C SER A 324 -15.41 27.15 27.76
N ALA A 325 -15.65 25.92 27.28
CA ALA A 325 -15.99 24.81 28.16
C ALA A 325 -14.85 24.42 29.08
N GLY A 326 -13.61 24.48 28.61
CA GLY A 326 -12.47 24.07 29.39
C GLY A 326 -12.15 22.59 29.25
N GLY A 327 -11.02 22.21 29.81
CA GLY A 327 -10.58 20.82 29.77
C GLY A 327 -9.46 20.63 28.77
N ASP A 328 -9.72 19.84 27.72
CA ASP A 328 -8.70 19.54 26.73
C ASP A 328 -8.31 20.79 25.96
N MET A 329 -7.02 20.91 25.64
CA MET A 329 -6.52 22.09 24.93
C MET A 329 -7.16 22.21 23.55
N GLU A 330 -7.21 21.10 22.81
CA GLU A 330 -7.70 21.15 21.44
C GLU A 330 -9.21 21.37 21.36
N ILE A 331 -9.94 21.15 22.45
CA ILE A 331 -11.39 21.32 22.46
C ILE A 331 -11.77 22.71 22.97
N THR A 332 -11.13 23.16 24.05
CA THR A 332 -11.52 24.43 24.67
C THR A 332 -11.01 25.63 23.88
N THR A 333 -9.85 25.50 23.25
CA THR A 333 -9.22 26.61 22.53
C THR A 333 -9.66 26.63 21.07
N HIS A 334 -9.49 27.79 20.45
CA HIS A 334 -9.76 27.96 19.03
C HIS A 334 -8.56 27.46 18.24
N SER A 335 -8.55 26.17 17.90
CA SER A 335 -7.49 25.60 17.09
C SER A 335 -7.81 25.79 15.61
N PHE A 336 -6.84 26.32 14.86
CA PHE A 336 -7.03 26.53 13.44
C PHE A 336 -5.67 26.60 12.76
N ASN A 337 -5.69 26.42 11.44
CA ASN A 337 -4.48 26.33 10.62
C ASN A 337 -4.18 27.70 10.04
N CYS A 338 -2.90 28.07 10.04
CA CYS A 338 -2.47 29.40 9.63
C CYS A 338 -1.11 29.31 8.94
N GLY A 339 -1.12 29.17 7.62
CA GLY A 339 0.11 29.26 6.85
C GLY A 339 0.99 28.03 6.86
N GLY A 340 0.65 27.05 7.71
CA GLY A 340 1.51 25.91 7.93
C GLY A 340 1.62 25.58 9.40
N GLU A 341 1.58 26.60 10.25
CA GLU A 341 1.51 26.43 11.69
C GLU A 341 0.06 26.28 12.13
N PHE A 342 -0.13 25.65 13.28
CA PHE A 342 -1.44 25.41 13.85
C PHE A 342 -1.56 26.17 15.17
N PHE A 343 -2.31 27.27 15.16
CA PHE A 343 -2.49 28.09 16.34
C PHE A 343 -3.52 27.47 17.27
N TYR A 344 -3.46 27.86 18.54
CA TYR A 344 -4.41 27.41 19.56
C TYR A 344 -4.67 28.62 20.45
N CYS A 345 -5.81 29.28 20.25
CA CYS A 345 -6.07 30.59 20.82
C CYS A 345 -7.05 30.50 21.98
N ASN A 346 -6.84 31.35 22.98
CA ASN A 346 -7.66 31.42 24.19
C ASN A 346 -8.74 32.46 23.95
N THR A 347 -9.93 32.01 23.54
CA THR A 347 -11.00 32.91 23.10
C THR A 347 -11.83 33.46 24.25
N SER A 348 -11.37 33.35 25.50
CA SER A 348 -12.15 33.89 26.61
C SER A 348 -12.28 35.41 26.55
N ASN A 349 -11.41 36.09 25.78
CA ASN A 349 -11.50 37.54 25.66
C ASN A 349 -12.65 37.97 24.75
N LEU A 350 -13.03 37.15 23.77
CA LEU A 350 -14.12 37.50 22.87
C LEU A 350 -15.48 37.30 23.53
N PHE A 351 -15.79 36.08 23.92
CA PHE A 351 -17.13 35.71 24.38
C PHE A 351 -17.31 36.08 25.85
N ASN A 352 -17.38 37.40 26.08
CA ASN A 352 -17.55 37.96 27.41
C ASN A 352 -18.60 39.06 27.49
N GLY A 353 -19.15 39.51 26.37
CA GLY A 353 -20.16 40.54 26.37
C GLY A 353 -21.55 39.98 26.54
N THR A 354 -22.54 40.84 26.28
CA THR A 354 -23.94 40.45 26.42
C THR A 354 -24.80 41.37 25.55
N TYR A 355 -26.01 40.90 25.26
CA TYR A 355 -27.02 41.68 24.54
C TYR A 355 -28.16 42.02 25.48
N ASN A 356 -28.47 43.31 25.59
CA ASN A 356 -29.33 43.84 26.64
C ASN A 356 -30.81 43.84 26.26
N GLY A 357 -31.16 43.29 25.10
CA GLY A 357 -32.48 43.43 24.54
C GLY A 357 -32.66 44.64 23.65
N THR A 358 -31.69 45.55 23.62
CA THR A 358 -31.72 46.71 22.73
C THR A 358 -30.29 46.95 22.24
N TYR A 359 -30.15 47.25 20.95
CA TYR A 359 -28.84 47.39 20.36
C TYR A 359 -28.10 48.58 20.97
N ILE A 360 -26.88 48.32 21.45
CA ILE A 360 -26.03 49.36 22.03
C ILE A 360 -25.19 49.92 20.88
N SER A 361 -25.45 51.17 20.51
CA SER A 361 -24.87 51.74 19.30
C SER A 361 -23.37 51.94 19.45
N THR A 362 -22.64 51.57 18.41
CA THR A 362 -21.22 51.86 18.28
C THR A 362 -20.93 53.10 17.43
N ASN A 363 -21.97 53.77 16.93
CA ASN A 363 -21.83 54.93 16.06
C ASN A 363 -22.08 56.19 16.89
N SER A 364 -21.23 57.21 16.76
CA SER A 364 -20.02 57.34 15.97
C SER A 364 -18.88 56.56 16.61
N SER A 365 -17.98 56.03 15.78
CA SER A 365 -16.89 55.20 16.28
C SER A 365 -15.76 56.07 16.81
N ALA A 366 -15.26 55.72 18.00
CA ALA A 366 -14.10 56.41 18.56
C ALA A 366 -12.84 56.06 17.77
N ASN A 367 -12.63 54.77 17.50
CA ASN A 367 -11.50 54.35 16.69
C ASN A 367 -11.85 52.97 16.12
N SER A 368 -12.12 52.91 14.82
CA SER A 368 -12.49 51.63 14.20
C SER A 368 -11.34 50.65 14.18
N THR A 369 -10.10 51.11 14.32
CA THR A 369 -8.93 50.24 14.35
C THR A 369 -8.61 49.71 15.74
N SER A 370 -9.38 50.09 16.76
CA SER A 370 -9.21 49.49 18.08
C SER A 370 -9.57 48.01 18.03
N THR A 371 -8.74 47.20 18.68
CA THR A 371 -8.80 45.75 18.54
C THR A 371 -8.90 45.07 19.90
N ILE A 372 -9.54 43.90 19.90
CA ILE A 372 -9.45 42.93 20.98
C ILE A 372 -8.41 41.90 20.58
N THR A 373 -7.58 41.50 21.54
CA THR A 373 -6.42 40.65 21.27
C THR A 373 -6.57 39.31 21.97
N LEU A 374 -6.19 38.25 21.26
CA LEU A 374 -6.21 36.89 21.78
C LEU A 374 -4.80 36.33 21.73
N GLN A 375 -4.31 35.83 22.86
CA GLN A 375 -2.95 35.33 22.98
C GLN A 375 -2.97 33.82 22.78
N CYS A 376 -2.24 33.35 21.78
CA CYS A 376 -2.40 31.99 21.24
C CYS A 376 -1.17 31.14 21.52
N ARG A 377 -1.41 29.92 21.99
CA ARG A 377 -0.37 28.90 22.00
C ARG A 377 -0.21 28.34 20.58
N ILE A 378 0.88 27.61 20.37
CA ILE A 378 1.16 26.97 19.09
C ILE A 378 1.67 25.56 19.35
N LYS A 379 1.19 24.61 18.56
CA LYS A 379 1.62 23.22 18.60
C LYS A 379 2.21 22.83 17.25
N GLN A 380 3.19 21.93 17.30
CA GLN A 380 3.68 21.23 16.11
C GLN A 380 3.17 19.81 16.02
N ILE A 381 3.02 19.13 17.16
CA ILE A 381 2.45 17.79 17.21
C ILE A 381 0.95 17.93 17.36
N ILE A 382 0.21 17.86 16.24
CA ILE A 382 -1.23 18.07 16.24
C ILE A 382 -1.89 16.70 16.30
N ASN A 383 -2.86 16.55 17.20
CA ASN A 383 -3.75 15.39 17.20
C ASN A 383 -5.04 15.76 16.47
N MET A 384 -4.95 15.70 15.13
CA MET A 384 -5.95 16.32 14.27
C MET A 384 -7.33 15.72 14.46
N TRP A 385 -7.45 14.40 14.31
CA TRP A 385 -8.74 13.72 14.29
C TRP A 385 -8.62 12.38 14.99
N GLN A 386 -9.76 11.70 15.14
CA GLN A 386 -9.77 10.30 15.50
C GLN A 386 -9.85 9.44 14.25
N GLY A 387 -8.84 8.59 14.06
CA GLY A 387 -8.82 7.65 12.96
C GLY A 387 -8.07 8.10 11.71
N VAL A 388 -7.28 9.17 11.80
CA VAL A 388 -6.45 9.62 10.69
C VAL A 388 -5.03 9.09 10.91
N GLY A 389 -4.91 8.09 11.79
CA GLY A 389 -3.67 7.90 12.53
C GLY A 389 -3.54 8.81 13.72
N ARG A 390 -4.47 9.75 13.88
CA ARG A 390 -4.57 10.71 14.99
C ARG A 390 -3.32 11.53 15.26
N CYS A 391 -2.36 11.59 14.33
CA CYS A 391 -1.22 12.48 14.50
C CYS A 391 -0.68 12.98 13.17
N MET A 392 -0.04 14.14 13.24
CA MET A 392 0.70 14.76 12.15
C MET A 392 1.58 15.83 12.78
N TYR A 393 2.84 15.89 12.35
CA TYR A 393 3.78 16.88 12.85
C TYR A 393 3.93 17.97 11.80
N ALA A 394 3.53 19.19 12.16
CA ALA A 394 3.59 20.32 11.24
C ALA A 394 4.95 20.99 11.35
N PRO A 395 5.80 20.95 10.32
CA PRO A 395 7.14 21.53 10.46
C PRO A 395 7.05 23.05 10.56
N PRO A 396 8.01 23.68 11.24
CA PRO A 396 7.97 25.15 11.34
C PRO A 396 8.38 25.81 10.04
N ILE A 397 7.76 26.94 9.76
CA ILE A 397 8.02 27.73 8.56
C ILE A 397 8.66 29.04 8.98
N ALA A 398 9.78 29.37 8.32
CA ALA A 398 10.74 30.36 8.81
C ALA A 398 10.37 31.79 8.46
N GLY A 399 9.52 32.42 9.26
CA GLY A 399 9.22 33.83 9.08
C GLY A 399 8.17 34.26 10.07
N ASN A 400 8.02 35.58 10.21
CA ASN A 400 6.97 36.13 11.06
C ASN A 400 5.69 36.23 10.22
N ILE A 401 4.88 35.18 10.34
CA ILE A 401 3.81 34.96 9.39
C ILE A 401 2.54 35.72 9.80
N CYS A 403 -1.88 35.57 8.66
CA CYS A 403 -2.96 34.88 7.94
C CYS A 403 -4.25 35.67 8.10
N ARG A 404 -4.17 36.96 7.78
CA ARG A 404 -5.34 37.84 7.73
C ARG A 404 -6.50 37.17 6.98
N SER A 405 -7.61 36.97 7.67
CA SER A 405 -8.70 36.15 7.15
C SER A 405 -10.02 36.67 7.72
N ASN A 406 -11.11 36.07 7.26
CA ASN A 406 -12.47 36.48 7.59
C ASN A 406 -13.16 35.44 8.46
N ILE A 407 -13.83 35.90 9.52
CA ILE A 407 -14.80 35.07 10.21
C ILE A 407 -16.15 35.20 9.51
N THR A 408 -16.84 34.08 9.34
CA THR A 408 -18.19 34.08 8.77
C THR A 408 -19.17 33.21 9.55
N GLY A 409 -18.77 32.63 10.68
CA GLY A 409 -19.69 31.83 11.46
C GLY A 409 -19.13 31.52 12.82
N LEU A 410 -20.03 31.17 13.73
CA LEU A 410 -19.70 30.85 15.11
C LEU A 410 -20.33 29.51 15.47
N LEU A 411 -19.66 28.76 16.34
CA LEU A 411 -20.15 27.49 16.87
C LEU A 411 -20.32 27.64 18.37
N LEU A 412 -21.53 27.98 18.80
CA LEU A 412 -21.84 28.17 20.20
C LEU A 412 -22.43 26.90 20.79
N THR A 413 -22.84 26.99 22.06
CA THR A 413 -23.51 25.87 22.73
C THR A 413 -24.18 26.41 23.98
N ARG A 414 -25.45 26.04 24.17
CA ARG A 414 -26.20 26.55 25.31
C ARG A 414 -25.76 25.84 26.60
N ASP A 415 -25.52 26.61 27.64
CA ASP A 415 -25.14 26.05 28.93
C ASP A 415 -26.37 25.49 29.64
N GLY A 416 -26.11 24.71 30.70
CA GLY A 416 -27.18 24.14 31.50
C GLY A 416 -28.09 25.18 32.10
N GLY A 417 -29.41 24.99 31.95
CA GLY A 417 -30.35 25.97 32.43
C GLY A 417 -30.46 25.98 33.95
N THR A 418 -30.85 27.13 34.49
CA THR A 418 -31.07 27.27 35.92
C THR A 418 -32.05 28.42 36.17
N ASN A 419 -33.05 28.14 37.02
CA ASN A 419 -34.02 29.14 37.48
C ASN A 419 -34.86 29.74 36.35
N SER A 420 -34.81 29.17 35.15
CA SER A 420 -35.40 29.79 33.96
C SER A 420 -34.90 31.22 33.80
N ASN A 421 -33.59 31.39 33.94
CA ASN A 421 -33.01 32.73 34.11
C ASN A 421 -33.19 33.57 32.86
N GLU A 422 -33.35 34.88 33.07
CA GLU A 422 -33.51 35.85 31.99
C GLU A 422 -32.25 36.04 31.14
N THR A 423 -31.11 35.50 31.57
CA THR A 423 -29.82 35.77 30.95
C THR A 423 -29.07 34.50 30.55
N GLU A 424 -29.77 33.41 30.23
CA GLU A 424 -29.11 32.12 30.10
C GLU A 424 -28.13 32.13 28.93
N THR A 425 -26.99 31.47 29.14
CA THR A 425 -25.77 31.77 28.41
C THR A 425 -25.44 30.74 27.34
N PHE A 426 -24.61 31.16 26.39
CA PHE A 426 -24.09 30.32 25.31
C PHE A 426 -22.57 30.31 25.39
N ARG A 427 -21.96 29.13 25.21
CA ARG A 427 -20.52 28.95 25.23
C ARG A 427 -20.01 28.48 23.86
N PRO A 428 -18.81 28.87 23.43
CA PRO A 428 -18.23 28.23 22.23
C PRO A 428 -17.64 26.88 22.57
N ALA A 429 -18.20 25.83 21.97
CA ALA A 429 -17.76 24.47 22.22
C ALA A 429 -17.76 23.59 20.98
N GLY A 430 -17.94 24.19 19.81
CA GLY A 430 -17.98 23.39 18.59
C GLY A 430 -16.65 22.70 18.35
N GLY A 431 -16.63 21.39 18.62
CA GLY A 431 -15.41 20.61 18.51
C GLY A 431 -15.31 19.81 17.23
N ASP A 432 -16.38 19.09 16.87
CA ASP A 432 -16.32 18.20 15.71
C ASP A 432 -16.16 19.03 14.44
N MET A 433 -15.49 18.46 13.46
CA MET A 433 -15.23 19.15 12.20
C MET A 433 -16.30 18.92 11.15
N ARG A 434 -17.25 18.02 11.41
CA ARG A 434 -18.38 17.88 10.52
C ARG A 434 -19.15 19.19 10.43
N ASP A 435 -19.23 19.91 11.55
CA ASP A 435 -20.06 21.11 11.65
C ASP A 435 -19.60 22.23 10.73
N ASN A 436 -18.28 22.42 10.56
CA ASN A 436 -17.81 23.51 9.72
C ASN A 436 -18.26 23.32 8.28
N TRP A 437 -18.14 22.11 7.77
CA TRP A 437 -18.61 21.84 6.42
C TRP A 437 -20.13 21.74 6.38
N ARG A 438 -20.74 21.31 7.48
CA ARG A 438 -22.19 21.35 7.58
C ARG A 438 -22.71 22.78 7.57
N SER A 439 -21.91 23.72 8.08
CA SER A 439 -22.25 25.14 8.01
C SER A 439 -22.06 25.72 6.62
N GLU A 440 -21.43 24.98 5.70
CA GLU A 440 -21.07 25.50 4.38
C GLU A 440 -21.79 24.74 3.28
N LEU A 441 -22.18 23.49 3.56
CA LEU A 441 -23.00 22.69 2.65
C LEU A 441 -24.49 22.78 3.00
N TYR A 442 -24.93 23.90 3.58
CA TYR A 442 -26.31 23.98 4.06
C TYR A 442 -27.32 24.06 2.93
N LYS A 443 -26.88 24.39 1.70
CA LYS A 443 -27.80 24.60 0.61
C LYS A 443 -28.11 23.34 -0.20
N TYR A 444 -27.33 22.27 -0.04
CA TYR A 444 -27.24 21.22 -1.04
C TYR A 444 -27.85 19.91 -0.55
N LYS A 445 -28.52 19.21 -1.47
CA LYS A 445 -28.91 17.82 -1.28
C LYS A 445 -28.81 17.11 -2.63
N VAL A 446 -28.35 15.87 -2.60
CA VAL A 446 -28.24 15.08 -3.84
C VAL A 446 -29.59 14.41 -4.10
N VAL A 447 -29.98 14.36 -5.37
CA VAL A 447 -31.19 13.67 -5.81
C VAL A 447 -30.80 12.61 -6.83
N LYS A 448 -31.30 11.40 -6.63
CA LYS A 448 -31.17 10.34 -7.62
C LYS A 448 -32.29 10.48 -8.65
N ILE A 449 -31.91 10.59 -9.93
CA ILE A 449 -32.91 10.65 -10.98
C ILE A 449 -33.58 9.29 -11.12
N GLU A 450 -34.90 9.31 -11.31
CA GLU A 450 -35.71 8.11 -11.54
C GLU A 450 -36.44 8.36 -12.85
N PRO A 451 -35.75 8.29 -13.99
CA PRO A 451 -36.28 8.86 -15.23
C PRO A 451 -37.34 8.01 -15.94
N LEU A 452 -37.88 6.97 -15.29
CA LEU A 452 -38.75 5.99 -15.95
C LEU A 452 -40.11 6.02 -15.24
N GLY A 453 -41.03 6.80 -15.78
CA GLY A 453 -42.36 6.96 -15.21
C GLY A 453 -43.43 6.40 -16.12
N VAL A 454 -44.56 6.01 -15.53
CA VAL A 454 -45.69 5.44 -16.24
C VAL A 454 -46.94 6.24 -15.88
N ALA A 455 -47.73 6.57 -16.89
CA ALA A 455 -48.92 7.42 -16.72
C ALA A 455 -49.98 6.99 -17.72
N PRO A 456 -51.25 7.32 -17.49
CA PRO A 456 -52.31 6.91 -18.42
C PRO A 456 -52.54 7.93 -19.52
N THR A 457 -53.00 7.43 -20.67
CA THR A 457 -53.53 8.27 -21.74
C THR A 457 -54.25 7.38 -22.74
N ARG A 458 -54.84 8.02 -23.75
CA ARG A 458 -55.77 7.36 -24.67
C ARG A 458 -55.06 6.82 -25.92
N CYS A 459 -54.16 5.86 -25.69
CA CYS A 459 -53.47 5.22 -26.81
C CYS A 459 -53.05 3.80 -26.40
N LYS A 460 -53.24 2.87 -27.32
CA LYS A 460 -52.77 1.49 -27.17
C LYS A 460 -51.94 1.11 -28.38
N ARG A 461 -51.03 0.17 -28.19
CA ARG A 461 -50.05 -0.18 -29.21
C ARG A 461 -50.74 -0.68 -30.47
N ARG A 462 -50.25 -0.22 -31.62
CA ARG A 462 -50.90 -0.48 -32.91
C ARG A 462 -50.49 -1.87 -33.42
N VAL A 463 -51.07 -2.88 -32.77
CA VAL A 463 -50.89 -4.28 -33.19
C VAL A 463 -52.26 -4.96 -33.23
N ALA B 1 -43.47 28.76 -26.41
CA ALA B 1 -44.06 27.40 -26.25
C ALA B 1 -42.99 26.40 -25.80
N VAL B 2 -43.44 25.24 -25.31
CA VAL B 2 -42.50 24.23 -24.85
C VAL B 2 -41.69 23.63 -25.99
N GLY B 3 -42.18 23.75 -27.23
CA GLY B 3 -41.39 23.34 -28.39
C GLY B 3 -40.30 24.35 -28.68
N ILE B 4 -39.32 24.45 -27.78
CA ILE B 4 -38.31 25.49 -27.87
C ILE B 4 -37.42 25.28 -29.08
N GLY B 5 -37.12 24.03 -29.43
CA GLY B 5 -36.19 23.73 -30.49
C GLY B 5 -34.76 23.72 -30.00
N ALA B 6 -34.23 24.90 -29.68
CA ALA B 6 -32.93 25.02 -29.02
C ALA B 6 -33.11 24.86 -27.52
N VAL B 7 -33.50 23.64 -27.13
CA VAL B 7 -33.87 23.38 -25.74
C VAL B 7 -32.64 23.55 -24.84
N PHE B 8 -32.85 24.21 -23.70
CA PHE B 8 -31.76 24.64 -22.82
C PHE B 8 -32.06 24.36 -21.35
N LEU B 9 -32.97 23.41 -21.06
CA LEU B 9 -33.51 23.29 -19.72
C LEU B 9 -32.61 22.47 -18.79
N GLY B 10 -31.35 22.26 -19.18
CA GLY B 10 -30.39 21.67 -18.28
C GLY B 10 -30.76 20.25 -17.88
N PHE B 11 -30.46 19.91 -16.63
CA PHE B 11 -30.76 18.57 -16.13
C PHE B 11 -32.25 18.36 -15.91
N LEU B 12 -32.93 19.31 -15.28
CA LEU B 12 -34.24 19.04 -14.69
C LEU B 12 -35.23 20.18 -14.85
N GLY B 13 -35.05 21.08 -15.83
CA GLY B 13 -35.86 22.29 -15.92
C GLY B 13 -37.35 22.04 -16.08
N ALA B 14 -37.76 20.85 -16.49
CA ALA B 14 -39.18 20.52 -16.61
C ALA B 14 -39.82 20.14 -15.29
N ALA B 15 -39.03 19.90 -14.24
CA ALA B 15 -39.59 19.49 -12.96
C ALA B 15 -40.48 20.58 -12.38
N GLY B 16 -41.56 20.15 -11.72
CA GLY B 16 -42.48 21.07 -11.10
C GLY B 16 -43.58 21.55 -12.03
N SER B 17 -43.23 21.85 -13.28
CA SER B 17 -44.20 22.34 -14.23
C SER B 17 -45.22 21.25 -14.58
N THR B 18 -46.27 21.66 -15.28
CA THR B 18 -47.36 20.75 -15.63
C THR B 18 -46.85 19.63 -16.53
N MET B 19 -47.45 18.44 -16.37
CA MET B 19 -47.03 17.28 -17.15
C MET B 19 -47.26 17.49 -18.63
N GLY B 20 -48.22 18.34 -19.00
CA GLY B 20 -48.46 18.61 -20.42
C GLY B 20 -47.24 19.22 -21.10
N ALA B 21 -46.49 20.06 -20.37
CA ALA B 21 -45.27 20.65 -20.92
C ALA B 21 -44.09 19.69 -20.76
N ALA B 22 -44.00 19.01 -19.62
CA ALA B 22 -42.91 18.08 -19.38
C ALA B 22 -42.97 16.85 -20.29
N SER B 23 -44.12 16.59 -20.93
CA SER B 23 -44.19 15.52 -21.92
C SER B 23 -43.22 15.79 -23.06
N MET B 24 -43.09 17.05 -23.46
CA MET B 24 -42.04 17.48 -24.34
C MET B 24 -40.78 17.72 -23.52
N THR B 25 -39.65 17.82 -24.20
CA THR B 25 -38.34 18.00 -23.58
C THR B 25 -37.98 16.88 -22.62
N LEU B 26 -38.40 15.65 -22.89
CA LEU B 26 -37.91 14.51 -22.12
C LEU B 26 -36.44 14.24 -22.41
N THR B 27 -35.94 14.69 -23.56
CA THR B 27 -34.61 14.29 -24.00
C THR B 27 -33.52 14.85 -23.11
N VAL B 28 -33.71 16.04 -22.54
CA VAL B 28 -32.67 16.62 -21.69
C VAL B 28 -32.51 15.81 -20.41
N GLN B 29 -33.62 15.31 -19.85
CA GLN B 29 -33.51 14.38 -18.72
C GLN B 29 -32.89 13.05 -19.12
N ALA B 30 -32.95 12.68 -20.40
CA ALA B 30 -32.42 11.40 -20.86
C ALA B 30 -30.99 11.55 -21.38
N ARG B 31 -30.70 12.65 -22.06
CA ARG B 31 -29.39 12.83 -22.70
C ARG B 31 -28.28 12.96 -21.66
N ASN B 32 -28.56 13.64 -20.56
CA ASN B 32 -27.54 14.03 -19.59
C ASN B 32 -27.05 12.89 -18.71
N LEU B 33 -27.65 11.70 -18.79
CA LEU B 33 -27.47 10.68 -17.77
C LEU B 33 -26.06 10.11 -17.72
N LEU B 34 -25.21 10.36 -18.72
CA LEU B 34 -23.83 9.85 -18.75
C LEU B 34 -22.88 11.01 -18.93
N SER B 35 -21.88 11.11 -18.06
CA SER B 35 -20.85 12.16 -18.12
C SER B 35 -19.79 11.86 -17.07
N GLY B 36 -18.71 12.62 -17.12
CA GLY B 36 -17.67 12.59 -16.11
C GLY B 36 -16.39 11.93 -16.60
N THR B 37 -15.30 12.20 -15.87
CA THR B 37 -14.01 11.58 -16.12
C THR B 37 -13.39 11.17 -14.79
N VAL B 38 -12.20 10.57 -14.86
CA VAL B 38 -11.72 9.66 -13.82
C VAL B 38 -10.97 10.41 -12.73
N TRP B 39 -11.20 9.97 -11.48
CA TRP B 39 -10.25 10.14 -10.38
C TRP B 39 -10.32 8.91 -9.50
N GLY B 40 -9.16 8.30 -9.24
CA GLY B 40 -9.05 7.24 -8.24
C GLY B 40 -10.03 6.09 -8.41
N ILE B 41 -10.22 5.38 -7.30
CA ILE B 41 -11.10 4.22 -7.29
C ILE B 41 -12.54 4.63 -6.96
N LYS B 42 -12.70 5.59 -6.04
CA LYS B 42 -14.03 5.94 -5.55
C LYS B 42 -14.87 6.57 -6.64
N GLN B 43 -14.36 7.59 -7.33
CA GLN B 43 -15.12 8.20 -8.41
C GLN B 43 -15.14 7.31 -9.66
N LEU B 44 -14.22 6.35 -9.78
CA LEU B 44 -14.39 5.33 -10.81
C LEU B 44 -15.59 4.45 -10.50
N GLN B 45 -15.80 4.11 -9.22
CA GLN B 45 -17.03 3.43 -8.83
C GLN B 45 -18.23 4.28 -9.13
N ALA B 46 -18.13 5.59 -8.86
CA ALA B 46 -19.23 6.50 -9.18
C ALA B 46 -19.53 6.50 -10.68
N ARG B 47 -18.49 6.42 -11.50
CA ARG B 47 -18.69 6.39 -12.95
C ARG B 47 -19.46 5.16 -13.39
N VAL B 48 -19.17 4.01 -12.77
CA VAL B 48 -19.83 2.77 -13.17
C VAL B 48 -21.30 2.76 -12.71
N LEU B 49 -21.63 3.50 -11.64
CA LEU B 49 -23.02 3.57 -11.22
C LEU B 49 -23.91 4.18 -12.30
N ALA B 50 -23.43 5.25 -12.93
CA ALA B 50 -24.21 5.86 -14.02
C ALA B 50 -24.42 4.88 -15.15
N VAL B 51 -23.36 4.19 -15.56
CA VAL B 51 -23.44 3.25 -16.68
C VAL B 51 -24.42 2.13 -16.36
N GLU B 52 -24.26 1.49 -15.20
CA GLU B 52 -25.08 0.32 -14.89
C GLU B 52 -26.53 0.71 -14.65
N ARG B 53 -26.76 1.80 -13.90
CA ARG B 53 -28.14 2.21 -13.65
C ARG B 53 -28.84 2.65 -14.94
N TYR B 54 -28.14 3.38 -15.81
CA TYR B 54 -28.71 3.72 -17.09
C TYR B 54 -29.08 2.46 -17.87
N LEU B 55 -28.18 1.48 -17.92
CA LEU B 55 -28.48 0.29 -18.71
C LEU B 55 -29.64 -0.49 -18.10
N ARG B 56 -29.78 -0.45 -16.78
CA ARG B 56 -30.96 -1.04 -16.14
C ARG B 56 -32.24 -0.34 -16.61
N ASP B 57 -32.22 0.99 -16.60
CA ASP B 57 -33.38 1.74 -17.08
C ASP B 57 -33.68 1.46 -18.54
N GLN B 58 -32.64 1.15 -19.33
CA GLN B 58 -32.87 0.72 -20.71
C GLN B 58 -33.38 -0.72 -20.78
N GLN B 59 -32.98 -1.59 -19.86
CA GLN B 59 -33.56 -2.93 -19.85
C GLN B 59 -35.06 -2.85 -19.70
N LEU B 60 -35.50 -2.07 -18.71
CA LEU B 60 -36.93 -1.96 -18.45
C LEU B 60 -37.65 -1.37 -19.66
N LEU B 61 -37.08 -0.33 -20.26
CA LEU B 61 -37.73 0.28 -21.42
C LEU B 61 -37.63 -0.60 -22.67
N GLY B 62 -36.74 -1.59 -22.68
CA GLY B 62 -36.59 -2.46 -23.83
C GLY B 62 -37.50 -3.66 -23.81
N ILE B 63 -37.58 -4.36 -22.68
CA ILE B 63 -38.43 -5.56 -22.63
C ILE B 63 -39.91 -5.20 -22.63
N TRP B 64 -40.25 -3.95 -22.28
CA TRP B 64 -41.62 -3.45 -22.40
C TRP B 64 -42.04 -3.17 -23.84
N GLY B 65 -41.10 -3.10 -24.78
CA GLY B 65 -41.45 -3.07 -26.19
C GLY B 65 -41.58 -1.70 -26.82
N CYS B 66 -41.00 -0.66 -26.24
CA CYS B 66 -41.11 0.68 -26.83
C CYS B 66 -40.39 0.73 -28.17
N SER B 67 -41.03 1.38 -29.14
CA SER B 67 -40.40 1.77 -30.39
C SER B 67 -40.40 3.29 -30.47
N GLY B 68 -39.27 3.87 -30.86
CA GLY B 68 -39.04 5.27 -30.60
C GLY B 68 -39.02 5.45 -29.10
N LYS B 69 -38.02 4.81 -28.47
CA LYS B 69 -38.14 4.40 -27.07
C LYS B 69 -37.68 5.51 -26.13
N LEU B 70 -38.50 6.56 -26.08
CA LEU B 70 -38.60 7.38 -24.87
C LEU B 70 -40.06 7.70 -24.53
N ILE B 71 -40.96 7.49 -25.50
CA ILE B 71 -42.41 7.41 -25.24
C ILE B 71 -42.93 6.23 -26.05
N CYS B 72 -43.73 5.38 -25.41
CA CYS B 72 -44.42 4.33 -26.14
C CYS B 72 -45.73 4.00 -25.41
N CYS B 73 -46.77 3.73 -26.18
CA CYS B 73 -48.02 3.25 -25.61
C CYS B 73 -47.95 1.74 -25.39
N THR B 74 -48.90 1.22 -24.61
CA THR B 74 -48.96 -0.18 -24.28
C THR B 74 -50.42 -0.64 -24.34
N ASN B 75 -50.61 -1.96 -24.36
CA ASN B 75 -51.93 -2.57 -24.43
C ASN B 75 -52.46 -3.01 -23.06
N VAL B 76 -51.75 -2.72 -21.98
CA VAL B 76 -52.18 -3.12 -20.64
C VAL B 76 -53.19 -2.10 -20.13
N PRO B 77 -54.40 -2.51 -19.71
CA PRO B 77 -55.37 -1.51 -19.23
C PRO B 77 -54.90 -0.82 -17.97
N TRP B 78 -55.23 0.46 -17.86
CA TRP B 78 -55.04 1.21 -16.63
C TRP B 78 -56.14 0.81 -15.65
N ASN B 79 -55.84 -0.18 -14.79
CA ASN B 79 -56.76 -0.53 -13.72
C ASN B 79 -56.95 0.71 -12.85
N SER B 80 -58.16 1.27 -12.85
CA SER B 80 -58.38 2.61 -12.34
C SER B 80 -57.99 2.77 -10.88
N SER B 81 -57.93 1.66 -10.13
CA SER B 81 -57.45 1.72 -8.75
C SER B 81 -56.04 2.26 -8.64
N TRP B 82 -55.26 2.21 -9.73
CA TRP B 82 -53.91 2.75 -9.70
C TRP B 82 -53.89 4.26 -9.50
N SER B 83 -54.84 5.01 -10.07
CA SER B 83 -54.93 6.45 -9.80
C SER B 83 -56.30 6.89 -9.30
N ASN B 84 -57.39 6.39 -9.91
CA ASN B 84 -58.74 6.92 -9.66
C ASN B 84 -58.77 8.44 -9.78
N ARG B 85 -58.14 8.98 -10.82
CA ARG B 85 -58.10 10.42 -11.06
C ARG B 85 -58.30 10.71 -12.54
N ASN B 86 -58.83 11.89 -12.82
CA ASN B 86 -59.19 12.25 -14.19
C ASN B 86 -57.94 12.43 -15.05
N LEU B 87 -58.08 12.12 -16.34
CA LEU B 87 -56.96 12.26 -17.27
C LEU B 87 -56.51 13.72 -17.36
N SER B 88 -57.48 14.63 -17.52
CA SER B 88 -57.14 16.06 -17.62
C SER B 88 -56.49 16.56 -16.34
N GLU B 89 -56.97 16.09 -15.18
CA GLU B 89 -56.33 16.47 -13.91
C GLU B 89 -54.88 16.01 -13.87
N ILE B 90 -54.63 14.78 -14.33
CA ILE B 90 -53.28 14.24 -14.29
C ILE B 90 -52.36 15.04 -15.21
N TRP B 91 -52.80 15.31 -16.43
CA TRP B 91 -51.89 15.85 -17.43
C TRP B 91 -51.76 17.36 -17.37
N ASP B 92 -52.86 18.08 -17.18
CA ASP B 92 -52.83 19.54 -17.22
C ASP B 92 -52.47 20.16 -15.87
N ASN B 93 -53.09 19.68 -14.79
CA ASN B 93 -52.93 20.29 -13.48
C ASN B 93 -51.70 19.76 -12.73
N MET B 94 -51.51 18.45 -12.72
CA MET B 94 -50.48 17.85 -11.89
C MET B 94 -49.11 18.01 -12.55
N THR B 95 -48.07 17.59 -11.82
CA THR B 95 -46.70 17.58 -12.32
C THR B 95 -46.08 16.23 -12.02
N TRP B 96 -45.02 15.89 -12.77
CA TRP B 96 -44.39 14.58 -12.65
C TRP B 96 -43.86 14.34 -11.25
N LEU B 97 -43.27 15.37 -10.63
CA LEU B 97 -42.74 15.26 -9.28
C LEU B 97 -43.82 14.81 -8.30
N GLN B 98 -45.03 15.35 -8.43
CA GLN B 98 -46.14 14.94 -7.56
C GLN B 98 -46.69 13.58 -7.98
N TRP B 99 -46.72 13.31 -9.30
CA TRP B 99 -47.29 12.07 -9.78
C TRP B 99 -46.48 10.86 -9.34
N ASP B 100 -45.18 11.05 -9.08
CA ASP B 100 -44.36 9.95 -8.56
C ASP B 100 -44.94 9.41 -7.26
N LYS B 101 -45.45 10.28 -6.41
CA LYS B 101 -45.98 9.85 -5.12
C LYS B 101 -47.23 8.99 -5.27
N GLU B 102 -47.96 9.13 -6.38
CA GLU B 102 -49.17 8.36 -6.59
C GLU B 102 -48.86 6.94 -7.08
N ILE B 103 -48.17 6.84 -8.22
CA ILE B 103 -48.00 5.54 -8.87
C ILE B 103 -46.90 4.69 -8.23
N SER B 104 -45.98 5.29 -7.48
CA SER B 104 -44.83 4.54 -6.96
C SER B 104 -45.24 3.40 -6.04
N ASN B 105 -46.44 3.44 -5.46
CA ASN B 105 -46.91 2.34 -4.63
C ASN B 105 -47.14 1.06 -5.42
N TYR B 106 -47.33 1.16 -6.75
CA TYR B 106 -47.82 0.06 -7.57
C TYR B 106 -46.93 -0.27 -8.77
N THR B 107 -45.74 0.32 -8.88
CA THR B 107 -44.97 0.21 -10.11
C THR B 107 -44.51 -1.22 -10.39
N GLN B 108 -44.18 -1.97 -9.34
CA GLN B 108 -43.58 -3.29 -9.51
C GLN B 108 -44.50 -4.27 -10.21
N ILE B 109 -45.81 -4.04 -10.17
CA ILE B 109 -46.74 -4.93 -10.86
C ILE B 109 -46.81 -4.56 -12.34
N ILE B 110 -46.87 -3.25 -12.63
CA ILE B 110 -46.92 -2.79 -14.02
C ILE B 110 -45.64 -3.19 -14.75
N TYR B 111 -44.50 -3.16 -14.04
CA TYR B 111 -43.22 -3.48 -14.66
C TYR B 111 -43.13 -4.93 -15.12
N GLY B 112 -44.02 -5.81 -14.65
CA GLY B 112 -44.10 -7.18 -15.13
C GLY B 112 -45.24 -7.38 -16.10
N LEU B 113 -46.33 -6.65 -15.91
CA LEU B 113 -47.44 -6.72 -16.86
C LEU B 113 -47.00 -6.26 -18.24
N LEU B 114 -46.25 -5.16 -18.31
CA LEU B 114 -45.74 -4.71 -19.60
C LEU B 114 -44.82 -5.75 -20.22
N GLU B 115 -43.96 -6.37 -19.40
CA GLU B 115 -43.03 -7.38 -19.88
C GLU B 115 -43.78 -8.55 -20.53
N GLU B 116 -44.75 -9.12 -19.81
CA GLU B 116 -45.45 -10.29 -20.34
C GLU B 116 -46.27 -9.92 -21.56
N SER B 117 -46.91 -8.74 -21.55
CA SER B 117 -47.67 -8.32 -22.72
C SER B 117 -46.77 -8.14 -23.94
N GLN B 118 -45.59 -7.56 -23.76
CA GLN B 118 -44.68 -7.38 -24.88
C GLN B 118 -44.20 -8.71 -25.42
N ASN B 119 -43.92 -9.67 -24.54
CA ASN B 119 -43.50 -10.99 -25.03
C ASN B 119 -44.62 -11.66 -25.80
N GLN B 120 -45.86 -11.54 -25.30
CA GLN B 120 -47.01 -12.07 -26.02
C GLN B 120 -47.12 -11.45 -27.40
N GLN B 121 -46.97 -10.12 -27.48
CA GLN B 121 -47.00 -9.45 -28.77
C GLN B 121 -45.89 -9.91 -29.69
N GLU B 122 -44.69 -10.15 -29.15
CA GLU B 122 -43.58 -10.58 -29.98
C GLU B 122 -43.87 -11.94 -30.61
N LYS B 123 -44.32 -12.90 -29.79
CA LYS B 123 -44.64 -14.23 -30.33
C LYS B 123 -45.80 -14.15 -31.32
N ASN B 124 -46.82 -13.34 -31.01
CA ASN B 124 -47.96 -13.24 -31.91
C ASN B 124 -47.57 -12.61 -33.24
N GLU B 125 -46.69 -11.61 -33.20
CA GLU B 125 -46.23 -10.99 -34.43
C GLU B 125 -45.39 -11.95 -35.26
N GLN B 126 -44.54 -12.76 -34.61
CA GLN B 126 -43.81 -13.77 -35.37
C GLN B 126 -44.77 -14.76 -36.02
N ASP B 127 -45.81 -15.16 -35.29
CA ASP B 127 -46.79 -16.09 -35.86
C ASP B 127 -47.51 -15.45 -37.04
N LEU B 128 -47.91 -14.19 -36.92
CA LEU B 128 -48.61 -13.51 -38.02
C LEU B 128 -47.70 -13.36 -39.23
N LEU B 129 -46.43 -13.03 -39.01
CA LEU B 129 -45.49 -12.94 -40.13
C LEU B 129 -45.29 -14.30 -40.79
N ALA B 130 -45.28 -15.38 -40.00
CA ALA B 130 -45.20 -16.71 -40.58
C ALA B 130 -46.45 -17.03 -41.41
N LEU B 131 -47.62 -16.67 -40.92
CA LEU B 131 -48.85 -16.91 -41.67
C LEU B 131 -48.92 -16.06 -42.94
N ASP B 132 -48.38 -14.85 -42.90
CA ASP B 132 -48.39 -13.98 -44.07
C ASP B 132 -47.56 -14.58 -45.20
N GLN C 1 12.81 66.04 30.11
CA GLN C 1 12.30 65.06 31.12
C GLN C 1 13.06 63.73 31.06
N VAL C 2 13.49 63.34 29.85
CA VAL C 2 14.27 62.13 29.68
C VAL C 2 15.74 62.42 29.91
N GLN C 3 16.44 61.47 30.52
CA GLN C 3 17.89 61.59 30.65
C GLN C 3 18.49 60.23 30.95
N LEU C 4 19.69 60.00 30.38
CA LEU C 4 20.46 58.77 30.56
C LEU C 4 21.86 59.18 31.04
N VAL C 5 22.01 59.33 32.36
CA VAL C 5 23.30 59.66 32.93
C VAL C 5 24.19 58.42 32.90
N GLN C 6 25.40 58.58 32.36
CA GLN C 6 26.35 57.49 32.14
C GLN C 6 27.57 57.64 33.03
N SER C 7 28.31 56.55 33.18
CA SER C 7 29.46 56.53 34.06
C SER C 7 30.61 57.37 33.48
N GLY C 8 31.68 57.49 34.27
CA GLY C 8 32.84 58.23 33.83
C GLY C 8 33.75 57.40 32.93
N ALA C 9 34.83 58.03 32.50
CA ALA C 9 35.77 57.41 31.57
C ALA C 9 36.44 56.20 32.20
N GLU C 10 36.12 55.00 31.71
CA GLU C 10 36.66 53.75 32.24
C GLU C 10 37.86 53.32 31.41
N MET C 11 38.96 54.06 31.58
CA MET C 11 40.20 53.74 30.90
C MET C 11 40.75 52.41 31.42
N LYS C 12 41.12 51.52 30.50
CA LYS C 12 41.56 50.19 30.88
C LYS C 12 42.55 49.65 29.86
N ASN C 13 43.33 48.65 30.28
CA ASN C 13 44.36 48.09 29.43
C ASN C 13 43.78 47.03 28.48
N PRO C 14 44.52 46.67 27.43
CA PRO C 14 44.06 45.58 26.56
C PRO C 14 43.96 44.26 27.31
N GLY C 15 43.04 43.42 26.84
CA GLY C 15 42.84 42.09 27.41
C GLY C 15 41.87 42.03 28.56
N ALA C 16 41.54 43.16 29.18
CA ALA C 16 40.57 43.21 30.27
C ALA C 16 39.19 43.48 29.68
N SER C 17 38.22 43.79 30.55
CA SER C 17 36.86 44.09 30.15
C SER C 17 36.44 45.44 30.74
N VAL C 18 35.59 46.15 29.99
CA VAL C 18 35.09 47.46 30.36
C VAL C 18 33.58 47.36 30.52
N LYS C 19 33.06 47.89 31.63
CA LYS C 19 31.65 47.80 31.98
C LYS C 19 31.08 49.22 32.10
N VAL C 20 30.22 49.59 31.15
CA VAL C 20 29.55 50.88 31.15
C VAL C 20 28.14 50.70 31.72
N SER C 21 27.65 51.75 32.37
CA SER C 21 26.30 51.77 32.93
C SER C 21 25.64 53.10 32.61
N CYS C 22 24.32 53.05 32.40
CA CYS C 22 23.49 54.23 32.18
C CYS C 22 22.24 54.14 33.02
N ALA C 23 21.98 55.17 33.82
CA ALA C 23 20.82 55.22 34.69
C ALA C 23 19.70 55.98 33.99
N ALA C 24 18.53 55.35 33.92
CA ALA C 24 17.39 55.90 33.18
C ALA C 24 16.45 56.64 34.12
N SER C 25 15.98 57.80 33.68
CA SER C 25 15.00 58.59 34.42
C SER C 25 14.03 59.20 33.43
N GLY C 26 12.86 59.57 33.95
CA GLY C 26 11.78 60.08 33.09
C GLY C 26 10.94 59.00 32.46
N TYR C 27 11.53 58.16 31.61
CA TYR C 27 10.83 57.02 31.05
C TYR C 27 10.47 56.00 32.12
N THR C 28 9.34 55.33 31.92
CA THR C 28 9.03 54.08 32.59
C THR C 28 9.98 53.04 31.99
N PHE C 29 11.02 52.72 32.76
CA PHE C 29 12.21 52.08 32.19
C PHE C 29 11.91 50.72 31.59
N THR C 30 10.92 50.01 32.13
CA THR C 30 10.60 48.68 31.60
C THR C 30 9.96 48.74 30.22
N ASP C 31 9.47 49.91 29.78
CA ASP C 31 8.72 50.00 28.54
C ASP C 31 9.60 50.09 27.30
N PHE C 32 10.80 50.63 27.39
CA PHE C 32 11.62 50.96 26.23
C PHE C 32 12.90 50.14 26.20
N TYR C 33 13.27 49.68 25.00
CA TYR C 33 14.54 48.99 24.82
C TYR C 33 15.71 49.91 25.15
N ILE C 34 16.89 49.31 25.30
CA ILE C 34 18.15 50.03 25.34
C ILE C 34 19.06 49.48 24.25
N HIS C 35 19.33 50.32 23.25
CA HIS C 35 20.33 50.04 22.24
C HIS C 35 21.65 50.68 22.68
N TRP C 36 22.75 50.14 22.20
CA TRP C 36 24.09 50.67 22.47
C TRP C 36 24.80 50.93 21.16
N VAL C 37 25.42 52.09 21.05
CA VAL C 37 26.17 52.50 19.86
C VAL C 37 27.50 53.10 20.30
N ARG C 38 28.46 53.12 19.37
CA ARG C 38 29.83 53.49 19.67
C ARG C 38 30.39 54.33 18.52
N LEU C 39 31.17 55.35 18.89
CA LEU C 39 31.84 56.23 17.93
C LEU C 39 33.33 55.92 17.96
N ALA C 40 33.72 54.92 17.20
CA ALA C 40 35.14 54.63 17.04
C ALA C 40 35.76 55.76 16.20
N PRO C 41 36.84 56.41 16.64
CA PRO C 41 37.40 57.51 15.83
C PRO C 41 37.80 57.05 14.43
N GLY C 42 37.55 57.92 13.46
CA GLY C 42 37.71 57.56 12.05
C GLY C 42 36.50 56.85 11.48
N GLN C 43 36.08 55.76 12.11
CA GLN C 43 34.86 55.07 11.72
C GLN C 43 33.65 55.86 12.21
N GLY C 44 32.49 55.55 11.63
CA GLY C 44 31.25 56.18 12.03
C GLY C 44 30.63 55.48 13.23
N LEU C 45 29.31 55.62 13.33
CA LEU C 45 28.57 54.96 14.40
C LEU C 45 28.73 53.45 14.28
N GLN C 46 29.03 52.80 15.41
CA GLN C 46 29.21 51.36 15.48
C GLN C 46 28.21 50.82 16.50
N TRP C 47 27.22 50.07 16.03
CA TRP C 47 26.14 49.56 16.85
C TRP C 47 26.55 48.20 17.40
N MET C 48 26.24 47.94 18.68
CA MET C 48 26.76 46.79 19.40
C MET C 48 25.66 45.80 19.81
N GLY C 49 24.59 46.27 20.43
CA GLY C 49 23.57 45.35 20.91
C GLY C 49 22.36 46.11 21.43
N TRP C 50 21.22 45.38 21.43
CA TRP C 50 20.02 45.85 22.12
C TRP C 50 19.76 44.96 23.32
N MET C 51 18.99 45.49 24.26
CA MET C 51 18.61 44.74 25.46
C MET C 51 17.16 45.08 25.79
N ASN C 52 16.38 44.05 26.09
CA ASN C 52 14.99 44.21 26.50
C ASN C 52 14.95 44.29 28.02
N PRO C 53 14.80 45.47 28.63
CA PRO C 53 14.78 45.51 30.11
C PRO C 53 13.61 44.76 30.72
N LYS C 54 12.54 44.53 29.96
CA LYS C 54 11.39 43.80 30.46
C LYS C 54 11.61 42.29 30.45
N THR C 55 12.34 41.77 29.46
CA THR C 55 12.55 40.34 29.28
C THR C 55 13.98 39.89 29.56
N GLY C 56 14.97 40.49 28.89
CA GLY C 56 16.37 40.16 29.08
C GLY C 56 17.06 39.58 27.87
N ARG C 57 16.34 39.33 26.78
CA ARG C 57 16.96 38.85 25.55
C ARG C 57 17.93 39.90 25.02
N THR C 58 19.05 39.43 24.48
CA THR C 58 20.05 40.30 23.87
C THR C 58 20.58 39.66 22.60
N ASN C 59 21.05 40.52 21.70
CA ASN C 59 21.73 40.09 20.49
C ASN C 59 22.79 41.12 20.17
N ASN C 60 23.75 40.74 19.32
CA ASN C 60 24.85 41.61 18.95
C ASN C 60 25.11 41.50 17.45
N ALA C 61 25.68 42.57 16.90
CA ALA C 61 26.19 42.51 15.54
C ALA C 61 27.28 41.45 15.45
N GLN C 62 27.48 40.92 14.24
CA GLN C 62 28.37 39.78 14.08
C GLN C 62 29.81 40.11 14.45
N ASN C 63 30.18 41.40 14.41
CA ASN C 63 31.50 41.79 14.89
C ASN C 63 31.64 41.53 16.39
N PHE C 64 30.57 41.71 17.16
CA PHE C 64 30.61 41.68 18.61
C PHE C 64 30.00 40.42 19.21
N GLN C 65 29.56 39.47 18.40
CA GLN C 65 28.80 38.33 18.91
C GLN C 65 29.69 37.46 19.80
N GLY C 66 29.20 37.16 21.00
CA GLY C 66 29.97 36.45 22.00
C GLY C 66 30.92 37.31 22.80
N ARG C 67 31.07 38.59 22.42
CA ARG C 67 32.03 39.47 23.08
C ARG C 67 31.36 40.45 24.03
N VAL C 68 30.05 40.67 23.89
CA VAL C 68 29.29 41.63 24.69
C VAL C 68 28.25 40.89 25.51
N THR C 69 28.10 41.30 26.77
CA THR C 69 27.04 40.83 27.65
C THR C 69 26.44 42.03 28.36
N MET C 70 25.14 41.95 28.66
CA MET C 70 24.39 43.08 29.19
C MET C 70 23.48 42.63 30.33
N THR C 71 23.28 43.55 31.28
CA THR C 71 22.44 43.29 32.44
C THR C 71 21.91 44.63 32.96
N ARG C 72 20.97 44.54 33.89
CA ARG C 72 20.29 45.71 34.42
C ARG C 72 19.56 45.32 35.69
N ASP C 73 18.79 46.27 36.22
CA ASP C 73 17.84 46.00 37.31
C ASP C 73 16.75 47.06 37.22
N THR C 74 15.51 46.61 37.04
CA THR C 74 14.40 47.52 36.74
C THR C 74 13.93 48.33 37.94
N SER C 75 14.24 47.89 39.17
CA SER C 75 13.81 48.65 40.33
C SER C 75 14.64 49.91 40.51
N ILE C 76 15.97 49.79 40.49
CA ILE C 76 16.82 50.97 40.57
C ILE C 76 16.67 51.81 39.30
N GLY C 77 16.51 51.15 38.15
CA GLY C 77 16.42 51.84 36.89
C GLY C 77 17.77 52.17 36.29
N THR C 78 18.68 51.19 36.29
CA THR C 78 20.02 51.35 35.73
C THR C 78 20.31 50.20 34.79
N ALA C 79 20.79 50.54 33.60
CA ALA C 79 21.17 49.58 32.58
C ALA C 79 22.69 49.47 32.51
N TYR C 80 23.19 48.23 32.54
CA TYR C 80 24.63 47.96 32.47
C TYR C 80 24.94 47.21 31.19
N MET C 81 26.20 47.24 30.79
CA MET C 81 26.70 46.45 29.67
C MET C 81 28.21 46.36 29.80
N GLU C 82 28.77 45.22 29.43
CA GLU C 82 30.19 44.94 29.58
C GLU C 82 30.74 44.34 28.30
N LEU C 83 31.95 44.79 27.92
CA LEU C 83 32.62 44.36 26.70
C LEU C 83 33.84 43.54 27.11
N ARG C 84 33.95 42.31 26.59
CA ARG C 84 35.10 41.47 26.89
C ARG C 84 36.16 41.60 25.80
N SER C 85 37.37 41.15 26.14
CA SER C 85 38.51 41.13 25.22
C SER C 85 38.79 42.53 24.68
N LEU C 86 38.98 43.48 25.59
CA LEU C 86 39.21 44.87 25.21
C LEU C 86 40.54 45.01 24.46
N THR C 87 40.57 45.89 23.47
CA THR C 87 41.79 46.16 22.72
C THR C 87 41.85 47.65 22.38
N SER C 88 42.89 48.02 21.64
CA SER C 88 43.16 49.44 21.37
C SER C 88 42.07 50.07 20.53
N ASP C 89 41.56 49.34 19.54
CA ASP C 89 40.54 49.91 18.64
C ASP C 89 39.24 50.23 19.37
N ASP C 90 39.02 49.65 20.54
CA ASP C 90 37.81 49.95 21.31
C ASP C 90 37.81 51.34 21.91
N THR C 91 38.92 52.09 21.84
CA THR C 91 38.95 53.47 22.31
C THR C 91 37.90 54.28 21.56
N ALA C 92 36.86 54.70 22.26
CA ALA C 92 35.71 55.31 21.61
C ALA C 92 34.80 55.92 22.66
N VAL C 93 33.82 56.69 22.18
CA VAL C 93 32.77 57.23 23.04
C VAL C 93 31.58 56.27 23.00
N TYR C 94 31.13 55.85 24.18
CA TYR C 94 30.00 54.96 24.33
C TYR C 94 28.76 55.79 24.59
N TYR C 95 27.62 55.40 24.02
CA TYR C 95 26.36 56.11 24.20
C TYR C 95 25.26 55.13 24.54
N CYS C 96 24.56 55.38 25.64
CA CYS C 96 23.36 54.63 25.98
C CYS C 96 22.15 55.27 25.34
N VAL C 97 21.46 54.51 24.48
CA VAL C 97 20.35 55.02 23.69
C VAL C 97 19.18 54.06 23.79
N THR C 98 17.97 54.59 23.61
CA THR C 98 16.74 53.90 23.98
C THR C 98 15.66 54.11 22.92
N GLY C 99 14.76 53.13 22.82
CA GLY C 99 13.65 53.15 21.90
C GLY C 99 13.76 52.05 20.86
N GLY C 100 12.67 51.62 20.24
CA GLY C 100 11.31 52.11 20.37
C GLY C 100 10.58 51.51 21.56
N TRP C 101 9.24 51.51 21.48
CA TRP C 101 8.42 51.04 22.59
C TRP C 101 8.27 49.52 22.56
N ILE C 102 8.45 48.89 23.72
CA ILE C 102 8.34 47.44 23.79
C ILE C 102 6.87 47.03 23.77
N SER C 103 6.57 46.00 22.99
CA SER C 103 5.24 45.42 22.95
C SER C 103 5.39 43.90 23.01
N LEU C 104 4.34 43.24 23.48
CA LEU C 104 4.30 41.78 23.48
C LEU C 104 3.85 41.21 22.14
N TYR C 105 3.34 42.05 21.23
CA TYR C 105 2.60 41.57 20.07
C TYR C 105 3.32 41.78 18.75
N TYR C 106 4.15 42.81 18.61
CA TYR C 106 4.99 43.01 17.44
C TYR C 106 6.40 43.34 17.87
N ASP C 107 7.37 42.72 17.22
CA ASP C 107 8.78 42.93 17.55
C ASP C 107 9.18 44.35 17.15
N SER C 108 9.74 45.10 18.10
CA SER C 108 10.23 46.45 17.85
C SER C 108 11.64 46.65 18.39
N SER C 109 12.43 45.56 18.46
CA SER C 109 13.82 45.69 18.86
C SER C 109 14.63 46.41 17.79
N TYR C 110 14.68 45.82 16.59
CA TYR C 110 15.50 46.34 15.50
C TYR C 110 15.01 47.67 14.94
N TYR C 111 13.86 48.17 15.37
CA TYR C 111 13.36 49.46 14.90
C TYR C 111 14.36 50.54 15.33
N PRO C 112 15.20 51.09 14.44
CA PRO C 112 16.32 51.92 14.89
C PRO C 112 15.89 53.34 15.28
N ASN C 113 15.07 53.42 16.32
CA ASN C 113 14.59 54.70 16.84
C ASN C 113 15.35 55.00 18.14
N PHE C 114 16.56 55.56 17.98
CA PHE C 114 17.36 55.98 19.14
C PHE C 114 16.84 57.33 19.60
N ASP C 115 15.74 57.28 20.36
CA ASP C 115 14.98 58.48 20.68
C ASP C 115 15.79 59.47 21.51
N HIS C 116 16.44 59.00 22.56
CA HIS C 116 17.16 59.87 23.50
C HIS C 116 18.52 59.26 23.78
N TRP C 117 19.50 60.15 23.99
CA TRP C 117 20.91 59.78 24.09
C TRP C 117 21.47 60.27 25.41
N GLY C 118 22.27 59.42 26.06
CA GLY C 118 23.04 59.85 27.20
C GLY C 118 24.25 60.66 26.77
N GLN C 119 24.82 61.40 27.72
CA GLN C 119 25.97 62.24 27.41
C GLN C 119 27.20 61.43 27.04
N GLY C 120 27.28 60.18 27.47
CA GLY C 120 28.31 59.28 27.04
C GLY C 120 29.48 59.16 28.00
N THR C 121 30.36 58.22 27.69
CA THR C 121 31.57 57.97 28.48
C THR C 121 32.72 57.65 27.54
N LEU C 122 33.92 58.14 27.90
CA LEU C 122 35.11 58.01 27.06
C LEU C 122 35.90 56.78 27.50
N VAL C 123 35.67 55.66 26.82
CA VAL C 123 36.52 54.49 27.00
C VAL C 123 37.79 54.67 26.19
N THR C 124 38.94 54.50 26.84
CA THR C 124 40.24 54.74 26.24
C THR C 124 41.16 53.57 26.51
N VAL C 125 41.86 53.12 25.46
CA VAL C 125 42.73 51.94 25.52
C VAL C 125 44.00 52.26 24.73
N SER C 126 45.14 52.53 25.38
CA SER C 126 45.34 52.60 26.83
C SER C 126 46.56 53.45 27.15
N GLN D 1 27.20 47.30 1.70
CA GLN D 1 28.07 46.17 1.27
C GLN D 1 28.85 45.65 2.48
N SER D 2 29.85 46.41 2.91
CA SER D 2 30.53 46.21 4.18
C SER D 2 30.10 47.33 5.11
N ALA D 3 29.27 46.99 6.11
CA ALA D 3 28.53 47.98 6.88
C ALA D 3 27.65 48.79 5.92
N LEU D 4 27.22 49.98 6.33
CA LEU D 4 26.36 50.81 5.49
C LEU D 4 27.20 51.74 4.63
N THR D 5 26.96 51.71 3.32
CA THR D 5 27.64 52.60 2.38
C THR D 5 27.04 53.99 2.46
N GLN D 6 27.89 55.02 2.40
CA GLN D 6 27.43 56.38 2.58
C GLN D 6 28.53 57.32 2.10
N PRO D 7 28.20 58.48 1.51
CA PRO D 7 29.25 59.43 1.14
C PRO D 7 29.99 59.99 2.34
N ALA D 8 30.97 60.85 2.06
CA ALA D 8 31.70 61.55 3.10
C ALA D 8 32.09 62.97 2.69
N SER D 9 31.26 63.63 1.88
CA SER D 9 31.64 64.90 1.26
C SER D 9 30.45 65.85 1.20
N VAL D 10 30.77 67.12 0.96
CA VAL D 10 29.78 68.19 0.81
C VAL D 10 29.68 68.55 -0.66
N SER D 11 28.46 68.85 -1.11
CA SER D 11 28.21 69.23 -2.51
C SER D 11 27.23 70.39 -2.61
N GLY D 12 27.31 71.39 -1.73
CA GLY D 12 26.38 72.49 -1.77
C GLY D 12 26.91 73.70 -1.03
N SER D 13 26.07 74.73 -0.98
CA SER D 13 26.41 76.02 -0.38
C SER D 13 25.25 76.49 0.49
N PRO D 14 25.42 77.55 1.30
CA PRO D 14 24.31 78.03 2.13
C PRO D 14 23.11 78.45 1.30
N GLY D 15 21.92 78.16 1.82
CA GLY D 15 20.68 78.46 1.13
C GLY D 15 20.24 77.42 0.12
N GLN D 16 21.09 76.45 -0.19
CA GLN D 16 20.80 75.42 -1.17
C GLN D 16 20.67 74.06 -0.49
N SER D 17 19.78 73.23 -1.03
CA SER D 17 19.52 71.93 -0.44
C SER D 17 20.61 70.93 -0.82
N ILE D 18 20.88 69.99 0.09
CA ILE D 18 21.85 68.92 -0.11
C ILE D 18 21.17 67.60 0.20
N THR D 19 21.45 66.59 -0.63
CA THR D 19 20.88 65.25 -0.48
C THR D 19 22.00 64.25 -0.26
N ILE D 20 21.77 63.33 0.70
CA ILE D 20 22.74 62.32 1.09
C ILE D 20 22.05 60.97 0.99
N SER D 21 22.76 59.98 0.45
CA SER D 21 22.20 58.66 0.16
C SER D 21 22.89 57.60 1.00
N CYS D 22 22.09 56.79 1.69
CA CYS D 22 22.56 55.62 2.42
C CYS D 22 22.21 54.37 1.63
N THR D 23 23.00 53.31 1.84
CA THR D 23 22.81 52.09 1.06
C THR D 23 23.37 50.90 1.84
N GLY D 24 22.66 49.77 1.74
CA GLY D 24 23.11 48.51 2.29
C GLY D 24 22.98 47.40 1.27
N THR D 25 22.25 46.34 1.63
CA THR D 25 21.90 45.26 0.72
C THR D 25 20.43 44.92 0.88
N SER D 26 19.93 44.07 -0.02
CA SER D 26 18.52 43.67 0.03
C SER D 26 18.19 42.81 1.24
N TYR D 27 19.20 42.30 1.95
CA TYR D 27 18.98 41.65 3.25
C TYR D 27 18.92 42.66 4.39
N ASP D 28 18.84 43.95 4.09
CA ASP D 28 19.06 45.04 5.02
C ASP D 28 18.05 46.13 4.65
N VAL D 29 18.37 47.41 4.90
CA VAL D 29 17.47 48.57 4.81
C VAL D 29 16.50 48.54 3.62
N GLY D 30 16.91 47.95 2.50
CA GLY D 30 15.99 47.76 1.39
C GLY D 30 14.83 46.84 1.70
N LYS D 31 14.88 46.11 2.82
CA LYS D 31 13.83 45.16 3.16
C LYS D 31 12.57 45.86 3.68
N PHE D 32 12.69 46.64 4.75
CA PHE D 32 11.53 47.09 5.53
C PHE D 32 11.18 48.55 5.36
N ASP D 33 12.18 49.42 5.15
CA ASP D 33 12.21 50.89 5.25
C ASP D 33 12.49 51.41 6.65
N LEU D 34 12.91 50.55 7.57
CA LEU D 34 13.25 50.99 8.93
C LEU D 34 14.59 51.71 8.87
N VAL D 35 14.52 53.04 8.80
CA VAL D 35 15.68 53.91 8.63
C VAL D 35 15.56 55.08 9.61
N SER D 36 16.71 55.65 9.97
CA SER D 36 16.74 56.87 10.76
C SER D 36 18.05 57.59 10.50
N TRP D 37 18.05 58.89 10.77
CA TRP D 37 19.20 59.76 10.56
C TRP D 37 19.42 60.61 11.80
N TYR D 38 20.69 60.90 12.10
CA TYR D 38 21.07 61.58 13.32
C TYR D 38 22.08 62.68 13.01
N GLN D 39 22.06 63.73 13.84
CA GLN D 39 22.88 64.91 13.65
C GLN D 39 23.77 65.08 14.88
N GLN D 40 25.08 65.21 14.67
CA GLN D 40 26.06 65.36 15.74
C GLN D 40 26.84 66.65 15.55
N HIS D 41 26.63 67.61 16.45
CA HIS D 41 27.57 68.72 16.57
C HIS D 41 28.85 68.23 17.25
N PRO D 42 29.98 68.90 17.05
CA PRO D 42 31.20 68.48 17.76
C PRO D 42 31.02 68.56 19.27
N GLY D 43 31.51 67.53 19.97
CA GLY D 43 31.45 67.51 21.41
C GLY D 43 30.06 67.35 21.99
N LYS D 44 29.11 66.82 21.23
CA LYS D 44 27.73 66.66 21.66
C LYS D 44 27.21 65.29 21.26
N ALA D 45 26.24 64.79 22.03
CA ALA D 45 25.60 63.54 21.68
C ALA D 45 24.82 63.72 20.38
N PRO D 46 24.85 62.75 19.43
CA PRO D 46 24.06 62.91 18.21
C PRO D 46 22.56 63.09 18.46
N LYS D 47 22.00 64.13 17.86
CA LYS D 47 20.57 64.40 17.95
C LYS D 47 19.81 63.57 16.91
N TYR D 48 18.49 63.56 17.03
CA TYR D 48 17.63 62.59 16.35
C TYR D 48 16.70 63.31 15.37
N MET D 49 16.96 63.14 14.07
CA MET D 49 16.36 63.96 13.02
C MET D 49 15.22 63.24 12.30
N ILE D 50 15.49 62.10 11.67
CA ILE D 50 14.55 61.42 10.78
C ILE D 50 14.42 59.98 11.25
N TYR D 51 13.24 59.40 11.04
CA TYR D 51 13.02 57.99 11.34
C TYR D 51 11.99 57.43 10.38
N GLU D 52 12.13 56.14 10.10
CA GLU D 52 11.27 55.44 9.14
C GLU D 52 11.20 56.23 7.83
N VAL D 53 12.39 56.49 7.27
CA VAL D 53 12.68 57.17 5.99
C VAL D 53 12.09 58.58 5.89
N ASN D 54 10.79 58.78 6.18
CA ASN D 54 10.12 60.04 5.85
C ASN D 54 9.37 60.69 7.01
N LYS D 55 9.60 60.28 8.26
CA LYS D 55 9.01 60.92 9.42
C LYS D 55 10.08 61.59 10.28
N TRP D 56 9.65 62.54 11.11
CA TRP D 56 10.52 63.28 12.01
C TRP D 56 9.80 63.56 13.33
N PRO D 57 10.53 63.68 14.43
CA PRO D 57 9.88 63.83 15.74
C PRO D 57 9.64 65.29 16.09
N SER D 58 9.09 65.49 17.30
CA SER D 58 8.82 66.82 17.80
C SER D 58 10.12 67.56 18.10
N GLY D 59 10.08 68.87 17.90
CA GLY D 59 11.24 69.72 18.13
C GLY D 59 12.11 69.87 16.90
N VAL D 60 12.10 68.86 16.02
CA VAL D 60 12.94 68.89 14.84
C VAL D 60 12.36 69.87 13.84
N SER D 61 13.23 70.63 13.18
CA SER D 61 12.79 71.58 12.18
C SER D 61 12.27 70.85 10.95
N HIS D 62 11.37 71.51 10.21
CA HIS D 62 10.74 70.89 9.06
C HIS D 62 11.67 70.78 7.85
N ARG D 63 12.88 71.32 7.93
CA ARG D 63 13.80 71.29 6.78
C ARG D 63 14.11 69.85 6.38
N PHE D 64 14.48 69.01 7.34
CA PHE D 64 14.99 67.69 7.04
C PHE D 64 13.89 66.79 6.48
N SER D 65 14.24 66.01 5.47
CA SER D 65 13.31 65.09 4.83
C SER D 65 14.11 63.93 4.24
N GLY D 66 13.39 62.91 3.80
CA GLY D 66 14.08 61.73 3.28
C GLY D 66 13.16 60.88 2.43
N SER D 67 13.77 59.89 1.80
CA SER D 67 13.06 58.96 0.93
C SER D 67 13.93 57.74 0.71
N LYS D 68 13.32 56.68 0.18
CA LYS D 68 14.05 55.49 -0.20
C LYS D 68 13.42 54.89 -1.44
N SER D 69 14.21 54.10 -2.16
CA SER D 69 13.75 53.43 -3.36
C SER D 69 14.66 52.23 -3.63
N GLY D 70 14.12 51.03 -3.54
CA GLY D 70 14.94 49.85 -3.74
C GLY D 70 15.93 49.68 -2.63
N ASN D 71 17.22 49.79 -2.98
CA ASN D 71 18.31 49.54 -2.05
C ASN D 71 18.93 50.81 -1.47
N THR D 72 18.44 51.99 -1.82
CA THR D 72 18.98 53.26 -1.35
C THR D 72 17.95 54.00 -0.51
N ALA D 73 18.40 54.55 0.61
CA ALA D 73 17.60 55.41 1.47
C ALA D 73 18.38 56.70 1.72
N SER D 74 17.70 57.84 1.56
CA SER D 74 18.38 59.12 1.47
C SER D 74 17.79 60.14 2.42
N LEU D 75 18.63 61.07 2.87
CA LEU D 75 18.25 62.22 3.67
C LEU D 75 18.48 63.48 2.85
N THR D 76 17.52 64.40 2.90
CA THR D 76 17.59 65.67 2.18
C THR D 76 17.60 66.81 3.19
N ILE D 77 18.68 67.58 3.18
CA ILE D 77 18.76 68.82 3.96
C ILE D 77 18.25 69.92 3.03
N SER D 78 17.22 70.64 3.48
CA SER D 78 16.62 71.71 2.68
C SER D 78 17.19 73.06 3.10
N GLY D 79 17.91 73.70 2.19
CA GLY D 79 18.39 75.05 2.42
C GLY D 79 19.33 75.20 3.60
N LEU D 80 20.55 74.68 3.47
CA LEU D 80 21.54 74.64 4.55
C LEU D 80 21.73 76.01 5.22
N GLN D 81 21.94 75.99 6.54
CA GLN D 81 22.30 77.17 7.33
C GLN D 81 23.57 76.86 8.12
N ALA D 82 24.03 77.84 8.91
CA ALA D 82 25.24 77.70 9.70
C ALA D 82 25.09 76.73 10.87
N GLU D 83 23.87 76.42 11.30
CA GLU D 83 23.71 75.40 12.35
C GLU D 83 23.92 73.99 11.83
N ASP D 84 24.13 73.82 10.52
CA ASP D 84 24.22 72.51 9.90
C ASP D 84 25.65 71.95 9.96
N GLU D 85 26.62 72.71 10.48
CA GLU D 85 28.00 72.24 10.52
C GLU D 85 28.09 71.08 11.52
N ALA D 86 27.97 69.86 11.01
CA ALA D 86 27.79 68.69 11.85
C ALA D 86 28.10 67.45 11.03
N ASP D 87 28.09 66.30 11.72
CA ASP D 87 28.24 64.99 11.09
C ASP D 87 26.91 64.27 11.13
N TYR D 88 26.49 63.74 9.97
CA TYR D 88 25.19 63.09 9.82
C TYR D 88 25.38 61.59 9.58
N TYR D 89 24.77 60.79 10.45
CA TYR D 89 24.99 59.34 10.50
C TYR D 89 23.72 58.63 10.07
N CYS D 90 23.85 57.74 9.09
CA CYS D 90 22.75 56.86 8.70
C CYS D 90 22.69 55.67 9.65
N CYS D 91 21.47 55.22 9.95
CA CYS D 91 21.24 54.00 10.71
C CYS D 91 19.98 53.34 10.19
N SER D 92 19.97 52.00 10.20
CA SER D 92 18.87 51.26 9.60
C SER D 92 18.86 49.83 10.15
N PHE D 93 17.77 49.13 9.85
CA PHE D 93 17.67 47.72 10.14
C PHE D 93 18.76 46.95 9.44
N GLY D 94 19.46 46.08 10.18
CA GLY D 94 20.69 45.47 9.74
C GLY D 94 20.63 44.00 9.38
N GLY D 95 19.44 43.41 9.25
CA GLY D 95 19.36 42.00 8.92
C GLY D 95 19.65 41.12 10.12
N SER D 96 18.94 39.98 10.24
CA SER D 96 19.05 39.10 11.39
C SER D 96 18.78 39.86 12.68
N ALA D 97 17.85 40.81 12.62
CA ALA D 97 17.42 41.66 13.73
C ALA D 97 18.49 42.67 14.17
N THR D 98 19.65 42.70 13.52
CA THR D 98 20.68 43.65 13.93
C THR D 98 20.34 45.04 13.43
N VAL D 99 21.05 46.04 13.96
CA VAL D 99 20.99 47.41 13.51
C VAL D 99 22.42 47.86 13.22
N VAL D 100 22.58 48.62 12.13
CA VAL D 100 23.89 49.05 11.67
C VAL D 100 23.83 50.55 11.37
N CYS D 101 25.01 51.18 11.35
CA CYS D 101 25.11 52.61 11.08
C CYS D 101 26.34 52.87 10.21
N GLY D 102 26.29 54.00 9.50
CA GLY D 102 27.27 54.33 8.48
C GLY D 102 28.41 55.23 8.99
N GLY D 103 29.28 55.59 8.05
CA GLY D 103 30.51 56.31 8.36
C GLY D 103 30.29 57.72 8.90
N GLY D 104 29.37 58.48 8.30
CA GLY D 104 29.08 59.83 8.74
C GLY D 104 29.51 60.91 7.77
N THR D 105 28.55 61.61 7.17
CA THR D 105 28.86 62.67 6.22
C THR D 105 29.16 63.96 6.96
N LYS D 106 30.31 64.56 6.68
CA LYS D 106 30.61 65.89 7.18
C LYS D 106 29.86 66.92 6.35
N VAL D 107 29.37 67.96 7.03
CA VAL D 107 28.62 69.04 6.40
C VAL D 107 29.20 70.36 6.88
N THR D 108 29.32 71.32 5.97
CA THR D 108 29.92 72.61 6.28
C THR D 108 29.22 73.68 5.47
N VAL D 109 29.50 74.93 5.84
CA VAL D 109 29.07 76.10 5.08
C VAL D 109 30.11 76.38 3.99
N LEU D 110 29.98 75.69 2.87
CA LEU D 110 30.97 75.75 1.80
C LEU D 110 30.61 76.83 0.79
N GLU E 2 -33.53 18.54 -56.25
CA GLU E 2 -34.41 18.21 -55.09
C GLU E 2 -33.70 18.54 -53.77
N ASN E 3 -34.48 18.66 -52.70
CA ASN E 3 -33.94 19.12 -51.44
C ASN E 3 -33.15 18.01 -50.74
N LEU E 4 -32.19 18.43 -49.90
CA LEU E 4 -31.32 17.54 -49.16
C LEU E 4 -31.60 17.66 -47.67
N TRP E 5 -31.65 16.53 -46.98
CA TRP E 5 -31.92 16.46 -45.55
C TRP E 5 -30.76 15.73 -44.87
N VAL E 6 -30.45 16.18 -43.64
CA VAL E 6 -29.32 15.59 -42.92
C VAL E 6 -29.62 14.13 -42.61
N THR E 7 -28.71 13.25 -43.01
CA THR E 7 -28.81 11.81 -42.77
C THR E 7 -27.61 11.38 -41.96
N VAL E 8 -27.86 10.69 -40.85
CA VAL E 8 -26.83 10.35 -39.87
C VAL E 8 -26.37 8.92 -40.12
N TYR E 9 -25.06 8.72 -40.05
CA TYR E 9 -24.43 7.42 -40.26
C TYR E 9 -23.64 7.07 -39.01
N TYR E 10 -23.76 5.83 -38.55
CA TYR E 10 -23.01 5.31 -37.42
C TYR E 10 -22.26 4.06 -37.86
N GLY E 11 -21.09 3.84 -37.26
CA GLY E 11 -20.13 2.92 -37.84
C GLY E 11 -19.28 3.60 -38.88
N VAL E 12 -18.85 4.82 -38.60
CA VAL E 12 -18.28 5.71 -39.62
C VAL E 12 -16.78 5.83 -39.39
N PRO E 13 -15.92 5.60 -40.42
CA PRO E 13 -14.47 5.71 -40.15
C PRO E 13 -13.98 7.15 -40.11
N VAL E 14 -13.72 7.65 -38.90
CA VAL E 14 -13.22 9.00 -38.67
C VAL E 14 -12.39 8.98 -37.40
N TRP E 15 -11.37 9.85 -37.37
CA TRP E 15 -10.33 9.83 -36.35
C TRP E 15 -10.17 11.18 -35.67
N LYS E 16 -9.72 11.12 -34.41
CA LYS E 16 -9.15 12.24 -33.69
C LYS E 16 -7.94 11.72 -32.92
N GLU E 17 -6.77 12.29 -33.18
CA GLU E 17 -5.61 11.98 -32.36
C GLU E 17 -5.86 12.50 -30.95
N ALA E 18 -5.67 11.63 -29.95
CA ALA E 18 -6.11 11.95 -28.60
C ALA E 18 -5.30 11.14 -27.60
N LYS E 19 -5.39 11.56 -26.34
CA LYS E 19 -4.74 10.85 -25.24
C LYS E 19 -5.65 9.72 -24.76
N THR E 20 -5.06 8.55 -24.53
CA THR E 20 -5.81 7.40 -24.04
C THR E 20 -4.88 6.51 -23.23
N THR E 21 -5.48 5.69 -22.38
CA THR E 21 -4.74 4.74 -21.55
C THR E 21 -4.64 3.43 -22.31
N LEU E 22 -3.42 3.07 -22.70
CA LEU E 22 -3.22 1.88 -23.54
C LEU E 22 -3.07 0.64 -22.68
N PHE E 23 -3.42 -0.50 -23.25
CA PHE E 23 -3.15 -1.78 -22.59
C PHE E 23 -1.65 -2.04 -22.54
N CYS E 24 -1.28 -3.05 -21.77
CA CYS E 24 0.02 -3.70 -21.91
C CYS E 24 -0.22 -5.16 -22.27
N ALA E 25 0.39 -5.61 -23.36
CA ALA E 25 0.22 -6.97 -23.84
C ALA E 25 1.58 -7.58 -24.14
N SER E 26 1.69 -8.89 -23.91
CA SER E 26 2.92 -9.62 -24.10
C SER E 26 2.62 -11.01 -24.63
N ASP E 27 3.65 -11.67 -25.15
CA ASP E 27 3.47 -12.97 -25.79
C ASP E 27 3.11 -14.03 -24.76
N ALA E 28 2.55 -15.13 -25.25
CA ALA E 28 2.00 -16.16 -24.37
C ALA E 28 3.09 -16.91 -23.61
N ARG E 29 4.31 -16.94 -24.13
CA ARG E 29 5.36 -17.75 -23.51
C ARG E 29 5.80 -17.25 -22.14
N ALA E 30 5.42 -16.04 -21.75
CA ALA E 30 5.81 -15.50 -20.46
C ALA E 30 4.88 -15.90 -19.32
N TYR E 31 3.75 -16.55 -19.62
CA TYR E 31 2.69 -16.72 -18.63
C TYR E 31 2.69 -18.07 -17.93
N GLU E 32 3.62 -18.98 -18.29
CA GLU E 32 3.79 -20.20 -17.52
C GLU E 32 4.73 -20.01 -16.32
N LYS E 33 5.32 -18.82 -16.16
CA LYS E 33 6.27 -18.57 -15.08
C LYS E 33 5.53 -18.12 -13.82
N GLU E 34 6.31 -17.85 -12.77
CA GLU E 34 5.75 -17.42 -11.50
C GLU E 34 5.41 -15.93 -11.57
N VAL E 35 4.96 -15.39 -10.43
CA VAL E 35 4.48 -14.02 -10.38
C VAL E 35 5.64 -13.07 -10.61
N HIS E 36 5.44 -12.12 -11.54
CA HIS E 36 6.37 -11.02 -11.81
C HIS E 36 7.74 -11.53 -12.27
N ASN E 37 7.80 -12.74 -12.82
CA ASN E 37 9.03 -13.34 -13.32
C ASN E 37 8.84 -13.68 -14.79
N VAL E 38 9.08 -12.72 -15.69
CA VAL E 38 9.35 -11.28 -15.55
C VAL E 38 7.98 -10.59 -15.46
N TRP E 39 7.98 -9.28 -15.15
CA TRP E 39 6.76 -8.52 -14.90
C TRP E 39 5.66 -8.74 -15.95
N ALA E 40 6.05 -9.00 -17.20
CA ALA E 40 5.05 -9.16 -18.26
C ALA E 40 4.13 -10.34 -18.01
N THR E 41 4.57 -11.32 -17.22
CA THR E 41 3.73 -12.46 -16.88
C THR E 41 2.52 -12.06 -16.04
N HIS E 42 2.61 -10.97 -15.29
CA HIS E 42 1.63 -10.62 -14.26
C HIS E 42 0.96 -9.26 -14.51
N ALA E 43 1.70 -8.28 -15.00
CA ALA E 43 1.20 -6.91 -15.14
C ALA E 43 0.74 -6.60 -16.56
N CYS E 44 0.57 -7.61 -17.42
CA CYS E 44 0.16 -7.39 -18.80
C CYS E 44 -0.69 -8.57 -19.26
N VAL E 45 -1.52 -8.32 -20.27
CA VAL E 45 -2.48 -9.31 -20.77
C VAL E 45 -1.79 -10.20 -21.79
N PRO E 46 -2.18 -11.47 -21.96
CA PRO E 46 -1.68 -12.24 -23.11
C PRO E 46 -2.13 -11.59 -24.42
N THR E 47 -1.24 -11.65 -25.42
CA THR E 47 -1.50 -10.98 -26.68
C THR E 47 -2.32 -11.88 -27.62
N ASP E 48 -2.69 -11.31 -28.76
CA ASP E 48 -3.35 -12.02 -29.84
C ASP E 48 -2.80 -11.46 -31.15
N PRO E 49 -2.30 -12.29 -32.07
CA PRO E 49 -1.85 -11.76 -33.36
C PRO E 49 -2.94 -11.05 -34.14
N SER E 50 -4.19 -11.48 -34.00
CA SER E 50 -5.28 -10.80 -34.69
C SER E 50 -5.46 -9.39 -34.11
N PRO E 51 -5.82 -8.39 -34.93
CA PRO E 51 -6.09 -8.40 -36.38
C PRO E 51 -4.79 -8.44 -37.19
N GLN E 52 -4.89 -8.73 -38.49
CA GLN E 52 -3.72 -8.62 -39.35
C GLN E 52 -3.34 -7.15 -39.51
N GLU E 53 -2.12 -6.92 -40.01
CA GLU E 53 -1.66 -5.57 -40.27
C GLU E 53 -2.33 -5.03 -41.52
N LEU E 54 -3.62 -4.72 -41.43
CA LEU E 54 -4.37 -4.27 -42.59
C LEU E 54 -3.87 -2.90 -43.03
N VAL E 55 -3.92 -2.66 -44.34
CA VAL E 55 -3.37 -1.46 -44.95
C VAL E 55 -4.51 -0.58 -45.44
N LEU E 56 -4.50 0.68 -45.06
CA LEU E 56 -5.48 1.67 -45.51
C LEU E 56 -4.89 2.46 -46.68
N GLY E 57 -5.06 1.92 -47.88
CA GLY E 57 -4.27 2.35 -49.02
C GLY E 57 -4.43 3.81 -49.39
N ASN E 58 -5.65 4.33 -49.34
CA ASN E 58 -5.94 5.67 -49.86
C ASN E 58 -5.74 6.77 -48.83
N VAL E 59 -5.16 6.47 -47.66
CA VAL E 59 -5.12 7.40 -46.55
C VAL E 59 -3.88 8.30 -46.61
N THR E 60 -3.98 9.49 -46.02
CA THR E 60 -2.82 10.29 -45.67
C THR E 60 -3.06 10.84 -44.27
N GLU E 61 -2.05 10.70 -43.41
CA GLU E 61 -2.17 11.11 -42.00
C GLU E 61 -0.84 11.66 -41.51
N ASN E 62 -0.91 12.71 -40.71
CA ASN E 62 0.28 13.30 -40.09
C ASN E 62 0.62 12.58 -38.80
N PHE E 63 1.88 12.17 -38.65
CA PHE E 63 2.37 11.51 -37.45
C PHE E 63 3.44 12.37 -36.79
N ASN E 64 3.79 12.00 -35.56
CA ASN E 64 4.77 12.74 -34.78
C ASN E 64 5.37 11.82 -33.74
N MET E 65 6.55 12.22 -33.24
CA MET E 65 7.23 11.54 -32.13
C MET E 65 7.45 12.43 -30.93
N TRP E 66 7.73 13.72 -31.13
CA TRP E 66 8.25 14.58 -30.09
C TRP E 66 7.14 15.31 -29.33
N LYS E 67 6.03 15.60 -30.01
CA LYS E 67 4.77 15.91 -29.34
C LYS E 67 3.98 14.67 -28.99
N ASN E 68 4.47 13.48 -29.34
CA ASN E 68 3.73 12.25 -29.09
C ASN E 68 3.58 12.01 -27.60
N ASP E 69 2.33 11.76 -27.18
CA ASP E 69 2.06 11.47 -25.78
C ASP E 69 2.44 10.05 -25.38
N MET E 70 2.39 9.12 -26.33
CA MET E 70 2.46 7.70 -25.96
C MET E 70 3.83 7.32 -25.42
N VAL E 71 4.90 7.96 -25.89
CA VAL E 71 6.22 7.67 -25.34
C VAL E 71 6.29 8.08 -23.88
N ASP E 72 5.74 9.27 -23.56
CA ASP E 72 5.68 9.69 -22.17
C ASP E 72 4.80 8.78 -21.34
N GLN E 73 3.69 8.32 -21.91
CA GLN E 73 2.83 7.39 -21.19
C GLN E 73 3.55 6.08 -20.92
N MET E 74 4.36 5.61 -21.87
CA MET E 74 5.16 4.41 -21.64
C MET E 74 6.19 4.66 -20.54
N HIS E 75 6.81 5.84 -20.54
CA HIS E 75 7.77 6.17 -19.48
C HIS E 75 7.10 6.10 -18.12
N GLU E 76 5.92 6.71 -17.99
CA GLU E 76 5.19 6.65 -16.73
C GLU E 76 4.80 5.22 -16.37
N ASP E 77 4.36 4.44 -17.36
CA ASP E 77 3.99 3.05 -17.10
C ASP E 77 5.17 2.25 -16.57
N ILE E 78 6.33 2.40 -17.22
CA ILE E 78 7.52 1.67 -16.80
C ILE E 78 7.92 2.08 -15.39
N ILE E 79 7.92 3.38 -15.10
CA ILE E 79 8.32 3.85 -13.77
C ILE E 79 7.36 3.34 -12.70
N SER E 80 6.05 3.42 -12.95
CA SER E 80 5.08 2.99 -11.95
C SER E 80 5.16 1.49 -11.72
N LEU E 81 5.25 0.71 -12.82
CA LEU E 81 5.49 -0.71 -12.69
C LEU E 81 6.77 -0.99 -11.92
N TRP E 82 7.78 -0.14 -12.08
CA TRP E 82 9.07 -0.43 -11.47
C TRP E 82 8.98 -0.27 -9.97
N ASP E 83 8.35 0.83 -9.53
CA ASP E 83 8.06 1.02 -8.11
C ASP E 83 7.21 -0.11 -7.56
N GLN E 84 6.24 -0.60 -8.35
CA GLN E 84 5.46 -1.74 -7.89
C GLN E 84 6.30 -2.99 -7.77
N SER E 85 7.31 -3.14 -8.64
CA SER E 85 8.10 -4.37 -8.66
C SER E 85 9.08 -4.42 -7.49
N LEU E 86 9.68 -3.28 -7.14
CA LEU E 86 10.65 -3.28 -6.05
C LEU E 86 10.02 -3.06 -4.69
N LYS E 87 8.71 -2.84 -4.63
CA LYS E 87 8.03 -2.68 -3.34
C LYS E 87 8.20 -3.88 -2.41
N PRO E 88 7.94 -5.13 -2.81
CA PRO E 88 8.00 -6.24 -1.86
C PRO E 88 9.42 -6.66 -1.46
N CYS E 89 10.45 -6.19 -2.15
CA CYS E 89 11.80 -6.66 -1.88
C CYS E 89 12.37 -6.03 -0.62
N VAL E 90 13.49 -6.59 -0.16
CA VAL E 90 14.12 -6.14 1.09
C VAL E 90 14.52 -4.68 0.95
N LYS E 91 14.33 -3.91 2.03
CA LYS E 91 14.53 -2.48 2.03
C LYS E 91 15.96 -2.06 2.35
N LEU E 92 16.82 -3.00 2.76
CA LEU E 92 18.16 -2.69 3.24
C LEU E 92 18.07 -1.67 4.38
N THR E 93 19.13 -0.82 4.56
CA THR E 93 19.34 0.23 5.57
C THR E 93 20.30 -0.20 6.69
N PRO E 94 20.44 -1.49 7.03
CA PRO E 94 21.59 -1.87 7.88
C PRO E 94 22.90 -2.00 7.12
N LEU E 95 22.98 -1.56 5.87
CA LEU E 95 24.25 -1.59 5.15
C LEU E 95 25.00 -0.27 5.24
N CYS E 96 24.35 0.80 5.72
CA CYS E 96 25.02 2.09 5.86
C CYS E 96 25.82 2.19 7.15
N VAL E 97 26.08 1.06 7.80
CA VAL E 97 27.01 1.02 8.94
C VAL E 97 28.39 1.40 8.41
N THR E 98 29.29 1.80 9.32
CA THR E 98 30.64 2.18 8.91
C THR E 98 31.36 0.99 8.28
N LEU E 99 31.57 1.04 6.98
CA LEU E 99 32.33 0.01 6.29
C LEU E 99 33.82 0.28 6.44
N ILE E 100 34.54 -0.72 6.91
CA ILE E 100 36.01 -0.67 7.02
C ILE E 100 36.58 -1.48 5.87
N CYS E 101 37.19 -0.79 4.91
CA CYS E 101 37.63 -1.39 3.65
C CYS E 101 39.15 -1.47 3.63
N SER E 102 39.66 -2.64 3.27
CA SER E 102 41.09 -2.90 3.36
C SER E 102 41.80 -2.51 2.08
N ASN E 103 43.05 -2.08 2.23
CA ASN E 103 43.94 -1.89 1.09
C ASN E 103 44.45 -3.24 0.61
N ALA E 104 45.21 -3.21 -0.49
CA ALA E 104 45.73 -4.43 -1.10
C ALA E 104 47.11 -4.16 -1.67
N THR E 105 47.96 -5.20 -1.64
CA THR E 105 49.30 -5.12 -2.20
C THR E 105 49.33 -5.36 -3.71
N VAL E 106 48.24 -5.87 -4.30
CA VAL E 106 48.21 -6.10 -5.74
C VAL E 106 48.25 -4.76 -6.46
N LYS E 107 49.09 -4.68 -7.49
CA LYS E 107 49.28 -3.44 -8.21
C LYS E 107 47.98 -3.02 -8.91
N ASN E 108 47.69 -1.73 -8.86
CA ASN E 108 46.50 -1.19 -9.51
C ASN E 108 46.76 -0.98 -11.00
N GLY E 109 45.70 -0.70 -11.73
CA GLY E 109 45.80 -0.44 -13.16
C GLY E 109 44.47 -0.68 -13.85
N THR E 110 44.56 -1.17 -15.08
CA THR E 110 43.38 -1.47 -15.88
C THR E 110 42.89 -2.88 -15.58
N VAL E 111 42.50 -3.11 -14.32
CA VAL E 111 42.03 -4.41 -13.85
C VAL E 111 40.73 -4.33 -13.08
N GLU E 112 40.25 -3.14 -12.75
CA GLU E 112 38.99 -2.94 -12.02
C GLU E 112 39.02 -3.67 -10.68
N GLU E 113 39.92 -3.21 -9.81
CA GLU E 113 40.04 -3.79 -8.48
C GLU E 113 38.92 -3.26 -7.58
N MET E 114 38.33 -4.16 -6.79
CA MET E 114 37.25 -3.80 -5.88
C MET E 114 37.78 -3.69 -4.46
N LYS E 115 36.93 -3.20 -3.57
CA LYS E 115 37.30 -2.96 -2.17
C LYS E 115 36.63 -3.98 -1.28
N ASN E 116 37.43 -4.67 -0.46
CA ASN E 116 36.94 -5.69 0.47
C ASN E 116 36.54 -4.99 1.76
N CYS E 117 35.24 -4.76 1.93
CA CYS E 117 34.71 -3.95 3.02
C CYS E 117 34.04 -4.85 4.05
N SER E 118 34.47 -4.71 5.31
CA SER E 118 33.93 -5.47 6.43
C SER E 118 33.10 -4.54 7.30
N PHE E 119 31.97 -5.03 7.79
CA PHE E 119 30.97 -4.19 8.44
C PHE E 119 30.11 -5.04 9.37
N ASN E 120 29.49 -4.35 10.32
CA ASN E 120 28.63 -5.02 11.29
C ASN E 120 27.19 -5.11 10.76
N THR E 121 26.53 -6.22 11.07
CA THR E 121 25.17 -6.47 10.64
C THR E 121 24.32 -6.92 11.82
N THR E 122 23.04 -6.59 11.79
CA THR E 122 22.08 -7.15 12.74
C THR E 122 21.63 -8.50 12.23
N THR E 123 22.08 -9.57 12.90
CA THR E 123 21.78 -10.93 12.46
C THR E 123 20.29 -11.22 12.70
N GLU E 124 19.91 -12.48 12.47
CA GLU E 124 18.52 -12.89 12.70
C GLU E 124 18.07 -12.59 14.12
N ILE E 125 18.99 -12.68 15.08
CA ILE E 125 18.76 -12.16 16.42
C ILE E 125 18.84 -10.65 16.29
N ARG E 126 17.67 -9.99 16.23
CA ARG E 126 17.57 -8.61 15.77
C ARG E 126 18.38 -7.67 16.66
N ASP E 127 18.42 -7.95 17.97
CA ASP E 127 19.18 -7.15 18.92
C ASP E 127 20.52 -7.81 19.25
N LYS E 128 21.14 -8.44 18.25
CA LYS E 128 22.49 -8.96 18.37
C LYS E 128 23.16 -8.83 17.01
N GLU E 129 24.49 -8.78 17.01
CA GLU E 129 25.24 -8.39 15.82
C GLU E 129 26.46 -9.28 15.65
N LYS E 130 26.98 -9.29 14.42
CA LYS E 130 28.19 -10.01 14.07
C LYS E 130 28.93 -9.23 12.98
N LYS E 131 30.24 -9.48 12.88
CA LYS E 131 31.02 -8.88 11.80
C LYS E 131 30.85 -9.71 10.53
N GLU E 132 30.71 -9.02 9.40
CA GLU E 132 30.52 -9.66 8.10
C GLU E 132 31.29 -8.87 7.05
N TYR E 133 31.74 -9.58 6.02
CA TYR E 133 32.55 -9.01 4.95
C TYR E 133 31.90 -9.24 3.60
N ALA E 134 32.04 -8.26 2.72
CA ALA E 134 31.53 -8.36 1.35
C ALA E 134 32.31 -7.37 0.49
N LEU E 135 32.47 -7.74 -0.78
CA LEU E 135 33.25 -6.94 -1.72
C LEU E 135 32.33 -6.06 -2.55
N PHE E 136 32.59 -4.76 -2.55
CA PHE E 136 31.81 -3.78 -3.27
C PHE E 136 32.67 -3.11 -4.34
N TYR E 137 32.08 -2.82 -5.49
CA TYR E 137 32.77 -2.05 -6.51
C TYR E 137 33.03 -0.65 -6.00
N LYS E 138 34.11 -0.04 -6.49
CA LYS E 138 34.49 1.29 -6.03
C LYS E 138 33.42 2.36 -6.24
N PRO E 139 32.69 2.40 -7.37
CA PRO E 139 31.61 3.41 -7.49
C PRO E 139 30.51 3.28 -6.45
N ASP E 140 30.35 2.12 -5.83
CA ASP E 140 29.35 1.93 -4.79
C ASP E 140 29.75 2.51 -3.44
N ILE E 141 30.98 3.02 -3.31
CA ILE E 141 31.58 3.28 -2.01
C ILE E 141 32.15 4.70 -2.01
N VAL E 142 32.03 5.37 -0.87
CA VAL E 142 32.44 6.77 -0.70
C VAL E 142 33.18 6.89 0.64
N PRO E 143 34.23 7.70 0.76
CA PRO E 143 34.82 7.92 2.09
C PRO E 143 33.86 8.62 3.04
N LEU E 144 34.02 8.34 4.34
CA LEU E 144 32.91 8.49 5.28
C LEU E 144 32.45 9.93 5.42
N SER E 145 33.28 10.81 5.98
CA SER E 145 32.78 12.09 6.47
C SER E 145 33.95 13.00 6.80
N GLU E 146 33.61 14.21 7.26
CA GLU E 146 34.62 15.17 7.70
C GLU E 146 35.42 14.68 8.89
N THR E 147 34.86 13.77 9.71
CA THR E 147 35.63 13.05 10.70
C THR E 147 36.47 11.99 9.98
N ASN E 148 37.53 12.48 9.32
CA ASN E 148 38.15 11.75 8.23
C ASN E 148 38.95 10.57 8.74
N ASN E 149 38.73 9.42 8.10
CA ASN E 149 39.58 8.25 8.27
C ASN E 149 39.55 7.49 6.95
N THR E 150 40.70 7.43 6.28
CA THR E 150 40.75 6.85 4.94
C THR E 150 40.40 5.36 4.91
N SER E 151 40.43 4.67 6.06
CA SER E 151 40.10 3.25 6.11
C SER E 151 38.63 2.97 6.36
N GLU E 152 37.79 3.99 6.50
CA GLU E 152 36.37 3.84 6.83
C GLU E 152 35.55 4.45 5.71
N TYR E 153 34.45 3.79 5.35
CA TYR E 153 33.70 4.12 4.14
C TYR E 153 32.20 3.97 4.38
N ARG E 154 31.43 4.46 3.41
CA ARG E 154 29.97 4.40 3.41
C ARG E 154 29.51 3.99 2.02
N LEU E 155 28.35 3.35 1.96
CA LEU E 155 27.69 3.16 0.67
C LEU E 155 27.34 4.51 0.07
N ILE E 156 27.26 4.55 -1.27
CA ILE E 156 26.99 5.83 -1.93
C ILE E 156 25.59 6.35 -1.61
N ASN E 157 24.68 5.47 -1.19
CA ASN E 157 23.39 5.92 -0.66
C ASN E 157 23.57 6.45 0.75
N CYS E 158 22.47 6.84 1.39
CA CYS E 158 22.38 7.43 2.73
C CYS E 158 22.87 8.87 2.76
N ASN E 159 23.50 9.34 1.69
CA ASN E 159 23.38 10.74 1.28
C ASN E 159 22.09 10.97 0.48
N THR E 160 21.31 9.92 0.28
CA THR E 160 20.13 9.91 -0.57
C THR E 160 19.15 8.96 0.12
N SER E 161 17.89 8.96 -0.33
CA SER E 161 16.92 7.99 0.16
C SER E 161 17.47 6.58 0.02
N ALA E 162 17.32 5.78 1.08
CA ALA E 162 17.91 4.45 1.12
C ALA E 162 17.37 3.58 0.00
N CYS E 163 18.04 2.45 -0.20
CA CYS E 163 17.95 1.72 -1.45
C CYS E 163 17.47 0.31 -1.18
N THR E 164 16.90 -0.32 -2.22
CA THR E 164 16.30 -1.63 -2.10
C THR E 164 16.91 -2.60 -3.09
N GLN E 165 17.23 -3.80 -2.61
CA GLN E 165 17.77 -4.84 -3.47
C GLN E 165 16.69 -5.35 -4.41
N ALA E 166 17.10 -5.70 -5.63
CA ALA E 166 16.19 -6.38 -6.55
C ALA E 166 16.16 -7.86 -6.22
N CYS E 167 14.97 -8.41 -6.02
CA CYS E 167 14.86 -9.81 -5.63
C CYS E 167 15.38 -10.70 -6.76
N PRO E 168 16.11 -11.78 -6.46
CA PRO E 168 16.53 -12.68 -7.54
C PRO E 168 15.37 -13.40 -8.21
N LYS E 169 14.20 -13.44 -7.58
CA LYS E 169 13.04 -14.12 -8.16
C LYS E 169 12.51 -13.42 -9.41
N VAL E 170 12.95 -12.19 -9.70
CA VAL E 170 12.59 -11.48 -10.91
C VAL E 170 13.87 -11.15 -11.67
N THR E 171 13.82 -11.30 -12.99
CA THR E 171 14.95 -11.06 -13.88
C THR E 171 14.57 -10.01 -14.91
N PHE E 172 15.48 -9.07 -15.16
CA PHE E 172 15.13 -7.87 -15.92
C PHE E 172 15.57 -8.03 -17.38
N GLU E 173 15.10 -9.08 -18.02
CA GLU E 173 15.32 -9.23 -19.46
C GLU E 173 14.43 -8.25 -20.20
N PRO E 174 14.89 -7.68 -21.34
CA PRO E 174 13.98 -6.81 -22.10
C PRO E 174 12.92 -7.63 -22.83
N ILE E 175 11.94 -8.11 -22.07
CA ILE E 175 10.88 -8.94 -22.66
C ILE E 175 10.07 -8.08 -23.63
N PRO E 176 9.70 -8.56 -24.81
CA PRO E 176 8.89 -7.73 -25.71
C PRO E 176 7.54 -7.39 -25.10
N ILE E 177 7.12 -6.14 -25.29
CA ILE E 177 5.87 -5.62 -24.76
C ILE E 177 5.06 -5.07 -25.92
N HIS E 178 3.88 -5.62 -26.13
CA HIS E 178 2.93 -5.10 -27.12
C HIS E 178 2.00 -4.12 -26.43
N TYR E 179 2.06 -2.85 -26.84
CA TYR E 179 1.07 -1.87 -26.42
C TYR E 179 -0.10 -1.86 -27.38
N CYS E 180 -1.31 -1.85 -26.82
CA CYS E 180 -2.54 -1.98 -27.59
C CYS E 180 -3.51 -0.89 -27.17
N ALA E 181 -4.14 -0.26 -28.16
CA ALA E 181 -5.14 0.75 -27.87
C ALA E 181 -6.38 0.08 -27.25
N PRO E 182 -7.07 0.74 -26.33
CA PRO E 182 -8.29 0.14 -25.78
C PRO E 182 -9.41 0.15 -26.81
N ALA E 183 -10.44 -0.64 -26.50
CA ALA E 183 -11.58 -0.75 -27.41
C ALA E 183 -12.22 0.61 -27.63
N GLY E 184 -12.60 0.89 -28.88
CA GLY E 184 -13.05 2.20 -29.28
C GLY E 184 -11.96 3.11 -29.80
N TYR E 185 -10.70 2.78 -29.55
CA TYR E 185 -9.55 3.43 -30.16
C TYR E 185 -8.82 2.44 -31.05
N ALA E 186 -7.96 2.97 -31.91
CA ALA E 186 -7.11 2.16 -32.78
C ALA E 186 -5.74 2.81 -32.88
N ILE E 187 -4.77 2.01 -33.32
CA ILE E 187 -3.40 2.48 -33.55
C ILE E 187 -3.14 2.46 -35.05
N LEU E 188 -2.62 3.56 -35.56
CA LEU E 188 -2.22 3.67 -36.96
C LEU E 188 -0.71 3.58 -37.07
N LYS E 189 -0.23 2.71 -37.97
CA LYS E 189 1.17 2.37 -38.12
C LYS E 189 1.64 2.86 -39.49
N CYS E 190 2.68 3.69 -39.50
CA CYS E 190 3.21 4.18 -40.77
C CYS E 190 3.84 3.02 -41.54
N ASN E 191 3.43 2.88 -42.80
CA ASN E 191 3.97 1.85 -43.67
C ASN E 191 5.13 2.34 -44.53
N ASP E 192 5.32 3.65 -44.64
CA ASP E 192 6.40 4.19 -45.47
C ASP E 192 7.70 4.19 -44.67
N GLU E 193 8.69 3.46 -45.18
CA GLU E 193 9.99 3.36 -44.51
C GLU E 193 10.76 4.67 -44.51
N THR E 194 10.39 5.63 -45.36
CA THR E 194 11.13 6.88 -45.48
C THR E 194 10.72 7.93 -44.46
N PHE E 195 9.94 7.56 -43.45
CA PHE E 195 9.44 8.52 -42.46
C PHE E 195 10.60 9.15 -41.70
N ASN E 196 10.59 10.48 -41.62
CA ASN E 196 11.70 11.25 -41.07
C ASN E 196 11.36 11.94 -39.75
N GLY E 197 10.38 11.43 -39.01
CA GLY E 197 10.08 11.90 -37.66
C GLY E 197 8.81 12.72 -37.55
N THR E 198 8.49 13.52 -38.55
CA THR E 198 7.29 14.35 -38.52
C THR E 198 6.81 14.55 -39.96
N GLY E 199 5.51 14.78 -40.10
CA GLY E 199 4.89 15.03 -41.39
C GLY E 199 4.06 13.86 -41.87
N PRO E 200 3.45 14.01 -43.04
CA PRO E 200 2.48 13.00 -43.50
C PRO E 200 3.14 11.71 -43.96
N CYS E 201 2.73 10.60 -43.35
CA CYS E 201 2.92 9.28 -43.94
C CYS E 201 1.75 9.06 -44.90
N SER E 202 2.04 9.04 -46.20
CA SER E 202 1.00 8.90 -47.22
C SER E 202 0.63 7.42 -47.47
N ASN E 203 1.01 6.51 -46.57
CA ASN E 203 0.62 5.12 -46.68
C ASN E 203 0.68 4.50 -45.28
N VAL E 204 -0.47 4.14 -44.73
CA VAL E 204 -0.60 3.80 -43.32
C VAL E 204 -1.30 2.46 -43.20
N SER E 205 -0.96 1.72 -42.14
CA SER E 205 -1.61 0.48 -41.76
C SER E 205 -2.19 0.64 -40.37
N THR E 206 -3.14 -0.24 -40.04
CA THR E 206 -3.84 -0.21 -38.76
C THR E 206 -3.67 -1.55 -38.04
N VAL E 207 -3.39 -1.46 -36.75
CA VAL E 207 -3.27 -2.64 -35.89
C VAL E 207 -3.86 -2.27 -34.54
N GLN E 208 -4.36 -3.28 -33.83
CA GLN E 208 -4.81 -3.07 -32.45
C GLN E 208 -3.67 -3.14 -31.45
N CYS E 209 -2.58 -3.82 -31.79
CA CYS E 209 -1.44 -3.99 -30.91
C CYS E 209 -0.15 -3.66 -31.65
N THR E 210 0.81 -3.10 -30.91
CA THR E 210 2.07 -2.67 -31.51
C THR E 210 3.06 -3.82 -31.57
N HIS E 211 4.21 -3.53 -32.19
CA HIS E 211 5.36 -4.41 -32.21
C HIS E 211 5.75 -4.79 -30.78
N GLY E 212 6.47 -5.91 -30.61
CA GLY E 212 6.92 -6.31 -29.30
C GLY E 212 8.02 -5.40 -28.78
N ILE E 213 7.64 -4.18 -28.37
CA ILE E 213 8.59 -3.13 -28.03
C ILE E 213 9.50 -3.62 -26.92
N ARG E 214 10.80 -3.40 -27.08
CA ARG E 214 11.77 -3.76 -26.06
C ARG E 214 11.84 -2.64 -25.02
N PRO E 215 11.57 -2.92 -23.70
CA PRO E 215 11.77 -1.91 -22.67
C PRO E 215 13.24 -1.85 -22.21
N VAL E 216 14.13 -1.58 -23.14
CA VAL E 216 15.56 -1.76 -22.92
C VAL E 216 16.13 -0.53 -22.22
N VAL E 217 17.02 -0.78 -21.26
CA VAL E 217 17.71 0.28 -20.53
C VAL E 217 19.10 0.42 -21.18
N SER E 218 19.33 1.53 -21.85
CA SER E 218 20.60 1.78 -22.52
C SER E 218 20.72 3.26 -22.84
N THR E 219 21.92 3.81 -22.57
CA THR E 219 22.09 5.25 -22.60
C THR E 219 22.60 5.77 -23.95
N GLN E 220 23.82 5.38 -24.34
CA GLN E 220 24.46 5.99 -25.49
C GLN E 220 24.18 5.23 -26.78
N LEU E 221 23.87 3.93 -26.69
CA LEU E 221 23.52 3.13 -27.85
C LEU E 221 22.22 2.40 -27.56
N LEU E 222 21.51 2.05 -28.62
CA LEU E 222 20.21 1.40 -28.53
C LEU E 222 20.40 -0.08 -28.79
N LEU E 223 19.98 -0.91 -27.83
CA LEU E 223 20.32 -2.33 -27.79
C LEU E 223 19.10 -3.18 -28.12
N ASN E 224 19.30 -4.15 -29.01
CA ASN E 224 18.28 -5.14 -29.37
C ASN E 224 17.01 -4.48 -29.92
N GLY E 225 17.14 -3.30 -30.51
CA GLY E 225 15.98 -2.57 -31.00
C GLY E 225 15.53 -3.04 -32.38
N SER E 226 14.51 -2.35 -32.89
CA SER E 226 13.99 -2.64 -34.21
C SER E 226 14.91 -2.02 -35.27
N LEU E 227 14.62 -2.35 -36.53
CA LEU E 227 15.46 -1.97 -37.67
C LEU E 227 14.61 -1.33 -38.76
N ALA E 228 15.23 -0.44 -39.53
CA ALA E 228 14.56 0.18 -40.67
C ALA E 228 14.53 -0.80 -41.84
N GLU E 229 13.53 -0.63 -42.70
CA GLU E 229 13.30 -1.63 -43.74
C GLU E 229 14.30 -1.53 -44.88
N LYS E 230 14.64 -0.31 -45.33
CA LYS E 230 15.42 -0.13 -46.57
C LYS E 230 16.63 0.78 -46.43
N GLU E 231 16.71 1.67 -45.44
CA GLU E 231 17.81 2.62 -45.39
C GLU E 231 18.01 3.11 -43.97
N ILE E 232 19.24 3.55 -43.69
CA ILE E 232 19.56 4.16 -42.40
C ILE E 232 18.83 5.48 -42.29
N VAL E 233 18.31 5.77 -41.09
CA VAL E 233 17.41 6.89 -40.87
C VAL E 233 17.99 7.77 -39.77
N ILE E 234 17.68 9.07 -39.84
CA ILE E 234 18.01 10.04 -38.81
C ILE E 234 16.73 10.76 -38.44
N ARG E 235 16.57 11.04 -37.14
CA ARG E 235 15.36 11.64 -36.61
C ARG E 235 15.71 12.68 -35.55
N SER E 236 15.02 13.80 -35.59
CA SER E 236 15.22 14.88 -34.62
C SER E 236 14.05 15.84 -34.72
N GLU E 237 13.68 16.42 -33.56
CA GLU E 237 12.60 17.41 -33.56
C GLU E 237 12.99 18.63 -34.35
N ASN E 238 14.22 19.12 -34.16
CA ASN E 238 14.69 20.30 -34.89
C ASN E 238 16.22 20.22 -34.93
N LEU E 239 16.76 19.86 -36.10
CA LEU E 239 18.21 19.75 -36.24
C LEU E 239 18.93 21.08 -36.10
N THR E 240 18.21 22.20 -36.21
CA THR E 240 18.85 23.50 -36.02
C THR E 240 19.40 23.67 -34.61
N ASN E 241 18.75 23.07 -33.62
CA ASN E 241 19.14 23.25 -32.23
C ASN E 241 20.32 22.36 -31.88
N ASN E 242 21.27 22.91 -31.13
CA ASN E 242 22.37 22.12 -30.59
C ASN E 242 21.98 21.33 -29.34
N ALA E 243 20.87 21.70 -28.69
CA ALA E 243 20.48 21.06 -27.44
C ALA E 243 19.65 19.80 -27.65
N LYS E 244 18.94 19.71 -28.78
CA LYS E 244 18.00 18.61 -29.00
C LYS E 244 18.74 17.35 -29.40
N ILE E 245 18.29 16.21 -28.85
CA ILE E 245 18.89 14.93 -29.18
C ILE E 245 18.57 14.58 -30.64
N ILE E 246 19.49 13.87 -31.28
CA ILE E 246 19.32 13.35 -32.64
C ILE E 246 19.41 11.83 -32.56
N ILE E 247 18.36 11.16 -33.00
CA ILE E 247 18.32 9.70 -33.03
C ILE E 247 18.79 9.24 -34.41
N VAL E 248 19.53 8.12 -34.42
CA VAL E 248 19.95 7.46 -35.65
C VAL E 248 19.45 6.02 -35.58
N HIS E 249 18.85 5.56 -36.68
CA HIS E 249 18.26 4.23 -36.75
C HIS E 249 18.87 3.50 -37.95
N LEU E 250 19.35 2.29 -37.72
CA LEU E 250 20.20 1.58 -38.66
C LEU E 250 19.42 0.63 -39.56
N HIS E 251 20.02 0.34 -40.72
CA HIS E 251 19.50 -0.66 -41.65
C HIS E 251 19.88 -2.06 -41.21
N THR E 252 21.15 -2.28 -40.85
CA THR E 252 21.67 -3.54 -40.36
C THR E 252 22.26 -3.35 -38.98
N PRO E 253 22.27 -4.38 -38.13
CA PRO E 253 22.76 -4.20 -36.77
C PRO E 253 24.28 -4.33 -36.71
N VAL E 254 24.85 -3.66 -35.72
CA VAL E 254 26.27 -3.78 -35.37
C VAL E 254 26.37 -4.58 -34.10
N GLU E 255 26.95 -5.77 -34.18
CA GLU E 255 26.95 -6.69 -33.06
C GLU E 255 27.87 -6.19 -31.95
N ILE E 256 27.39 -6.27 -30.72
CA ILE E 256 28.15 -5.88 -29.53
C ILE E 256 28.07 -7.04 -28.53
N VAL E 257 29.22 -7.40 -27.96
CA VAL E 257 29.31 -8.43 -26.93
C VAL E 257 30.07 -7.86 -25.74
N CYS E 258 29.51 -8.03 -24.55
CA CYS E 258 30.11 -7.56 -23.31
C CYS E 258 30.20 -8.73 -22.34
N THR E 259 31.05 -8.60 -21.34
CA THR E 259 31.24 -9.71 -20.43
C THR E 259 32.01 -9.28 -19.19
N ARG E 260 31.74 -9.99 -18.08
CA ARG E 260 32.60 -9.96 -16.91
C ARG E 260 33.51 -11.19 -16.94
N PRO E 261 34.82 -11.04 -17.16
CA PRO E 261 35.71 -12.19 -16.97
C PRO E 261 35.93 -12.52 -15.49
N ASN E 262 35.62 -11.59 -14.58
CA ASN E 262 35.71 -11.89 -13.16
C ASN E 262 34.65 -12.92 -12.78
N ASN E 263 35.06 -13.93 -12.02
CA ASN E 263 34.17 -15.02 -11.62
C ASN E 263 33.72 -14.80 -10.18
N ASN E 264 32.70 -13.96 -10.04
CA ASN E 264 32.14 -13.66 -8.73
C ASN E 264 31.48 -14.89 -8.14
N THR E 265 31.44 -14.95 -6.81
CA THR E 265 30.62 -15.90 -6.07
C THR E 265 29.62 -15.14 -5.22
N ARG E 266 28.37 -15.57 -5.26
CA ARG E 266 27.29 -14.85 -4.59
C ARG E 266 27.31 -15.20 -3.10
N LYS E 267 27.69 -14.24 -2.27
CA LYS E 267 27.58 -14.39 -0.84
C LYS E 267 26.14 -14.13 -0.40
N SER E 268 25.75 -14.76 0.70
CA SER E 268 24.38 -14.69 1.22
C SER E 268 24.44 -14.20 2.67
N VAL E 269 24.41 -12.89 2.83
CA VAL E 269 24.36 -12.27 4.16
C VAL E 269 22.90 -12.18 4.59
N ARG E 270 22.67 -12.43 5.88
CA ARG E 270 21.35 -12.33 6.49
C ARG E 270 21.25 -11.00 7.23
N ILE E 271 20.18 -10.25 6.96
CA ILE E 271 19.97 -8.92 7.51
C ILE E 271 18.63 -8.94 8.23
N GLY E 272 18.66 -9.14 9.55
CA GLY E 272 17.47 -9.05 10.35
C GLY E 272 16.55 -10.26 10.15
N PRO E 273 15.22 -10.04 10.14
CA PRO E 273 14.31 -11.19 10.19
C PRO E 273 14.19 -11.96 8.87
N GLY E 274 15.12 -12.88 8.63
CA GLY E 274 14.99 -13.81 7.54
C GLY E 274 15.44 -13.31 6.19
N GLN E 275 15.14 -12.05 5.86
CA GLN E 275 15.50 -11.50 4.57
C GLN E 275 17.02 -11.49 4.39
N THR E 276 17.46 -11.84 3.18
CA THR E 276 18.88 -11.99 2.87
C THR E 276 19.35 -10.82 2.02
N PHE E 277 20.60 -10.42 2.21
CA PHE E 277 21.28 -9.43 1.39
C PHE E 277 22.43 -10.12 0.66
N TYR E 278 22.40 -10.07 -0.67
CA TYR E 278 23.38 -10.75 -1.50
C TYR E 278 24.48 -9.78 -1.89
N ALA E 279 25.73 -10.26 -1.85
CA ALA E 279 26.87 -9.43 -2.16
C ALA E 279 27.99 -10.30 -2.73
N THR E 280 28.92 -9.64 -3.42
CA THR E 280 30.00 -10.35 -4.08
C THR E 280 30.97 -10.91 -3.05
N GLY E 281 31.26 -12.21 -3.15
CA GLY E 281 32.24 -12.83 -2.27
C GLY E 281 33.63 -12.73 -2.83
N ASP E 282 34.39 -13.83 -2.77
CA ASP E 282 35.72 -13.85 -3.35
C ASP E 282 35.65 -13.93 -4.87
N ILE E 283 36.71 -13.44 -5.52
CA ILE E 283 36.87 -13.58 -6.97
C ILE E 283 37.62 -14.88 -7.18
N ILE E 284 36.86 -15.97 -7.37
CA ILE E 284 37.46 -17.30 -7.50
C ILE E 284 38.00 -17.38 -8.92
N GLY E 285 39.26 -17.02 -9.08
CA GLY E 285 39.85 -16.87 -10.40
C GLY E 285 40.76 -15.66 -10.41
N ASP E 286 41.34 -15.42 -11.57
CA ASP E 286 42.22 -14.27 -11.73
C ASP E 286 41.42 -13.02 -12.02
N ILE E 287 41.91 -11.89 -11.53
CA ILE E 287 41.23 -10.61 -11.69
C ILE E 287 41.43 -10.15 -13.13
N LYS E 288 40.34 -9.74 -13.77
CA LYS E 288 40.36 -9.37 -15.18
C LYS E 288 39.39 -8.23 -15.43
N GLN E 289 39.50 -7.60 -16.60
CA GLN E 289 38.79 -6.37 -16.90
C GLN E 289 37.45 -6.69 -17.56
N ALA E 290 36.36 -6.19 -16.97
CA ALA E 290 35.07 -6.22 -17.65
C ALA E 290 35.08 -5.23 -18.81
N HIS E 291 34.49 -5.62 -19.93
CA HIS E 291 34.69 -4.88 -21.16
C HIS E 291 33.55 -5.17 -22.15
N CYS E 292 33.61 -4.48 -23.28
CA CYS E 292 32.71 -4.71 -24.40
C CYS E 292 33.51 -4.72 -25.69
N ASN E 293 32.93 -5.32 -26.73
CA ASN E 293 33.58 -5.48 -28.03
C ASN E 293 32.63 -5.13 -29.16
N ILE E 294 33.19 -4.57 -30.22
CA ILE E 294 32.48 -4.35 -31.48
C ILE E 294 33.44 -4.68 -32.61
N SER E 295 32.93 -5.34 -33.64
CA SER E 295 33.72 -5.60 -34.84
C SER E 295 34.09 -4.26 -35.47
N GLU E 296 35.40 -4.01 -35.58
CA GLU E 296 35.87 -2.66 -35.91
C GLU E 296 35.44 -2.23 -37.30
N GLU E 297 35.60 -3.10 -38.29
CA GLU E 297 35.27 -2.72 -39.66
C GLU E 297 33.77 -2.48 -39.83
N LYS E 298 32.94 -3.29 -39.19
CA LYS E 298 31.49 -3.07 -39.28
C LYS E 298 31.08 -1.78 -38.60
N TRP E 299 31.67 -1.46 -37.44
CA TRP E 299 31.40 -0.18 -36.81
C TRP E 299 31.85 0.98 -37.68
N ASN E 300 33.01 0.85 -38.34
CA ASN E 300 33.47 1.90 -39.23
C ASN E 300 32.50 2.10 -40.40
N ASP E 301 32.04 0.99 -40.98
CA ASP E 301 31.09 1.08 -42.09
C ASP E 301 29.79 1.73 -41.65
N THR E 302 29.26 1.31 -40.50
CA THR E 302 28.01 1.89 -40.01
C THR E 302 28.16 3.36 -39.68
N LEU E 303 29.31 3.74 -39.10
CA LEU E 303 29.53 5.15 -38.78
C LEU E 303 29.69 6.00 -40.03
N GLN E 304 30.35 5.50 -41.07
CA GLN E 304 30.46 6.25 -42.31
C GLN E 304 29.11 6.34 -43.02
N LYS E 305 28.27 5.31 -42.87
CA LYS E 305 26.95 5.37 -43.49
C LYS E 305 26.04 6.36 -42.75
N VAL E 306 26.12 6.39 -41.43
CA VAL E 306 25.48 7.47 -40.69
C VAL E 306 26.09 8.81 -41.10
N GLY E 307 27.35 8.81 -41.52
CA GLY E 307 27.93 10.00 -42.10
C GLY E 307 27.22 10.46 -43.36
N ILE E 308 26.95 9.52 -44.29
CA ILE E 308 26.26 9.94 -45.51
C ILE E 308 24.86 10.44 -45.17
N GLU E 309 24.22 9.82 -44.17
CA GLU E 309 22.87 10.25 -43.81
C GLU E 309 22.89 11.59 -43.08
N LEU E 310 23.98 11.91 -42.39
CA LEU E 310 24.13 13.23 -41.80
C LEU E 310 24.44 14.27 -42.87
N GLN E 311 25.10 13.86 -43.96
CA GLN E 311 25.40 14.79 -45.04
C GLN E 311 24.12 15.26 -45.74
N LYS E 312 23.08 14.43 -45.77
CA LYS E 312 21.83 14.83 -46.41
C LYS E 312 21.23 16.05 -45.72
N HIS E 313 21.51 16.23 -44.42
CA HIS E 313 21.08 17.40 -43.67
C HIS E 313 22.21 18.43 -43.50
N PHE E 314 23.45 18.04 -43.73
CA PHE E 314 24.60 18.96 -43.66
C PHE E 314 25.49 18.71 -44.88
N PRO E 315 25.01 19.11 -46.07
CA PRO E 315 25.71 18.70 -47.31
C PRO E 315 27.13 19.23 -47.45
N ASN E 316 27.41 20.46 -47.00
CA ASN E 316 28.69 21.11 -47.28
C ASN E 316 29.73 20.85 -46.20
N LYS E 317 29.62 19.76 -45.44
CA LYS E 317 30.52 19.49 -44.34
C LYS E 317 30.80 18.00 -44.21
N THR E 318 32.05 17.69 -43.87
CA THR E 318 32.39 16.37 -43.38
C THR E 318 31.89 16.22 -41.94
N ILE E 319 31.84 14.98 -41.46
CA ILE E 319 31.34 14.64 -40.14
C ILE E 319 32.50 14.15 -39.29
N LYS E 320 32.64 14.74 -38.10
CA LYS E 320 33.62 14.33 -37.11
C LYS E 320 32.87 13.79 -35.89
N TYR E 321 33.41 12.74 -35.29
CA TYR E 321 32.87 12.18 -34.05
C TYR E 321 33.91 12.33 -32.94
N ASN E 322 33.43 12.60 -31.73
CA ASN E 322 34.28 13.01 -30.62
C ASN E 322 33.87 12.28 -29.35
N GLN E 323 34.69 12.44 -28.32
CA GLN E 323 34.46 11.83 -27.02
C GLN E 323 33.14 12.34 -26.43
N SER E 324 32.60 11.57 -25.49
CA SER E 324 31.33 11.91 -24.88
C SER E 324 31.42 13.23 -24.09
N ALA E 325 30.29 13.66 -23.57
CA ALA E 325 30.19 14.99 -22.97
C ALA E 325 31.01 15.14 -21.70
N GLY E 326 31.13 14.07 -20.90
CA GLY E 326 31.83 14.14 -19.64
C GLY E 326 30.95 14.59 -18.50
N GLY E 327 31.52 14.51 -17.29
CA GLY E 327 30.80 14.91 -16.08
C GLY E 327 30.31 13.71 -15.30
N ASP E 328 28.99 13.60 -15.15
CA ASP E 328 28.41 12.53 -14.36
C ASP E 328 28.71 11.18 -15.00
N MET E 329 28.98 10.17 -14.17
CA MET E 329 29.32 8.85 -14.67
C MET E 329 28.18 8.21 -15.44
N GLU E 330 26.95 8.33 -14.92
CA GLU E 330 25.81 7.71 -15.56
C GLU E 330 25.39 8.41 -16.85
N ILE E 331 25.80 9.67 -17.04
CA ILE E 331 25.43 10.42 -18.23
C ILE E 331 26.49 10.30 -19.31
N THR E 332 27.78 10.42 -18.93
CA THR E 332 28.84 10.43 -19.93
C THR E 332 29.12 9.03 -20.47
N THR E 333 28.94 8.00 -19.66
CA THR E 333 29.25 6.63 -20.05
C THR E 333 28.04 5.94 -20.65
N HIS E 334 28.32 4.90 -21.42
CA HIS E 334 27.27 4.05 -22.00
C HIS E 334 26.79 3.07 -20.92
N SER E 335 25.75 3.46 -20.19
CA SER E 335 25.17 2.60 -19.17
C SER E 335 24.07 1.75 -19.78
N PHE E 336 24.12 0.44 -19.51
CA PHE E 336 23.11 -0.48 -20.03
C PHE E 336 23.09 -1.72 -19.16
N ASN E 337 22.02 -2.51 -19.32
CA ASN E 337 21.77 -3.68 -18.49
C ASN E 337 22.26 -4.92 -19.22
N CYS E 338 22.86 -5.84 -18.46
CA CYS E 338 23.47 -7.04 -19.03
C CYS E 338 23.34 -8.20 -18.06
N GLY E 339 22.28 -8.99 -18.22
CA GLY E 339 22.17 -10.26 -17.51
C GLY E 339 21.77 -10.16 -16.05
N GLY E 340 21.70 -8.95 -15.51
CA GLY E 340 21.47 -8.73 -14.09
C GLY E 340 22.42 -7.70 -13.54
N GLU E 341 23.64 -7.69 -14.07
CA GLU E 341 24.60 -6.62 -13.79
C GLU E 341 24.36 -5.46 -14.74
N PHE E 342 24.81 -4.27 -14.32
CA PHE E 342 24.63 -3.05 -15.08
C PHE E 342 26.00 -2.47 -15.38
N PHE E 343 26.37 -2.47 -16.66
CA PHE E 343 27.68 -2.02 -17.08
C PHE E 343 27.68 -0.50 -17.30
N TYR E 344 28.86 0.09 -17.23
CA TYR E 344 29.06 1.52 -17.49
C TYR E 344 30.33 1.63 -18.31
N CYS E 345 30.19 1.86 -19.62
CA CYS E 345 31.28 1.71 -20.57
C CYS E 345 31.79 3.06 -21.03
N ASN E 346 33.11 3.15 -21.22
CA ASN E 346 33.78 4.37 -21.66
C ASN E 346 33.89 4.34 -23.18
N THR E 347 32.90 4.94 -23.85
CA THR E 347 32.79 4.83 -25.30
C THR E 347 33.66 5.80 -26.07
N SER E 348 34.68 6.41 -25.44
CA SER E 348 35.56 7.31 -26.16
C SER E 348 36.35 6.59 -27.26
N ASN E 349 36.49 5.27 -27.17
CA ASN E 349 37.23 4.54 -28.19
C ASN E 349 36.44 4.36 -29.48
N LEU E 350 35.10 4.33 -29.40
CA LEU E 350 34.28 4.19 -30.59
C LEU E 350 34.20 5.50 -31.37
N PHE E 351 33.66 6.54 -30.74
CA PHE E 351 33.34 7.79 -31.43
C PHE E 351 34.60 8.65 -31.54
N ASN E 352 35.51 8.18 -32.39
CA ASN E 352 36.78 8.86 -32.65
C ASN E 352 37.12 8.96 -34.13
N GLY E 353 36.38 8.30 -35.02
CA GLY E 353 36.65 8.39 -36.44
C GLY E 353 36.01 9.60 -37.07
N THR E 354 36.00 9.59 -38.41
CA THR E 354 35.41 10.68 -39.18
C THR E 354 35.02 10.14 -40.54
N TYR E 355 34.13 10.86 -41.22
CA TYR E 355 33.75 10.60 -42.60
C TYR E 355 34.44 11.66 -43.44
N ASN E 356 35.11 11.24 -44.51
CA ASN E 356 35.82 12.18 -45.38
C ASN E 356 34.96 12.74 -46.51
N GLY E 357 33.66 12.43 -46.53
CA GLY E 357 32.81 12.76 -47.67
C GLY E 357 32.82 11.74 -48.78
N THR E 358 33.72 10.76 -48.74
CA THR E 358 33.76 9.67 -49.72
C THR E 358 34.08 8.40 -48.96
N TYR E 359 33.30 7.35 -49.24
CA TYR E 359 33.37 6.13 -48.45
C TYR E 359 34.74 5.49 -48.57
N ILE E 360 35.31 5.14 -47.41
CA ILE E 360 36.62 4.51 -47.32
C ILE E 360 36.39 3.01 -47.23
N SER E 361 36.94 2.27 -48.19
CA SER E 361 36.59 0.86 -48.35
C SER E 361 37.17 0.01 -47.24
N THR E 362 36.35 -0.85 -46.66
CA THR E 362 36.80 -1.94 -45.80
C THR E 362 36.96 -3.26 -46.55
N ASN E 363 36.65 -3.29 -47.85
CA ASN E 363 36.77 -4.48 -48.68
C ASN E 363 38.04 -4.36 -49.53
N SER E 364 38.85 -5.43 -49.60
CA SER E 364 38.77 -6.74 -48.94
C SER E 364 39.12 -6.62 -47.47
N SER E 365 38.45 -7.41 -46.63
CA SER E 365 38.67 -7.35 -45.20
C SER E 365 39.93 -8.09 -44.80
N ALA E 366 40.75 -7.44 -43.96
CA ALA E 366 41.92 -8.11 -43.42
C ALA E 366 41.52 -9.17 -42.40
N ASN E 367 40.62 -8.82 -41.49
CA ASN E 367 40.08 -9.79 -40.53
C ASN E 367 38.78 -9.23 -39.99
N SER E 368 37.66 -9.87 -40.34
CA SER E 368 36.36 -9.41 -39.88
C SER E 368 36.18 -9.55 -38.37
N THR E 369 36.97 -10.41 -37.73
CA THR E 369 36.93 -10.58 -36.27
C THR E 369 37.90 -9.66 -35.53
N SER E 370 38.54 -8.71 -36.22
CA SER E 370 39.27 -7.68 -35.52
C SER E 370 38.29 -6.75 -34.81
N THR E 371 38.55 -6.50 -33.53
CA THR E 371 37.58 -5.88 -32.63
C THR E 371 38.14 -4.61 -32.02
N ILE E 372 37.25 -3.63 -31.82
CA ILE E 372 37.52 -2.50 -30.95
C ILE E 372 36.96 -2.84 -29.57
N THR E 373 37.71 -2.48 -28.53
CA THR E 373 37.41 -2.90 -27.17
C THR E 373 37.07 -1.68 -26.32
N LEU E 374 36.05 -1.85 -25.47
CA LEU E 374 35.63 -0.82 -24.52
C LEU E 374 35.72 -1.39 -23.11
N GLN E 375 36.43 -0.69 -22.24
CA GLN E 375 36.69 -1.14 -20.88
C GLN E 375 35.68 -0.50 -19.95
N CYS E 376 34.84 -1.32 -19.32
CA CYS E 376 33.61 -0.88 -18.68
C CYS E 376 33.71 -1.00 -17.16
N ARG E 377 33.29 0.05 -16.47
CA ARG E 377 33.04 -0.04 -15.03
C ARG E 377 31.75 -0.81 -14.80
N ILE E 378 31.52 -1.18 -13.54
CA ILE E 378 30.29 -1.85 -13.13
C ILE E 378 29.84 -1.26 -11.80
N LYS E 379 28.55 -1.00 -11.68
CA LYS E 379 27.92 -0.53 -10.46
C LYS E 379 26.88 -1.53 -9.99
N GLN E 380 26.69 -1.57 -8.67
CA GLN E 380 25.55 -2.27 -8.07
C GLN E 380 24.50 -1.31 -7.58
N ILE E 381 24.90 -0.21 -6.93
CA ILE E 381 23.98 0.85 -6.53
C ILE E 381 23.73 1.70 -7.77
N ILE E 382 22.49 1.69 -8.25
CA ILE E 382 22.12 2.32 -9.52
C ILE E 382 21.13 3.43 -9.21
N ASN E 383 21.40 4.63 -9.69
CA ASN E 383 20.45 5.74 -9.66
C ASN E 383 19.77 5.87 -11.02
N MET E 384 18.80 4.99 -11.27
CA MET E 384 18.27 4.82 -12.63
C MET E 384 17.58 6.07 -13.15
N TRP E 385 16.60 6.59 -12.39
CA TRP E 385 15.68 7.58 -12.91
C TRP E 385 15.40 8.61 -11.81
N GLN E 386 14.74 9.70 -12.22
CA GLN E 386 14.25 10.68 -11.26
C GLN E 386 12.79 10.39 -10.92
N GLY E 387 12.50 10.29 -9.63
CA GLY E 387 11.14 10.05 -9.16
C GLY E 387 10.71 8.60 -9.15
N VAL E 388 11.65 7.65 -9.16
CA VAL E 388 11.34 6.23 -9.16
C VAL E 388 11.68 5.67 -7.78
N GLY E 389 11.88 6.56 -6.81
CA GLY E 389 12.72 6.23 -5.66
C GLY E 389 14.19 6.41 -5.92
N ARG E 390 14.58 6.65 -7.18
CA ARG E 390 15.94 6.90 -7.63
C ARG E 390 17.01 5.98 -7.08
N CYS E 391 16.70 4.70 -6.81
CA CYS E 391 17.74 3.77 -6.39
C CYS E 391 17.37 2.31 -6.61
N MET E 392 18.36 1.54 -7.07
CA MET E 392 18.38 0.09 -7.03
C MET E 392 19.74 -0.39 -6.58
N TYR E 393 19.76 -1.45 -5.78
CA TYR E 393 20.95 -2.28 -5.59
C TYR E 393 20.75 -3.56 -6.39
N ALA E 394 21.54 -3.71 -7.45
CA ALA E 394 21.43 -4.90 -8.30
C ALA E 394 22.33 -5.99 -7.74
N PRO E 395 21.78 -7.12 -7.27
CA PRO E 395 22.65 -8.11 -6.64
C PRO E 395 23.57 -8.76 -7.65
N PRO E 396 24.75 -9.23 -7.22
CA PRO E 396 25.68 -9.84 -8.17
C PRO E 396 25.26 -11.27 -8.50
N ILE E 397 25.51 -11.68 -9.74
CA ILE E 397 25.14 -12.99 -10.25
C ILE E 397 26.43 -13.76 -10.56
N ALA E 398 26.50 -14.99 -10.07
CA ALA E 398 27.75 -15.73 -9.90
C ALA E 398 28.20 -16.45 -11.17
N GLY E 399 28.86 -15.75 -12.08
CA GLY E 399 29.46 -16.40 -13.24
C GLY E 399 30.09 -15.35 -14.13
N ASN E 400 30.95 -15.82 -15.04
CA ASN E 400 31.56 -14.94 -16.03
C ASN E 400 30.57 -14.79 -17.19
N ILE E 401 29.80 -13.71 -17.11
CA ILE E 401 28.59 -13.60 -17.94
C ILE E 401 28.93 -12.99 -19.30
N THR E 402 28.03 -13.23 -20.27
CA THR E 402 28.08 -12.55 -21.56
C THR E 402 26.66 -12.22 -22.00
N CYS E 403 26.52 -11.10 -22.70
CA CYS E 403 25.24 -10.59 -23.19
C CYS E 403 25.40 -10.13 -24.64
N ARG E 404 25.93 -11.04 -25.46
CA ARG E 404 26.04 -10.84 -26.90
C ARG E 404 24.72 -10.34 -27.48
N SER E 405 24.75 -9.14 -28.07
CA SER E 405 23.53 -8.43 -28.44
C SER E 405 23.82 -7.56 -29.65
N ASN E 406 22.77 -6.92 -30.16
CA ASN E 406 22.82 -6.12 -31.38
C ASN E 406 22.63 -4.64 -31.06
N ILE E 407 23.46 -3.80 -31.68
CA ILE E 407 23.17 -2.37 -31.75
C ILE E 407 22.28 -2.12 -32.96
N THR E 408 21.28 -1.25 -32.79
CA THR E 408 20.42 -0.84 -33.90
C THR E 408 20.18 0.67 -33.95
N GLY E 409 20.80 1.45 -33.08
CA GLY E 409 20.61 2.88 -33.12
C GLY E 409 21.63 3.59 -32.26
N LEU E 410 21.82 4.87 -32.56
CA LEU E 410 22.76 5.74 -31.88
C LEU E 410 22.04 7.00 -31.41
N LEU E 411 22.48 7.54 -30.28
CA LEU E 411 21.97 8.80 -29.74
C LEU E 411 23.11 9.80 -29.70
N LEU E 412 23.24 10.57 -30.77
CA LEU E 412 24.30 11.57 -30.88
C LEU E 412 23.79 12.94 -30.40
N THR E 413 24.65 13.94 -30.53
CA THR E 413 24.29 15.32 -30.21
C THR E 413 25.32 16.24 -30.83
N ARG E 414 24.84 17.29 -31.51
CA ARG E 414 25.74 18.20 -32.19
C ARG E 414 26.42 19.13 -31.19
N ASP E 415 27.73 19.27 -31.33
CA ASP E 415 28.50 20.16 -30.47
C ASP E 415 28.30 21.61 -30.90
N GLY E 416 28.69 22.54 -30.02
CA GLY E 416 28.59 23.96 -30.32
C GLY E 416 29.36 24.36 -31.56
N GLY E 417 28.72 25.11 -32.45
CA GLY E 417 29.36 25.47 -33.69
C GLY E 417 30.45 26.51 -33.52
N THR E 418 31.39 26.52 -34.45
CA THR E 418 32.45 27.51 -34.47
C THR E 418 32.99 27.67 -35.89
N ASN E 419 33.13 28.93 -36.31
CA ASN E 419 33.74 29.29 -37.60
C ASN E 419 32.97 28.74 -38.81
N SER E 420 31.76 28.22 -38.60
CA SER E 420 31.04 27.49 -39.65
C SER E 420 31.92 26.38 -40.22
N ASN E 421 32.56 25.63 -39.33
CA ASN E 421 33.65 24.74 -39.73
C ASN E 421 33.14 23.62 -40.63
N GLU E 422 34.01 23.18 -41.54
CA GLU E 422 33.72 22.10 -42.48
C GLU E 422 33.60 20.73 -41.80
N THR E 423 33.99 20.62 -40.53
CA THR E 423 34.11 19.34 -39.85
C THR E 423 33.33 19.28 -38.54
N GLU E 424 32.23 20.02 -38.41
CA GLU E 424 31.59 20.20 -37.11
C GLU E 424 31.06 18.87 -36.59
N THR E 425 31.18 18.68 -35.28
CA THR E 425 31.22 17.35 -34.69
C THR E 425 29.92 16.98 -33.97
N PHE E 426 29.74 15.68 -33.78
CA PHE E 426 28.63 15.10 -33.03
C PHE E 426 29.18 14.28 -31.88
N ARG E 427 28.54 14.38 -30.70
CA ARG E 427 28.92 13.65 -29.50
C ARG E 427 27.79 12.72 -29.06
N PRO E 428 28.09 11.55 -28.48
CA PRO E 428 27.00 10.77 -27.85
C PRO E 428 26.66 11.33 -26.47
N ALA E 429 25.41 11.77 -26.32
CA ALA E 429 24.96 12.37 -25.07
C ALA E 429 23.53 12.00 -24.70
N GLY E 430 22.90 11.09 -25.45
CA GLY E 430 21.52 10.74 -25.18
C GLY E 430 21.35 10.11 -23.80
N GLY E 431 20.77 10.86 -22.87
CA GLY E 431 20.64 10.41 -21.50
C GLY E 431 19.28 9.85 -21.15
N ASP E 432 18.22 10.58 -21.50
CA ASP E 432 16.87 10.20 -21.10
C ASP E 432 16.47 8.91 -21.79
N MET E 433 15.75 8.05 -21.05
CA MET E 433 15.31 6.77 -21.62
C MET E 433 14.02 6.92 -22.40
N ARG E 434 13.41 8.11 -22.41
CA ARG E 434 12.30 8.36 -23.33
C ARG E 434 12.75 8.16 -24.77
N ASP E 435 13.96 8.60 -25.09
CA ASP E 435 14.46 8.52 -26.46
C ASP E 435 14.62 7.09 -26.93
N ASN E 436 14.95 6.15 -26.04
CA ASN E 436 15.08 4.76 -26.44
C ASN E 436 13.75 4.22 -26.96
N TRP E 437 12.66 4.49 -26.24
CA TRP E 437 11.35 4.04 -26.68
C TRP E 437 10.82 4.92 -27.80
N ARG E 438 11.22 6.19 -27.82
CA ARG E 438 10.83 7.07 -28.92
C ARG E 438 11.49 6.65 -30.22
N SER E 439 12.68 6.05 -30.13
CA SER E 439 13.34 5.50 -31.31
C SER E 439 12.71 4.20 -31.79
N GLU E 440 11.80 3.61 -31.02
CA GLU E 440 11.25 2.29 -31.32
C GLU E 440 9.75 2.37 -31.57
N LEU E 441 9.09 3.39 -31.02
CA LEU E 441 7.68 3.66 -31.26
C LEU E 441 7.48 4.70 -32.37
N TYR E 442 8.38 4.74 -33.35
CA TYR E 442 8.36 5.83 -34.33
C TYR E 442 7.25 5.67 -35.36
N LYS E 443 6.68 4.47 -35.48
CA LYS E 443 5.71 4.20 -36.53
C LYS E 443 4.27 4.49 -36.11
N TYR E 444 4.01 4.70 -34.82
CA TYR E 444 2.68 4.49 -34.24
C TYR E 444 2.06 5.80 -33.77
N LYS E 445 0.73 5.87 -33.87
CA LYS E 445 -0.08 6.92 -33.26
C LYS E 445 -1.45 6.34 -32.94
N VAL E 446 -2.01 6.76 -31.80
CA VAL E 446 -3.35 6.33 -31.41
C VAL E 446 -4.37 7.27 -32.04
N VAL E 447 -5.48 6.71 -32.52
CA VAL E 447 -6.59 7.47 -33.07
C VAL E 447 -7.86 7.15 -32.28
N LYS E 448 -8.57 8.20 -31.88
CA LYS E 448 -9.89 8.04 -31.28
C LYS E 448 -10.94 7.95 -32.38
N ILE E 449 -11.69 6.86 -32.40
CA ILE E 449 -12.74 6.69 -33.40
C ILE E 449 -13.84 7.71 -33.14
N GLU E 450 -14.30 8.35 -34.21
CA GLU E 450 -15.43 9.29 -34.18
C GLU E 450 -16.56 8.66 -35.00
N PRO E 451 -17.19 7.62 -34.49
CA PRO E 451 -18.02 6.76 -35.34
C PRO E 451 -19.37 7.33 -35.73
N LEU E 452 -19.70 8.58 -35.35
CA LEU E 452 -21.04 9.14 -35.52
C LEU E 452 -20.93 10.38 -36.41
N GLY E 453 -21.19 10.18 -37.70
CA GLY E 453 -21.10 11.25 -38.69
C GLY E 453 -22.45 11.54 -39.32
N VAL E 454 -22.62 12.79 -39.75
CA VAL E 454 -23.85 13.26 -40.38
C VAL E 454 -23.52 13.81 -41.76
N ALA E 455 -24.30 13.39 -42.76
CA ALA E 455 -24.07 13.77 -44.14
C ALA E 455 -25.42 13.96 -44.83
N PRO E 456 -25.47 14.69 -45.96
CA PRO E 456 -26.75 14.90 -46.63
C PRO E 456 -27.04 13.85 -47.70
N THR E 457 -28.33 13.62 -47.93
CA THR E 457 -28.79 12.83 -49.07
C THR E 457 -30.29 13.02 -49.21
N ARG E 458 -30.83 12.55 -50.33
CA ARG E 458 -32.23 12.76 -50.68
C ARG E 458 -33.13 11.72 -50.01
N CYS E 459 -33.42 11.98 -48.74
CA CYS E 459 -34.38 11.17 -48.00
C CYS E 459 -34.75 11.90 -46.71
N LYS E 460 -36.04 11.86 -46.37
CA LYS E 460 -36.55 12.41 -45.12
C LYS E 460 -37.42 11.35 -44.45
N ARG E 461 -37.47 11.39 -43.13
CA ARG E 461 -38.12 10.34 -42.35
C ARG E 461 -39.60 10.24 -42.70
N ARG E 462 -40.08 9.02 -42.87
CA ARG E 462 -41.46 8.79 -43.26
C ARG E 462 -42.40 9.10 -42.11
N VAL E 463 -43.42 9.92 -42.36
CA VAL E 463 -44.43 10.26 -41.37
C VAL E 463 -45.80 10.29 -42.03
N ALA F 1 -17.47 -6.22 -55.52
CA ALA F 1 -18.34 -5.12 -55.03
C ALA F 1 -18.17 -4.95 -53.52
N VAL F 2 -18.63 -3.81 -53.01
CA VAL F 2 -18.51 -3.55 -51.57
C VAL F 2 -19.41 -4.47 -50.75
N GLY F 3 -20.43 -5.06 -51.37
CA GLY F 3 -21.22 -6.08 -50.70
C GLY F 3 -20.46 -7.39 -50.61
N ILE F 4 -19.39 -7.40 -49.81
CA ILE F 4 -18.49 -8.54 -49.78
C ILE F 4 -19.18 -9.77 -49.19
N GLY F 5 -20.06 -9.57 -48.21
CA GLY F 5 -20.70 -10.68 -47.52
C GLY F 5 -19.86 -11.15 -46.36
N ALA F 6 -18.74 -11.83 -46.67
CA ALA F 6 -17.75 -12.19 -45.66
C ALA F 6 -16.83 -11.00 -45.43
N VAL F 7 -17.37 -9.91 -44.88
CA VAL F 7 -16.61 -8.67 -44.74
C VAL F 7 -15.44 -8.89 -43.80
N PHE F 8 -14.27 -8.34 -44.17
CA PHE F 8 -13.01 -8.62 -43.48
C PHE F 8 -12.20 -7.36 -43.26
N LEU F 9 -12.82 -6.18 -43.27
CA LEU F 9 -12.07 -4.93 -43.36
C LEU F 9 -11.58 -4.44 -42.00
N GLY F 10 -11.60 -5.32 -40.99
CA GLY F 10 -10.99 -4.98 -39.71
C GLY F 10 -11.66 -3.82 -39.04
N PHE F 11 -10.86 -3.01 -38.35
CA PHE F 11 -11.39 -1.84 -37.66
C PHE F 11 -11.82 -0.75 -38.63
N LEU F 12 -10.98 -0.43 -39.62
CA LEU F 12 -11.09 0.83 -40.32
C LEU F 12 -10.83 0.72 -41.83
N GLY F 13 -11.02 -0.47 -42.43
CA GLY F 13 -10.64 -0.68 -43.82
C GLY F 13 -11.36 0.22 -44.82
N ALA F 14 -12.49 0.81 -44.43
CA ALA F 14 -13.21 1.72 -45.32
C ALA F 14 -12.66 3.14 -45.32
N ALA F 15 -11.76 3.47 -44.40
CA ALA F 15 -11.24 4.83 -44.31
C ALA F 15 -10.46 5.18 -45.57
N GLY F 16 -10.59 6.44 -45.99
CA GLY F 16 -9.88 6.93 -47.16
C GLY F 16 -10.64 6.71 -48.46
N SER F 17 -11.29 5.55 -48.60
CA SER F 17 -12.03 5.26 -49.81
C SER F 17 -13.26 6.16 -49.91
N THR F 18 -13.91 6.09 -51.08
CA THR F 18 -15.05 6.96 -51.35
C THR F 18 -16.20 6.65 -50.40
N MET F 19 -16.97 7.69 -50.05
CA MET F 19 -18.08 7.50 -49.12
C MET F 19 -19.18 6.64 -49.73
N GLY F 20 -19.23 6.54 -51.06
CA GLY F 20 -20.19 5.64 -51.68
C GLY F 20 -19.97 4.19 -51.28
N ALA F 21 -18.71 3.80 -51.10
CA ALA F 21 -18.38 2.45 -50.65
C ALA F 21 -18.43 2.36 -49.13
N ALA F 22 -17.92 3.39 -48.44
CA ALA F 22 -17.91 3.38 -46.98
C ALA F 22 -19.31 3.49 -46.38
N SER F 23 -20.32 3.90 -47.17
CA SER F 23 -21.70 3.81 -46.71
C SER F 23 -22.07 2.36 -46.37
N MET F 24 -21.54 1.42 -47.13
CA MET F 24 -21.58 0.00 -46.82
C MET F 24 -20.44 -0.34 -45.87
N THR F 25 -20.54 -1.49 -45.22
CA THR F 25 -19.57 -1.97 -44.23
C THR F 25 -19.40 -1.00 -43.07
N LEU F 26 -20.46 -0.31 -42.66
CA LEU F 26 -20.40 0.45 -41.41
C LEU F 26 -20.30 -0.45 -40.20
N THR F 27 -20.73 -1.72 -40.34
CA THR F 27 -20.86 -2.59 -39.18
C THR F 27 -19.51 -2.92 -38.55
N VAL F 28 -18.46 -3.03 -39.37
CA VAL F 28 -17.15 -3.36 -38.83
C VAL F 28 -16.62 -2.23 -37.96
N GLN F 29 -16.85 -0.98 -38.35
CA GLN F 29 -16.52 0.15 -37.48
C GLN F 29 -17.39 0.19 -36.22
N ALA F 30 -18.58 -0.42 -36.26
CA ALA F 30 -19.49 -0.39 -35.12
C ALA F 30 -19.33 -1.62 -34.25
N ARG F 31 -19.11 -2.78 -34.87
CA ARG F 31 -19.03 -4.03 -34.13
C ARG F 31 -17.82 -4.06 -33.20
N ASN F 32 -16.71 -3.47 -33.64
CA ASN F 32 -15.42 -3.62 -32.96
C ASN F 32 -15.27 -2.72 -31.75
N LEU F 33 -16.29 -1.94 -31.38
CA LEU F 33 -16.11 -0.88 -30.39
C LEU F 33 -16.06 -1.38 -28.94
N LEU F 34 -16.02 -2.69 -28.71
CA LEU F 34 -15.92 -3.24 -27.35
C LEU F 34 -15.02 -4.47 -27.36
N SER F 35 -14.04 -4.48 -26.46
CA SER F 35 -13.09 -5.59 -26.34
C SER F 35 -12.13 -5.29 -25.20
N GLY F 36 -11.32 -6.29 -24.86
CA GLY F 36 -10.26 -6.16 -23.88
C GLY F 36 -10.54 -6.95 -22.62
N THR F 37 -9.48 -7.18 -21.84
CA THR F 37 -9.59 -7.88 -20.57
C THR F 37 -8.51 -7.38 -19.61
N VAL F 38 -8.52 -7.96 -18.41
CA VAL F 38 -8.07 -7.26 -17.20
C VAL F 38 -6.58 -6.97 -17.22
N TRP F 39 -6.21 -5.75 -16.76
CA TRP F 39 -4.93 -5.50 -16.08
C TRP F 39 -5.16 -4.35 -15.08
N GLY F 40 -5.48 -4.71 -13.85
CA GLY F 40 -5.48 -3.76 -12.74
C GLY F 40 -6.39 -2.55 -12.92
N ILE F 41 -6.01 -1.48 -12.22
CA ILE F 41 -6.82 -0.26 -12.19
C ILE F 41 -6.73 0.48 -13.52
N LYS F 42 -5.53 0.57 -14.10
CA LYS F 42 -5.34 1.40 -15.29
C LYS F 42 -6.10 0.83 -16.48
N GLN F 43 -5.94 -0.46 -16.76
CA GLN F 43 -6.68 -1.06 -17.87
C GLN F 43 -8.18 -1.08 -17.57
N LEU F 44 -8.56 -1.20 -16.29
CA LEU F 44 -9.98 -1.11 -15.96
C LEU F 44 -10.52 0.27 -16.27
N GLN F 45 -9.73 1.31 -16.00
CA GLN F 45 -10.14 2.66 -16.38
C GLN F 45 -10.26 2.78 -17.89
N ALA F 46 -9.36 2.14 -18.62
CA ALA F 46 -9.48 2.11 -20.08
C ALA F 46 -10.76 1.41 -20.52
N ARG F 47 -11.09 0.30 -19.86
CA ARG F 47 -12.23 -0.51 -20.27
C ARG F 47 -13.55 0.22 -20.05
N VAL F 48 -13.68 0.91 -18.92
CA VAL F 48 -14.90 1.64 -18.63
C VAL F 48 -15.07 2.80 -19.61
N LEU F 49 -13.96 3.39 -20.05
CA LEU F 49 -14.03 4.48 -21.02
C LEU F 49 -14.67 4.02 -22.33
N ALA F 50 -14.31 2.83 -22.79
CA ALA F 50 -14.88 2.31 -24.03
C ALA F 50 -16.39 2.14 -23.91
N VAL F 51 -16.84 1.53 -22.81
CA VAL F 51 -18.26 1.28 -22.61
C VAL F 51 -19.01 2.61 -22.51
N GLU F 52 -18.48 3.55 -21.72
CA GLU F 52 -19.19 4.82 -21.53
C GLU F 52 -19.25 5.62 -22.82
N ARG F 53 -18.16 5.66 -23.58
CA ARG F 53 -18.17 6.40 -24.84
C ARG F 53 -19.10 5.75 -25.85
N TYR F 54 -19.11 4.41 -25.91
CA TYR F 54 -20.08 3.75 -26.77
C TYR F 54 -21.51 4.10 -26.38
N LEU F 55 -21.81 4.06 -25.09
CA LEU F 55 -23.17 4.36 -24.67
C LEU F 55 -23.53 5.80 -24.97
N ARG F 56 -22.56 6.71 -24.88
CA ARG F 56 -22.80 8.10 -25.28
C ARG F 56 -23.15 8.19 -26.77
N ASP F 57 -22.39 7.48 -27.61
CA ASP F 57 -22.70 7.44 -29.03
C ASP F 57 -24.06 6.83 -29.30
N GLN F 58 -24.50 5.89 -28.45
CA GLN F 58 -25.84 5.35 -28.57
C GLN F 58 -26.91 6.31 -28.06
N GLN F 59 -26.61 7.12 -27.04
CA GLN F 59 -27.54 8.16 -26.64
C GLN F 59 -27.83 9.09 -27.78
N LEU F 60 -26.77 9.62 -28.40
CA LEU F 60 -26.97 10.56 -29.50
C LEU F 60 -27.76 9.91 -30.63
N LEU F 61 -27.44 8.66 -30.95
CA LEU F 61 -28.13 8.00 -32.05
C LEU F 61 -29.56 7.60 -31.69
N GLY F 62 -29.88 7.48 -30.40
CA GLY F 62 -31.21 7.07 -29.98
C GLY F 62 -32.18 8.22 -29.84
N ILE F 63 -31.73 9.35 -29.28
CA ILE F 63 -32.64 10.48 -29.14
C ILE F 63 -32.91 11.15 -30.49
N TRP F 64 -32.08 10.88 -31.51
CA TRP F 64 -32.30 11.42 -32.84
C TRP F 64 -33.38 10.67 -33.62
N GLY F 65 -33.77 9.47 -33.18
CA GLY F 65 -34.92 8.78 -33.72
C GLY F 65 -34.64 7.75 -34.80
N CYS F 66 -33.42 7.27 -34.93
CA CYS F 66 -33.14 6.27 -35.96
C CYS F 66 -33.88 4.97 -35.68
N SER F 67 -34.37 4.35 -36.75
CA SER F 67 -34.86 2.98 -36.73
C SER F 67 -33.97 2.15 -37.65
N GLY F 68 -33.52 1.00 -37.16
CA GLY F 68 -32.39 0.33 -37.79
C GLY F 68 -31.16 1.16 -37.51
N LYS F 69 -30.77 1.23 -36.24
CA LYS F 69 -29.94 2.31 -35.74
C LYS F 69 -28.47 2.20 -36.11
N LEU F 70 -28.16 2.20 -37.40
CA LEU F 70 -26.82 2.63 -37.84
C LEU F 70 -26.90 3.53 -39.07
N ILE F 71 -28.05 3.57 -39.75
CA ILE F 71 -28.35 4.59 -40.74
C ILE F 71 -29.81 4.97 -40.56
N CYS F 72 -30.10 6.27 -40.61
CA CYS F 72 -31.49 6.71 -40.65
C CYS F 72 -31.54 8.10 -41.28
N CYS F 73 -32.63 8.37 -41.98
CA CYS F 73 -32.90 9.71 -42.48
C CYS F 73 -33.58 10.54 -41.39
N THR F 74 -33.61 11.85 -41.61
CA THR F 74 -34.22 12.79 -40.68
C THR F 74 -35.01 13.82 -41.46
N ASN F 75 -35.88 14.54 -40.75
CA ASN F 75 -36.72 15.57 -41.34
C ASN F 75 -36.13 16.97 -41.22
N VAL F 76 -34.93 17.11 -40.65
CA VAL F 76 -34.29 18.41 -40.53
C VAL F 76 -33.66 18.77 -41.88
N PRO F 77 -34.02 19.90 -42.50
CA PRO F 77 -33.42 20.20 -43.81
C PRO F 77 -31.94 20.52 -43.69
N TRP F 78 -31.19 20.18 -44.73
CA TRP F 78 -29.78 20.54 -44.81
C TRP F 78 -29.68 22.01 -45.16
N ASN F 79 -29.51 22.86 -44.16
CA ASN F 79 -29.17 24.25 -44.41
C ASN F 79 -27.87 24.26 -45.19
N SER F 80 -27.93 24.70 -46.45
CA SER F 80 -26.83 24.46 -47.39
C SER F 80 -25.52 25.05 -46.92
N SER F 81 -25.55 26.08 -46.07
CA SER F 81 -24.35 26.70 -45.54
C SER F 81 -23.47 25.71 -44.80
N TRP F 82 -24.03 24.61 -44.33
CA TRP F 82 -23.23 23.58 -43.69
C TRP F 82 -22.19 22.96 -44.62
N SER F 83 -22.47 22.84 -45.94
CA SER F 83 -21.47 22.36 -46.88
C SER F 83 -21.27 23.25 -48.11
N ASN F 84 -22.36 23.73 -48.72
CA ASN F 84 -22.30 24.38 -50.04
C ASN F 84 -21.53 23.53 -51.05
N ARG F 85 -21.80 22.22 -51.08
CA ARG F 85 -21.14 21.30 -52.00
C ARG F 85 -22.14 20.32 -52.58
N ASN F 86 -21.84 19.88 -53.81
CA ASN F 86 -22.76 19.03 -54.55
C ASN F 86 -22.88 17.66 -53.89
N LEU F 87 -24.06 17.05 -54.02
CA LEU F 87 -24.30 15.74 -53.43
C LEU F 87 -23.39 14.69 -54.05
N SER F 88 -23.28 14.68 -55.39
CA SER F 88 -22.42 13.73 -56.06
C SER F 88 -20.96 13.92 -55.68
N GLU F 89 -20.52 15.18 -55.55
CA GLU F 89 -19.16 15.44 -55.11
C GLU F 89 -18.91 14.86 -53.73
N ILE F 90 -19.88 15.00 -52.82
CA ILE F 90 -19.71 14.50 -51.47
C ILE F 90 -19.63 12.98 -51.47
N TRP F 91 -20.57 12.32 -52.15
CA TRP F 91 -20.71 10.88 -51.97
C TRP F 91 -19.74 10.08 -52.84
N ASP F 92 -19.54 10.49 -54.09
CA ASP F 92 -18.72 9.70 -55.01
C ASP F 92 -17.24 10.04 -54.92
N ASN F 93 -16.89 11.32 -55.10
CA ASN F 93 -15.49 11.74 -55.16
C ASN F 93 -14.78 11.68 -53.80
N MET F 94 -15.45 12.13 -52.75
CA MET F 94 -14.77 12.47 -51.51
C MET F 94 -14.87 11.28 -50.55
N THR F 95 -14.22 11.41 -49.39
CA THR F 95 -14.17 10.34 -48.38
C THR F 95 -14.56 10.87 -47.00
N TRP F 96 -14.95 9.94 -46.12
CA TRP F 96 -15.44 10.31 -44.78
C TRP F 96 -14.38 11.03 -43.96
N LEU F 97 -13.13 10.55 -44.04
CA LEU F 97 -12.02 11.16 -43.31
C LEU F 97 -11.89 12.64 -43.65
N GLN F 98 -12.14 13.00 -44.91
CA GLN F 98 -12.14 14.41 -45.31
C GLN F 98 -13.43 15.11 -44.90
N TRP F 99 -14.56 14.40 -44.92
CA TRP F 99 -15.84 15.03 -44.60
C TRP F 99 -15.91 15.45 -43.14
N ASP F 100 -15.12 14.78 -42.27
CA ASP F 100 -15.03 15.22 -40.88
C ASP F 100 -14.62 16.69 -40.80
N LYS F 101 -13.65 17.09 -41.62
CA LYS F 101 -13.14 18.46 -41.54
C LYS F 101 -14.16 19.50 -41.95
N GLU F 102 -15.11 19.15 -42.82
CA GLU F 102 -16.13 20.09 -43.26
C GLU F 102 -17.20 20.30 -42.20
N ILE F 103 -17.87 19.22 -41.80
CA ILE F 103 -19.06 19.34 -40.97
C ILE F 103 -18.72 19.56 -39.49
N SER F 104 -17.51 19.23 -39.04
CA SER F 104 -17.19 19.28 -37.62
C SER F 104 -17.32 20.69 -37.03
N ASN F 105 -17.27 21.73 -37.87
CA ASN F 105 -17.46 23.09 -37.38
C ASN F 105 -18.88 23.36 -36.89
N TYR F 106 -19.85 22.50 -37.25
CA TYR F 106 -21.27 22.80 -37.10
C TYR F 106 -22.06 21.66 -36.45
N THR F 107 -21.40 20.60 -35.98
CA THR F 107 -22.11 19.41 -35.54
C THR F 107 -23.01 19.68 -34.33
N GLN F 108 -22.54 20.52 -33.41
CA GLN F 108 -23.24 20.68 -32.13
C GLN F 108 -24.63 21.30 -32.29
N ILE F 109 -24.89 21.99 -33.41
CA ILE F 109 -26.23 22.52 -33.65
C ILE F 109 -27.14 21.43 -34.18
N ILE F 110 -26.62 20.63 -35.11
CA ILE F 110 -27.40 19.52 -35.68
C ILE F 110 -27.75 18.51 -34.61
N TYR F 111 -26.85 18.30 -33.65
CA TYR F 111 -27.08 17.31 -32.60
C TYR F 111 -28.24 17.69 -31.69
N GLY F 112 -28.69 18.95 -31.70
CA GLY F 112 -29.85 19.38 -30.97
C GLY F 112 -31.08 19.52 -31.86
N LEU F 113 -30.86 19.92 -33.11
CA LEU F 113 -31.96 19.98 -34.06
C LEU F 113 -32.60 18.61 -34.27
N LEU F 114 -31.76 17.58 -34.42
CA LEU F 114 -32.29 16.21 -34.54
C LEU F 114 -33.04 15.81 -33.29
N GLU F 115 -32.52 16.18 -32.12
CA GLU F 115 -33.17 15.85 -30.85
C GLU F 115 -34.58 16.44 -30.77
N GLU F 116 -34.70 17.74 -31.01
CA GLU F 116 -36.01 18.39 -30.88
C GLU F 116 -36.96 17.89 -31.96
N SER F 117 -36.47 17.67 -33.19
CA SER F 117 -37.34 17.16 -34.23
C SER F 117 -37.84 15.76 -33.90
N GLN F 118 -36.96 14.89 -33.36
CA GLN F 118 -37.40 13.54 -32.98
C GLN F 118 -38.44 13.58 -31.89
N ASN F 119 -38.24 14.43 -30.87
CA ASN F 119 -39.20 14.47 -29.78
C ASN F 119 -40.55 15.01 -30.27
N GLN F 120 -40.51 16.00 -31.16
CA GLN F 120 -41.73 16.48 -31.82
C GLN F 120 -42.43 15.34 -32.56
N GLN F 121 -41.66 14.54 -33.29
CA GLN F 121 -42.25 13.44 -34.04
C GLN F 121 -42.88 12.43 -33.09
N GLU F 122 -42.21 12.17 -31.96
CA GLU F 122 -42.74 11.22 -30.98
C GLU F 122 -44.10 11.67 -30.45
N LYS F 123 -44.18 12.94 -30.03
CA LYS F 123 -45.45 13.46 -29.51
C LYS F 123 -46.53 13.45 -30.59
N ASN F 124 -46.17 13.85 -31.82
CA ASN F 124 -47.15 13.88 -32.89
C ASN F 124 -47.64 12.48 -33.25
N GLU F 125 -46.73 11.49 -33.24
CA GLU F 125 -47.14 10.12 -33.51
C GLU F 125 -48.05 9.57 -32.43
N GLN F 126 -47.76 9.88 -31.15
CA GLN F 126 -48.67 9.45 -30.10
C GLN F 126 -50.04 10.11 -30.26
N ASP F 127 -50.06 11.38 -30.62
CA ASP F 127 -51.34 12.06 -30.84
C ASP F 127 -52.10 11.43 -32.00
N LEU F 128 -51.41 11.11 -33.10
CA LEU F 128 -52.07 10.48 -34.23
C LEU F 128 -52.60 9.10 -33.87
N LEU F 129 -51.84 8.33 -33.11
CA LEU F 129 -52.31 7.02 -32.66
C LEU F 129 -53.53 7.17 -31.77
N ALA F 130 -53.55 8.19 -30.91
CA ALA F 130 -54.74 8.45 -30.10
C ALA F 130 -55.94 8.81 -30.97
N LEU F 131 -55.75 9.64 -31.99
CA LEU F 131 -56.85 10.01 -32.87
C LEU F 131 -57.33 8.85 -33.71
N ASP F 132 -56.43 7.95 -34.11
CA ASP F 132 -56.80 6.79 -34.91
C ASP F 132 -57.70 5.86 -34.11
N GLN G 1 64.77 -21.13 -27.54
CA GLN G 1 64.88 -19.70 -27.11
C GLN G 1 64.34 -19.49 -25.68
N VAL G 2 63.35 -20.31 -25.31
CA VAL G 2 62.76 -20.22 -23.98
C VAL G 2 63.58 -21.05 -23.02
N GLN G 3 63.77 -20.55 -21.79
CA GLN G 3 64.46 -21.32 -20.77
C GLN G 3 64.08 -20.79 -19.40
N LEU G 4 63.89 -21.69 -18.44
CA LEU G 4 63.54 -21.37 -17.06
C LEU G 4 64.57 -22.06 -16.16
N VAL G 5 65.71 -21.39 -15.97
CA VAL G 5 66.80 -21.92 -15.14
C VAL G 5 66.40 -21.79 -13.68
N GLN G 6 66.61 -22.85 -12.91
CA GLN G 6 66.11 -22.96 -11.54
C GLN G 6 67.25 -23.03 -10.53
N SER G 7 66.87 -23.03 -9.26
CA SER G 7 67.81 -23.18 -8.15
C SER G 7 68.29 -24.62 -8.05
N GLY G 8 69.23 -24.88 -7.14
CA GLY G 8 69.71 -26.22 -6.90
C GLY G 8 68.82 -26.98 -5.94
N ALA G 9 69.29 -28.17 -5.57
CA ALA G 9 68.55 -29.05 -4.66
C ALA G 9 68.55 -28.45 -3.26
N GLU G 10 67.39 -27.95 -2.83
CA GLU G 10 67.24 -27.31 -1.53
C GLU G 10 66.74 -28.34 -0.51
N MET G 11 67.67 -29.20 -0.09
CA MET G 11 67.37 -30.18 0.94
C MET G 11 67.15 -29.49 2.28
N LYS G 12 66.08 -29.84 2.97
CA LYS G 12 65.73 -29.18 4.21
C LYS G 12 64.97 -30.14 5.12
N ASN G 13 64.97 -29.82 6.41
CA ASN G 13 64.33 -30.67 7.41
C ASN G 13 62.83 -30.39 7.49
N PRO G 14 62.06 -31.28 8.12
CA PRO G 14 60.63 -30.99 8.30
C PRO G 14 60.41 -29.79 9.21
N GLY G 15 59.24 -29.16 9.04
CA GLY G 15 58.87 -28.01 9.83
C GLY G 15 59.31 -26.67 9.27
N ALA G 16 60.43 -26.63 8.54
CA ALA G 16 60.91 -25.40 7.94
C ALA G 16 60.20 -25.18 6.61
N SER G 17 60.68 -24.22 5.82
CA SER G 17 60.13 -23.89 4.53
C SER G 17 61.21 -23.96 3.46
N VAL G 18 60.79 -24.31 2.25
CA VAL G 18 61.69 -24.44 1.10
C VAL G 18 61.26 -23.41 0.06
N LYS G 19 62.23 -22.64 -0.43
CA LYS G 19 61.98 -21.56 -1.40
C LYS G 19 62.75 -21.86 -2.68
N VAL G 20 62.01 -22.07 -3.77
CA VAL G 20 62.57 -22.33 -5.08
C VAL G 20 62.42 -21.09 -5.94
N SER G 21 63.35 -20.91 -6.87
CA SER G 21 63.31 -19.82 -7.84
C SER G 21 63.57 -20.34 -9.23
N CYS G 22 62.91 -19.73 -10.22
CA CYS G 22 63.09 -20.04 -11.63
C CYS G 22 63.22 -18.75 -12.41
N ALA G 23 64.38 -18.53 -13.03
CA ALA G 23 64.66 -17.31 -13.77
C ALA G 23 64.32 -17.50 -15.25
N ALA G 24 63.56 -16.56 -15.81
CA ALA G 24 62.96 -16.72 -17.13
C ALA G 24 63.74 -15.93 -18.17
N SER G 25 63.77 -16.46 -19.39
CA SER G 25 64.37 -15.79 -20.53
C SER G 25 63.64 -16.24 -21.79
N GLY G 26 63.82 -15.47 -22.87
CA GLY G 26 63.13 -15.74 -24.13
C GLY G 26 61.77 -15.08 -24.18
N TYR G 27 60.80 -15.67 -23.48
CA TYR G 27 59.53 -14.98 -23.26
C TYR G 27 59.74 -13.67 -22.53
N THR G 28 58.97 -12.68 -22.96
CA THR G 28 58.75 -11.46 -22.19
C THR G 28 58.04 -11.86 -20.91
N PHE G 29 58.74 -11.73 -19.78
CA PHE G 29 58.31 -12.42 -18.56
C PHE G 29 56.95 -11.93 -18.05
N THR G 30 56.62 -10.67 -18.27
CA THR G 30 55.36 -10.13 -17.78
C THR G 30 54.15 -10.66 -18.55
N ASP G 31 54.34 -11.26 -19.72
CA ASP G 31 53.23 -11.66 -20.57
C ASP G 31 52.61 -13.00 -20.22
N PHE G 32 53.40 -13.94 -19.70
CA PHE G 32 52.96 -15.31 -19.49
C PHE G 32 52.86 -15.63 -18.00
N TYR G 33 51.82 -16.39 -17.64
CA TYR G 33 51.70 -16.90 -16.28
C TYR G 33 52.87 -17.82 -15.95
N ILE G 34 53.00 -18.12 -14.67
CA ILE G 34 53.88 -19.20 -14.20
C ILE G 34 53.04 -20.14 -13.34
N HIS G 35 52.90 -21.38 -13.79
CA HIS G 35 52.32 -22.46 -13.00
C HIS G 35 53.45 -23.23 -12.36
N TRP G 36 53.12 -23.96 -11.29
CA TRP G 36 54.08 -24.84 -10.62
C TRP G 36 53.47 -26.23 -10.50
N VAL G 37 54.28 -27.25 -10.76
CA VAL G 37 53.86 -28.64 -10.65
C VAL G 37 54.96 -29.43 -9.96
N ARG G 38 54.55 -30.52 -9.31
CA ARG G 38 55.42 -31.33 -8.47
C ARG G 38 55.27 -32.79 -8.84
N LEU G 39 56.40 -33.50 -8.88
CA LEU G 39 56.43 -34.94 -9.13
C LEU G 39 56.77 -35.63 -7.82
N ALA G 40 55.75 -35.87 -7.01
CA ALA G 40 55.93 -36.65 -5.80
C ALA G 40 56.15 -38.11 -6.19
N PRO G 41 57.20 -38.79 -5.73
CA PRO G 41 57.40 -40.19 -6.15
C PRO G 41 56.23 -41.08 -5.78
N GLY G 42 55.90 -42.00 -6.69
CA GLY G 42 54.72 -42.81 -6.57
C GLY G 42 53.51 -42.13 -7.18
N GLN G 43 53.21 -40.93 -6.68
CA GLN G 43 52.13 -40.12 -7.24
C GLN G 43 52.56 -39.52 -8.58
N GLY G 44 51.58 -39.09 -9.35
CA GLY G 44 51.82 -38.44 -10.63
C GLY G 44 52.11 -36.97 -10.46
N LEU G 45 51.87 -36.22 -11.54
CA LEU G 45 52.02 -34.77 -11.49
C LEU G 45 51.06 -34.19 -10.46
N GLN G 46 51.59 -33.29 -9.63
CA GLN G 46 50.82 -32.64 -8.56
C GLN G 46 51.02 -31.14 -8.69
N TRP G 47 49.91 -30.42 -8.86
CA TRP G 47 49.93 -29.01 -9.23
C TRP G 47 49.72 -28.16 -7.98
N MET G 48 50.55 -27.11 -7.84
CA MET G 48 50.60 -26.33 -6.60
C MET G 48 49.86 -25.00 -6.71
N GLY G 49 50.19 -24.18 -7.70
CA GLY G 49 49.60 -22.86 -7.81
C GLY G 49 50.01 -22.20 -9.10
N TRP G 50 49.25 -21.17 -9.47
CA TRP G 50 49.66 -20.26 -10.53
C TRP G 50 49.95 -18.90 -9.91
N MET G 51 50.61 -18.04 -10.69
CA MET G 51 50.86 -16.67 -10.30
C MET G 51 50.98 -15.80 -11.54
N ASN G 52 50.36 -14.63 -11.48
CA ASN G 52 50.34 -13.67 -12.57
C ASN G 52 51.51 -12.72 -12.37
N PRO G 53 52.61 -12.83 -13.14
CA PRO G 53 53.73 -11.89 -12.92
C PRO G 53 53.37 -10.45 -13.19
N LYS G 54 52.30 -10.19 -13.94
CA LYS G 54 51.89 -8.83 -14.25
C LYS G 54 51.05 -8.21 -13.14
N THR G 55 50.26 -9.01 -12.43
CA THR G 55 49.36 -8.53 -11.38
C THR G 55 49.76 -8.96 -9.98
N GLY G 56 49.94 -10.25 -9.73
CA GLY G 56 50.35 -10.78 -8.44
C GLY G 56 49.34 -11.68 -7.77
N ARG G 57 48.15 -11.84 -8.34
CA ARG G 57 47.16 -12.76 -7.79
C ARG G 57 47.70 -14.19 -7.83
N THR G 58 47.38 -14.96 -6.80
CA THR G 58 47.78 -16.35 -6.71
C THR G 58 46.64 -17.17 -6.14
N ASN G 59 46.66 -18.46 -6.46
CA ASN G 59 45.73 -19.43 -5.91
C ASN G 59 46.43 -20.77 -5.85
N ASN G 60 45.89 -21.67 -5.02
CA ASN G 60 46.48 -22.99 -4.81
C ASN G 60 45.38 -24.04 -4.80
N ALA G 61 45.76 -25.27 -5.15
CA ALA G 61 44.87 -26.39 -4.97
C ALA G 61 44.54 -26.55 -3.48
N GLN G 62 43.40 -27.18 -3.19
CA GLN G 62 42.94 -27.27 -1.81
C GLN G 62 43.91 -28.05 -0.93
N ASN G 63 44.73 -28.92 -1.52
CA ASN G 63 45.77 -29.59 -0.75
C ASN G 63 46.79 -28.59 -0.21
N PHE G 64 47.02 -27.49 -0.93
CA PHE G 64 48.09 -26.56 -0.64
C PHE G 64 47.62 -25.19 -0.17
N GLN G 65 46.32 -24.98 -0.02
CA GLN G 65 45.79 -23.64 0.21
C GLN G 65 46.24 -23.13 1.58
N GLY G 66 46.83 -21.94 1.60
CA GLY G 66 47.38 -21.36 2.81
C GLY G 66 48.80 -21.79 3.10
N ARG G 67 49.27 -22.84 2.39
CA ARG G 67 50.59 -23.40 2.65
C ARG G 67 51.65 -22.88 1.69
N VAL G 68 51.25 -22.38 0.52
CA VAL G 68 52.16 -21.95 -0.53
C VAL G 68 52.00 -20.44 -0.73
N THR G 69 53.12 -19.74 -0.86
CA THR G 69 53.15 -18.33 -1.19
C THR G 69 54.20 -18.13 -2.28
N MET G 70 54.05 -17.05 -3.03
CA MET G 70 54.84 -16.83 -4.24
C MET G 70 55.17 -15.36 -4.39
N THR G 71 56.28 -15.09 -5.08
CA THR G 71 56.71 -13.72 -5.34
C THR G 71 57.69 -13.74 -6.51
N ARG G 72 58.01 -12.55 -7.00
CA ARG G 72 58.86 -12.40 -8.18
C ARG G 72 59.33 -10.96 -8.26
N ASP G 73 60.04 -10.66 -9.36
CA ASP G 73 60.39 -9.29 -9.72
C ASP G 73 60.62 -9.25 -11.22
N THR G 74 59.85 -8.41 -11.91
CA THR G 74 59.81 -8.43 -13.37
C THR G 74 61.01 -7.78 -14.03
N SER G 75 61.74 -6.92 -13.33
CA SER G 75 62.91 -6.29 -13.93
C SER G 75 64.04 -7.29 -14.13
N ILE G 76 64.44 -7.97 -13.04
CA ILE G 76 65.39 -9.06 -13.17
C ILE G 76 64.81 -10.16 -14.04
N GLY G 77 63.50 -10.40 -13.93
CA GLY G 77 62.86 -11.49 -14.63
C GLY G 77 63.14 -12.83 -13.98
N THR G 78 62.86 -12.93 -12.67
CA THR G 78 62.96 -14.20 -11.96
C THR G 78 61.75 -14.40 -11.09
N ALA G 79 61.32 -15.64 -10.97
CA ALA G 79 60.13 -16.06 -10.26
C ALA G 79 60.51 -16.86 -9.02
N TYR G 80 59.76 -16.70 -7.93
CA TYR G 80 59.97 -17.46 -6.70
C TYR G 80 58.69 -18.14 -6.28
N MET G 81 58.84 -19.28 -5.61
CA MET G 81 57.76 -19.94 -4.88
C MET G 81 58.34 -20.50 -3.59
N GLU G 82 57.59 -20.39 -2.49
CA GLU G 82 58.02 -20.89 -1.19
C GLU G 82 56.89 -21.72 -0.58
N LEU G 83 57.26 -22.87 -0.01
CA LEU G 83 56.32 -23.81 0.58
C LEU G 83 56.55 -23.86 2.09
N ARG G 84 55.48 -23.66 2.87
CA ARG G 84 55.57 -23.70 4.32
C ARG G 84 55.21 -25.09 4.85
N SER G 85 55.60 -25.34 6.10
CA SER G 85 55.29 -26.58 6.80
C SER G 85 55.80 -27.79 6.00
N LEU G 86 57.09 -27.77 5.70
CA LEU G 86 57.70 -28.84 4.92
C LEU G 86 57.66 -30.15 5.70
N THR G 87 57.51 -31.26 4.97
CA THR G 87 57.44 -32.58 5.57
C THR G 87 58.09 -33.59 4.64
N SER G 88 58.08 -34.86 5.07
CA SER G 88 58.79 -35.91 4.34
C SER G 88 58.16 -36.16 2.97
N ASP G 89 56.82 -36.16 2.89
CA ASP G 89 56.14 -36.43 1.62
C ASP G 89 56.46 -35.38 0.56
N ASP G 90 56.91 -34.20 0.96
CA ASP G 90 57.27 -33.16 0.01
C ASP G 90 58.57 -33.46 -0.73
N THR G 91 59.29 -34.52 -0.36
CA THR G 91 60.46 -34.95 -1.13
C THR G 91 60.00 -35.22 -2.55
N ALA G 92 60.42 -34.37 -3.48
CA ALA G 92 59.90 -34.40 -4.83
C ALA G 92 60.69 -33.42 -5.67
N VAL G 93 60.40 -33.41 -6.96
CA VAL G 93 61.05 -32.52 -7.91
C VAL G 93 60.08 -31.41 -8.28
N TYR G 94 60.50 -30.16 -8.08
CA TYR G 94 59.67 -29.00 -8.40
C TYR G 94 60.03 -28.52 -9.80
N TYR G 95 59.00 -28.15 -10.57
CA TYR G 95 59.10 -27.77 -11.97
C TYR G 95 58.35 -26.48 -12.21
N CYS G 96 59.04 -25.50 -12.80
CA CYS G 96 58.48 -24.17 -13.04
C CYS G 96 58.05 -24.07 -14.50
N VAL G 97 56.75 -23.84 -14.71
CA VAL G 97 56.15 -23.97 -16.03
C VAL G 97 55.32 -22.72 -16.34
N THR G 98 55.35 -22.31 -17.60
CA THR G 98 54.80 -21.04 -18.05
C THR G 98 53.74 -21.27 -19.12
N GLY G 99 52.77 -20.35 -19.18
CA GLY G 99 51.69 -20.39 -20.15
C GLY G 99 50.34 -20.60 -19.47
N GLY G 100 49.24 -20.14 -20.07
CA GLY G 100 49.11 -19.50 -21.36
C GLY G 100 49.44 -18.02 -21.33
N TRP G 101 48.94 -17.28 -22.32
CA TRP G 101 49.27 -15.87 -22.47
C TRP G 101 48.31 -15.02 -21.65
N ILE G 102 48.86 -14.05 -20.91
CA ILE G 102 48.03 -13.21 -20.05
C ILE G 102 47.30 -12.18 -20.90
N SER G 103 46.03 -11.97 -20.59
CA SER G 103 45.22 -10.93 -21.21
C SER G 103 44.43 -10.23 -20.12
N LEU G 104 44.06 -8.98 -20.40
CA LEU G 104 43.20 -8.24 -19.49
C LEU G 104 41.72 -8.55 -19.70
N TYR G 105 41.37 -9.27 -20.77
CA TYR G 105 39.99 -9.35 -21.23
C TYR G 105 39.35 -10.72 -21.05
N TYR G 106 40.13 -11.80 -21.11
CA TYR G 106 39.64 -13.14 -20.82
C TYR G 106 40.62 -13.85 -19.90
N ASP G 107 40.09 -14.52 -18.89
CA ASP G 107 40.93 -15.22 -17.92
C ASP G 107 41.57 -16.42 -18.60
N SER G 108 42.90 -16.53 -18.47
CA SER G 108 43.65 -17.66 -19.02
C SER G 108 44.62 -18.23 -17.99
N SER G 109 44.33 -18.07 -16.70
CA SER G 109 45.16 -18.70 -15.67
C SER G 109 45.06 -20.22 -15.78
N TYR G 110 43.86 -20.76 -15.59
CA TYR G 110 43.67 -22.20 -15.52
C TYR G 110 43.87 -22.91 -16.86
N TYR G 111 44.07 -22.18 -17.95
CA TYR G 111 44.29 -22.83 -19.24
C TYR G 111 45.59 -23.62 -19.16
N PRO G 112 45.56 -24.98 -19.05
CA PRO G 112 46.77 -25.73 -18.68
C PRO G 112 47.73 -25.95 -19.85
N ASN G 113 48.24 -24.85 -20.40
CA ASN G 113 49.21 -24.89 -21.50
C ASN G 113 50.60 -24.68 -20.91
N PHE G 114 51.12 -25.73 -20.28
CA PHE G 114 52.48 -25.69 -19.71
C PHE G 114 53.47 -25.80 -20.86
N ASP G 115 53.69 -24.65 -21.51
CA ASP G 115 54.42 -24.65 -22.78
C ASP G 115 55.87 -25.07 -22.61
N HIS G 116 56.58 -24.48 -21.64
CA HIS G 116 58.00 -24.71 -21.46
C HIS G 116 58.28 -25.01 -19.99
N TRP G 117 59.27 -25.88 -19.78
CA TRP G 117 59.54 -26.49 -18.48
C TRP G 117 60.99 -26.24 -18.13
N GLY G 118 61.24 -25.90 -16.86
CA GLY G 118 62.60 -25.77 -16.36
C GLY G 118 63.20 -27.13 -16.06
N GLN G 119 64.52 -27.12 -15.80
CA GLN G 119 65.24 -28.39 -15.66
C GLN G 119 65.03 -29.05 -14.31
N GLY G 120 64.58 -28.33 -13.29
CA GLY G 120 64.17 -28.94 -12.04
C GLY G 120 65.09 -28.64 -10.87
N THR G 121 64.57 -28.90 -9.68
CA THR G 121 65.31 -28.90 -8.43
C THR G 121 64.82 -30.07 -7.59
N LEU G 122 65.76 -30.80 -6.99
CA LEU G 122 65.44 -32.00 -6.21
C LEU G 122 65.29 -31.60 -4.74
N VAL G 123 64.06 -31.27 -4.35
CA VAL G 123 63.77 -31.03 -2.94
C VAL G 123 63.66 -32.36 -2.23
N THR G 124 64.45 -32.53 -1.17
CA THR G 124 64.54 -33.78 -0.43
C THR G 124 64.34 -33.52 1.06
N VAL G 125 63.55 -34.38 1.70
CA VAL G 125 63.19 -34.25 3.11
C VAL G 125 63.20 -35.64 3.74
N SER G 126 64.21 -36.01 4.55
CA SER G 126 65.38 -35.21 4.91
C SER G 126 66.53 -36.13 5.32
N GLN H 1 38.98 -41.80 -7.54
CA GLN H 1 40.10 -41.96 -6.57
C GLN H 1 40.50 -40.60 -5.99
N SER H 2 41.44 -39.90 -6.63
CA SER H 2 41.87 -38.59 -6.18
C SER H 2 42.50 -37.87 -7.36
N ALA H 3 42.39 -36.54 -7.33
CA ALA H 3 42.85 -35.70 -8.44
C ALA H 3 42.15 -36.13 -9.73
N LEU H 4 42.86 -36.76 -10.66
CA LEU H 4 42.30 -37.22 -11.93
C LEU H 4 42.46 -38.72 -12.04
N THR H 5 41.35 -39.41 -12.35
CA THR H 5 41.41 -40.84 -12.61
C THR H 5 42.15 -41.09 -13.92
N GLN H 6 43.05 -42.09 -13.91
CA GLN H 6 43.87 -42.37 -15.08
C GLN H 6 44.37 -43.81 -14.98
N PRO H 7 44.47 -44.55 -16.11
CA PRO H 7 45.04 -45.91 -16.03
C PRO H 7 46.50 -45.92 -15.64
N ALA H 8 47.10 -47.12 -15.51
CA ALA H 8 48.52 -47.24 -15.25
C ALA H 8 49.15 -48.43 -15.97
N SER H 9 48.63 -48.78 -17.16
CA SER H 9 49.03 -50.03 -17.82
C SER H 9 49.14 -49.81 -19.32
N VAL H 10 49.75 -50.81 -19.98
CA VAL H 10 49.95 -50.82 -21.42
C VAL H 10 49.04 -51.89 -22.02
N SER H 11 48.51 -51.62 -23.21
CA SER H 11 47.59 -52.52 -23.89
C SER H 11 47.86 -52.60 -25.40
N GLY H 12 49.12 -52.51 -25.81
CA GLY H 12 49.45 -52.54 -27.22
C GLY H 12 50.85 -53.03 -27.46
N SER H 13 51.25 -53.03 -28.73
CA SER H 13 52.55 -53.50 -29.17
C SER H 13 53.14 -52.53 -30.18
N PRO H 14 54.42 -52.66 -30.54
CA PRO H 14 55.00 -51.73 -31.53
C PRO H 14 54.26 -51.79 -32.86
N GLY H 15 54.09 -50.62 -33.47
CA GLY H 15 53.32 -50.49 -34.68
C GLY H 15 51.82 -50.36 -34.46
N GLN H 16 51.34 -50.58 -33.24
CA GLN H 16 49.92 -50.50 -32.92
C GLN H 16 49.62 -49.22 -32.16
N SER H 17 48.43 -48.67 -32.41
CA SER H 17 47.97 -47.50 -31.68
C SER H 17 47.47 -47.89 -30.29
N ILE H 18 47.60 -46.96 -29.35
CA ILE H 18 47.16 -47.14 -27.97
C ILE H 18 46.38 -45.90 -27.57
N THR H 19 45.26 -46.11 -26.88
CA THR H 19 44.41 -45.02 -26.39
C THR H 19 44.42 -45.03 -24.86
N ILE H 20 44.52 -43.83 -24.29
CA ILE H 20 44.62 -43.62 -22.85
C ILE H 20 43.57 -42.61 -22.45
N SER H 21 42.91 -42.85 -21.32
CA SER H 21 41.76 -42.07 -20.87
C SER H 21 42.08 -41.31 -19.59
N CYS H 22 41.33 -40.24 -19.37
CA CYS H 22 41.45 -39.38 -18.20
C CYS H 22 40.07 -38.97 -17.75
N THR H 23 39.89 -38.76 -16.45
CA THR H 23 38.56 -38.45 -15.92
C THR H 23 38.68 -37.76 -14.57
N GLY H 24 37.82 -36.77 -14.36
CA GLY H 24 37.61 -36.16 -13.05
C GLY H 24 36.14 -36.17 -12.70
N THR H 25 35.65 -35.10 -12.09
CA THR H 25 34.22 -34.90 -11.87
C THR H 25 33.64 -34.03 -12.99
N SER H 26 32.31 -33.94 -13.01
CA SER H 26 31.65 -33.10 -13.99
C SER H 26 31.95 -31.61 -13.79
N TYR H 27 32.27 -31.20 -12.57
CA TYR H 27 32.76 -29.85 -12.33
C TYR H 27 34.16 -29.65 -12.90
N ASP H 28 34.94 -30.71 -12.96
CA ASP H 28 36.30 -30.74 -13.48
C ASP H 28 36.22 -30.86 -15.00
N VAL H 29 37.25 -31.45 -15.65
CA VAL H 29 37.52 -31.41 -17.08
C VAL H 29 36.29 -31.51 -17.97
N GLY H 30 35.25 -32.21 -17.53
CA GLY H 30 34.02 -32.25 -18.32
C GLY H 30 33.35 -30.91 -18.54
N LYS H 31 33.76 -29.88 -17.81
CA LYS H 31 33.15 -28.55 -17.95
C LYS H 31 33.54 -27.87 -19.26
N PHE H 32 34.83 -27.59 -19.45
CA PHE H 32 35.28 -26.63 -20.48
C PHE H 32 35.86 -27.27 -21.73
N ASP H 33 36.55 -28.41 -21.60
CA ASP H 33 37.46 -29.08 -22.54
C ASP H 33 38.91 -28.60 -22.45
N LEU H 34 39.25 -27.82 -21.43
CA LEU H 34 40.64 -27.36 -21.25
C LEU H 34 41.46 -28.54 -20.72
N VAL H 35 42.17 -29.20 -21.65
CA VAL H 35 42.92 -30.41 -21.37
C VAL H 35 44.31 -30.27 -22.00
N SER H 36 45.27 -31.00 -21.45
CA SER H 36 46.58 -31.15 -22.07
C SER H 36 47.22 -32.44 -21.60
N TRP H 37 48.17 -32.94 -22.39
CA TRP H 37 48.89 -34.18 -22.11
C TRP H 37 50.38 -33.94 -22.30
N TYR H 38 51.19 -34.62 -21.49
CA TYR H 38 52.63 -34.40 -21.45
C TYR H 38 53.35 -35.73 -21.46
N GLN H 39 54.59 -35.73 -21.96
CA GLN H 39 55.39 -36.92 -22.16
C GLN H 39 56.72 -36.75 -21.45
N GLN H 40 57.03 -37.67 -20.52
CA GLN H 40 58.24 -37.61 -19.70
C GLN H 40 59.12 -38.82 -19.99
N HIS H 41 60.29 -38.57 -20.58
CA HIS H 41 61.33 -39.58 -20.59
C HIS H 41 61.96 -39.66 -19.20
N PRO H 42 62.57 -40.79 -18.83
CA PRO H 42 63.26 -40.85 -17.53
C PRO H 42 64.37 -39.82 -17.43
N GLY H 43 64.43 -39.14 -16.29
CA GLY H 43 65.46 -38.13 -16.08
C GLY H 43 65.33 -36.89 -16.92
N LYS H 44 64.13 -36.58 -17.40
CA LYS H 44 63.89 -35.41 -18.25
C LYS H 44 62.59 -34.73 -17.83
N ALA H 45 62.49 -33.45 -18.16
CA ALA H 45 61.25 -32.73 -17.90
C ALA H 45 60.17 -33.21 -18.87
N PRO H 46 58.88 -33.31 -18.44
CA PRO H 46 57.83 -33.69 -19.40
C PRO H 46 57.74 -32.73 -20.58
N LYS H 47 57.66 -33.29 -21.78
CA LYS H 47 57.47 -32.51 -22.98
C LYS H 47 55.97 -32.28 -23.18
N TYR H 48 55.64 -31.39 -24.11
CA TYR H 48 54.30 -30.84 -24.25
C TYR H 48 53.68 -31.32 -25.55
N MET H 49 52.71 -32.24 -25.44
CA MET H 49 52.21 -33.01 -26.58
C MET H 49 50.86 -32.53 -27.10
N ILE H 50 49.84 -32.49 -26.25
CA ILE H 50 48.47 -32.19 -26.66
C ILE H 50 47.94 -31.10 -25.75
N TYR H 51 47.04 -30.28 -26.30
CA TYR H 51 46.40 -29.23 -25.52
C TYR H 51 45.03 -28.95 -26.10
N GLU H 52 44.10 -28.59 -25.23
CA GLU H 52 42.69 -28.39 -25.59
C GLU H 52 42.16 -29.61 -26.35
N VAL H 53 42.33 -30.77 -25.71
CA VAL H 53 41.86 -32.10 -26.11
C VAL H 53 42.40 -32.58 -27.46
N ASN H 54 42.34 -31.76 -28.52
CA ASN H 54 42.60 -32.23 -29.87
C ASN H 54 43.64 -31.42 -30.65
N LYS H 55 44.23 -30.38 -30.05
CA LYS H 55 45.31 -29.62 -30.69
C LYS H 55 46.66 -30.03 -30.13
N TRP H 56 47.71 -29.72 -30.90
CA TRP H 56 49.09 -30.01 -30.53
C TRP H 56 49.98 -28.83 -30.90
N PRO H 57 51.14 -28.68 -30.26
CA PRO H 57 52.00 -27.53 -30.55
C PRO H 57 53.01 -27.84 -31.64
N SER H 58 53.79 -26.82 -31.98
CA SER H 58 54.83 -26.94 -33.00
C SER H 58 55.94 -27.86 -32.52
N GLY H 59 56.57 -28.55 -33.48
CA GLY H 59 57.65 -29.46 -33.19
C GLY H 59 57.25 -30.84 -32.75
N VAL H 60 55.96 -31.05 -32.44
CA VAL H 60 55.49 -32.34 -31.98
C VAL H 60 55.04 -33.18 -33.17
N SER H 61 55.26 -34.49 -33.08
CA SER H 61 54.86 -35.38 -34.16
C SER H 61 53.35 -35.42 -34.29
N HIS H 62 52.87 -35.73 -35.49
CA HIS H 62 51.45 -35.77 -35.78
C HIS H 62 50.79 -37.04 -35.22
N ARG H 63 51.59 -37.96 -34.66
CA ARG H 63 51.06 -39.23 -34.19
C ARG H 63 50.04 -39.05 -33.07
N PHE H 64 50.30 -38.13 -32.15
CA PHE H 64 49.46 -37.98 -30.97
C PHE H 64 48.15 -37.27 -31.32
N SER H 65 47.06 -37.71 -30.69
CA SER H 65 45.74 -37.13 -30.91
C SER H 65 44.91 -37.39 -29.67
N GLY H 66 43.74 -36.75 -29.60
CA GLY H 66 42.90 -36.88 -28.43
C GLY H 66 41.47 -36.49 -28.71
N SER H 67 40.62 -36.75 -27.71
CA SER H 67 39.20 -36.45 -27.80
C SER H 67 38.62 -36.47 -26.39
N LYS H 68 37.40 -35.96 -26.28
CA LYS H 68 36.67 -36.01 -25.01
C LYS H 68 35.18 -36.13 -25.28
N SER H 69 34.46 -36.59 -24.26
CA SER H 69 33.01 -36.70 -24.31
C SER H 69 32.50 -36.81 -22.88
N GLY H 70 31.64 -35.88 -22.48
CA GLY H 70 31.19 -35.88 -21.10
C GLY H 70 32.34 -35.61 -20.15
N ASN H 71 32.53 -36.53 -19.20
CA ASN H 71 33.54 -36.37 -18.16
C ASN H 71 34.86 -37.06 -18.53
N THR H 72 34.92 -37.77 -19.65
CA THR H 72 36.12 -38.50 -20.06
C THR H 72 36.84 -37.76 -21.18
N ALA H 73 38.16 -37.63 -21.03
CA ALA H 73 39.04 -37.09 -22.05
C ALA H 73 40.18 -38.07 -22.24
N SER H 74 40.62 -38.24 -23.49
CA SER H 74 41.52 -39.32 -23.85
C SER H 74 42.61 -38.85 -24.79
N LEU H 75 43.76 -39.52 -24.69
CA LEU H 75 44.91 -39.32 -25.59
C LEU H 75 45.11 -40.61 -26.38
N THR H 76 45.39 -40.47 -27.67
CA THR H 76 45.64 -41.59 -28.56
C THR H 76 47.05 -41.48 -29.13
N ILE H 77 47.85 -42.53 -28.91
CA ILE H 77 49.16 -42.67 -29.53
C ILE H 77 48.96 -43.54 -30.77
N SER H 78 49.47 -43.09 -31.90
CA SER H 78 49.33 -43.78 -33.18
C SER H 78 50.66 -44.41 -33.56
N GLY H 79 50.68 -45.73 -33.73
CA GLY H 79 51.87 -46.41 -34.18
C GLY H 79 53.04 -46.27 -33.23
N LEU H 80 52.99 -46.97 -32.10
CA LEU H 80 54.02 -46.85 -31.07
C LEU H 80 55.42 -47.15 -31.62
N GLN H 81 56.41 -46.43 -31.08
CA GLN H 81 57.82 -46.63 -31.40
C GLN H 81 58.62 -46.79 -30.11
N ALA H 82 59.92 -47.02 -30.25
CA ALA H 82 60.81 -47.11 -29.09
C ALA H 82 60.98 -45.76 -28.41
N GLU H 83 60.73 -44.67 -29.13
CA GLU H 83 60.78 -43.35 -28.50
C GLU H 83 59.62 -43.12 -27.54
N ASP H 84 58.60 -43.98 -27.57
CA ASP H 84 57.40 -43.82 -26.76
C ASP H 84 57.59 -44.36 -25.35
N GLU H 85 58.75 -44.94 -25.04
CA GLU H 85 58.99 -45.47 -23.70
C GLU H 85 59.07 -44.29 -22.73
N ALA H 86 57.97 -44.04 -22.02
CA ALA H 86 57.85 -42.82 -21.24
C ALA H 86 56.61 -42.92 -20.35
N ASP H 87 56.40 -41.88 -19.56
CA ASP H 87 55.20 -41.73 -18.74
C ASP H 87 54.38 -40.58 -19.31
N TYR H 88 53.07 -40.76 -19.34
CA TYR H 88 52.14 -39.80 -19.93
C TYR H 88 51.16 -39.30 -18.87
N TYR H 89 51.15 -37.99 -18.66
CA TYR H 89 50.40 -37.35 -17.57
C TYR H 89 49.24 -36.55 -18.15
N CYS H 90 48.04 -36.79 -17.62
CA CYS H 90 46.89 -35.96 -17.93
C CYS H 90 46.88 -34.73 -17.04
N CYS H 91 46.48 -33.59 -17.62
CA CYS H 91 46.24 -32.37 -16.86
C CYS H 91 45.07 -31.63 -17.49
N SER H 92 44.31 -30.93 -16.65
CA SER H 92 43.09 -30.29 -17.12
C SER H 92 42.66 -29.22 -16.12
N PHE H 93 41.66 -28.44 -16.54
CA PHE H 93 41.04 -27.47 -15.65
C PHE H 93 40.46 -28.17 -14.42
N GLY H 94 40.77 -27.63 -13.25
CA GLY H 94 40.53 -28.31 -11.99
C GLY H 94 39.36 -27.83 -11.16
N GLY H 95 38.53 -26.93 -11.68
CA GLY H 95 37.43 -26.41 -10.89
C GLY H 95 37.90 -25.37 -9.90
N SER H 96 37.09 -24.33 -9.68
CA SER H 96 37.46 -23.20 -8.83
C SER H 96 38.78 -22.58 -9.30
N ALA H 97 38.96 -22.56 -10.62
CA ALA H 97 40.13 -22.01 -11.31
C ALA H 97 41.40 -22.83 -11.09
N THR H 98 41.35 -23.93 -10.34
CA THR H 98 42.54 -24.73 -10.12
C THR H 98 42.86 -25.56 -11.36
N VAL H 99 44.06 -26.16 -11.35
CA VAL H 99 44.49 -27.11 -12.35
C VAL H 99 45.01 -28.35 -11.63
N VAL H 100 44.67 -29.52 -12.17
CA VAL H 100 45.02 -30.79 -11.54
C VAL H 100 45.65 -31.69 -12.59
N CYS H 101 46.41 -32.68 -12.13
CA CYS H 101 47.05 -33.65 -12.99
C CYS H 101 46.94 -35.05 -12.39
N GLY H 102 47.00 -36.05 -13.27
CA GLY H 102 46.72 -37.43 -12.89
C GLY H 102 47.97 -38.22 -12.53
N GLY H 103 47.76 -39.50 -12.24
CA GLY H 103 48.82 -40.37 -11.77
C GLY H 103 49.91 -40.65 -12.79
N GLY H 104 49.55 -40.84 -14.06
CA GLY H 104 50.52 -41.09 -15.10
C GLY H 104 50.51 -42.53 -15.59
N THR H 105 50.58 -42.72 -16.91
CA THR H 105 50.55 -44.02 -17.55
C THR H 105 51.93 -44.38 -18.09
N LYS H 106 52.47 -45.50 -17.62
CA LYS H 106 53.69 -46.03 -18.20
C LYS H 106 53.40 -46.63 -19.57
N VAL H 107 54.32 -46.44 -20.51
CA VAL H 107 54.20 -46.94 -21.87
C VAL H 107 55.51 -47.61 -22.25
N THR H 108 55.43 -48.76 -22.91
CA THR H 108 56.60 -49.54 -23.28
C THR H 108 56.41 -50.12 -24.68
N VAL H 109 57.39 -50.91 -25.11
CA VAL H 109 57.40 -51.54 -26.42
C VAL H 109 56.98 -53.00 -26.29
N LEU H 110 56.13 -53.29 -25.29
CA LEU H 110 55.64 -54.63 -24.98
C LEU H 110 55.28 -55.49 -26.20
N GLU I 2 -41.98 -26.28 -46.53
CA GLU I 2 -41.65 -24.86 -46.80
C GLU I 2 -40.26 -24.52 -46.26
N ASN I 3 -39.65 -23.48 -46.83
CA ASN I 3 -38.27 -23.15 -46.49
C ASN I 3 -38.16 -22.60 -45.08
N LEU I 4 -36.95 -22.64 -44.54
CA LEU I 4 -36.64 -22.17 -43.19
C LEU I 4 -35.58 -21.08 -43.26
N TRP I 5 -35.70 -20.10 -42.37
CA TRP I 5 -34.77 -18.98 -42.28
C TRP I 5 -34.30 -18.84 -40.85
N VAL I 6 -33.03 -18.49 -40.67
CA VAL I 6 -32.45 -18.40 -39.33
C VAL I 6 -33.15 -17.31 -38.56
N THR I 7 -33.73 -17.68 -37.41
CA THR I 7 -34.41 -16.76 -36.51
C THR I 7 -33.66 -16.73 -35.19
N VAL I 8 -33.37 -15.53 -34.70
CA VAL I 8 -32.46 -15.34 -33.57
C VAL I 8 -33.28 -15.01 -32.33
N TYR I 9 -32.94 -15.66 -31.22
CA TYR I 9 -33.64 -15.50 -29.96
C TYR I 9 -32.67 -15.02 -28.91
N TYR I 10 -33.05 -13.95 -28.21
CA TYR I 10 -32.27 -13.39 -27.11
C TYR I 10 -33.07 -13.49 -25.84
N GLY I 11 -32.37 -13.75 -24.73
CA GLY I 11 -33.02 -14.21 -23.52
C GLY I 11 -33.17 -15.71 -23.51
N VAL I 12 -32.13 -16.43 -23.93
CA VAL I 12 -32.23 -17.86 -24.23
C VAL I 12 -31.48 -18.64 -23.15
N PRO I 13 -32.08 -19.68 -22.51
CA PRO I 13 -31.34 -20.38 -21.46
C PRO I 13 -30.30 -21.35 -21.99
N VAL I 14 -29.03 -20.96 -21.94
CA VAL I 14 -27.90 -21.77 -22.40
C VAL I 14 -26.70 -21.43 -21.54
N TRP I 15 -25.82 -22.42 -21.35
CA TRP I 15 -24.74 -22.35 -20.37
C TRP I 15 -23.38 -22.68 -20.99
N LYS I 16 -22.35 -22.14 -20.35
CA LYS I 16 -20.97 -22.58 -20.50
C LYS I 16 -20.30 -22.52 -19.13
N GLU I 17 -19.77 -23.65 -18.69
CA GLU I 17 -18.95 -23.64 -17.48
C GLU I 17 -17.70 -22.80 -17.76
N ALA I 18 -17.41 -21.84 -16.88
CA ALA I 18 -16.42 -20.82 -17.18
C ALA I 18 -15.82 -20.29 -15.89
N LYS I 19 -14.70 -19.58 -16.06
CA LYS I 19 -14.03 -18.93 -14.94
C LYS I 19 -14.56 -17.51 -14.77
N THR I 20 -14.92 -17.16 -13.54
CA THR I 20 -15.46 -15.84 -13.25
C THR I 20 -15.06 -15.43 -11.84
N THR I 21 -15.04 -14.12 -11.61
CA THR I 21 -14.73 -13.55 -10.30
C THR I 21 -16.03 -13.38 -9.52
N LEU I 22 -16.17 -14.13 -8.43
CA LEU I 22 -17.43 -14.14 -7.69
C LEU I 22 -17.47 -13.03 -6.65
N PHE I 23 -18.67 -12.75 -6.17
CA PHE I 23 -18.84 -11.83 -5.06
C PHE I 23 -18.36 -12.47 -3.77
N CYS I 24 -18.34 -11.70 -2.69
CA CYS I 24 -18.41 -12.22 -1.34
C CYS I 24 -19.62 -11.60 -0.66
N ALA I 25 -20.49 -12.44 -0.12
CA ALA I 25 -21.71 -11.98 0.53
C ALA I 25 -21.86 -12.66 1.88
N SER I 26 -22.43 -11.92 2.84
CA SER I 26 -22.59 -12.40 4.20
C SER I 26 -23.89 -11.86 4.76
N ASP I 27 -24.33 -12.47 5.86
CA ASP I 27 -25.62 -12.13 6.45
C ASP I 27 -25.59 -10.72 7.04
N ALA I 28 -26.79 -10.16 7.24
CA ALA I 28 -26.90 -8.77 7.64
C ALA I 28 -26.43 -8.52 9.07
N ARG I 29 -26.43 -9.55 9.91
CA ARG I 29 -26.11 -9.37 11.31
C ARG I 29 -24.65 -8.99 11.56
N ALA I 30 -23.78 -9.12 10.57
CA ALA I 30 -22.37 -8.79 10.75
C ALA I 30 -22.06 -7.32 10.51
N TYR I 31 -23.02 -6.53 10.02
CA TYR I 31 -22.74 -5.19 9.51
C TYR I 31 -23.00 -4.07 10.50
N GLU I 32 -23.49 -4.38 11.70
CA GLU I 32 -23.56 -3.36 12.76
C GLU I 32 -22.26 -3.23 13.54
N LYS I 33 -21.25 -4.05 13.25
CA LYS I 33 -19.99 -4.04 13.98
C LYS I 33 -19.04 -3.02 13.36
N GLU I 34 -17.84 -2.93 13.95
CA GLU I 34 -16.83 -2.01 13.48
C GLU I 34 -16.13 -2.60 12.24
N VAL I 35 -15.11 -1.87 11.76
CA VAL I 35 -14.44 -2.26 10.53
C VAL I 35 -13.67 -3.55 10.75
N HIS I 36 -13.88 -4.52 9.84
CA HIS I 36 -13.14 -5.77 9.79
C HIS I 36 -13.33 -6.60 11.07
N ASN I 37 -14.42 -6.38 11.79
CA ASN I 37 -14.74 -7.11 13.01
C ASN I 37 -16.11 -7.79 12.82
N VAL I 38 -16.13 -8.99 12.24
CA VAL I 38 -15.10 -9.77 11.55
C VAL I 38 -15.06 -9.25 10.10
N TRP I 39 -14.08 -9.71 9.31
CA TRP I 39 -13.85 -9.23 7.94
C TRP I 39 -15.13 -9.17 7.10
N ALA I 40 -16.09 -10.06 7.34
CA ALA I 40 -17.28 -10.09 6.51
C ALA I 40 -18.10 -8.81 6.62
N THR I 41 -17.93 -8.07 7.71
CA THR I 41 -18.63 -6.80 7.88
C THR I 41 -18.18 -5.75 6.88
N HIS I 42 -16.95 -5.85 6.37
CA HIS I 42 -16.31 -4.79 5.58
C HIS I 42 -15.92 -5.23 4.18
N ALA I 43 -15.45 -6.47 4.02
CA ALA I 43 -14.93 -6.95 2.74
C ALA I 43 -15.96 -7.69 1.91
N CYS I 44 -17.24 -7.68 2.30
CA CYS I 44 -18.26 -8.44 1.62
C CYS I 44 -19.57 -7.67 1.65
N VAL I 45 -20.44 -7.96 0.69
CA VAL I 45 -21.71 -7.25 0.52
C VAL I 45 -22.76 -7.87 1.43
N PRO I 46 -23.75 -7.13 1.92
CA PRO I 46 -24.89 -7.79 2.58
C PRO I 46 -25.63 -8.70 1.62
N THR I 47 -26.13 -9.81 2.14
CA THR I 47 -26.77 -10.82 1.30
C THR I 47 -28.24 -10.49 1.10
N ASP I 48 -28.88 -11.31 0.27
CA ASP I 48 -30.32 -11.26 0.03
C ASP I 48 -30.80 -12.69 -0.15
N PRO I 49 -31.81 -13.15 0.61
CA PRO I 49 -32.32 -14.51 0.38
C PRO I 49 -32.83 -14.74 -1.04
N SER I 50 -33.38 -13.72 -1.69
CA SER I 50 -33.83 -13.88 -3.06
C SER I 50 -32.62 -14.11 -3.97
N PRO I 51 -32.75 -14.94 -5.03
CA PRO I 51 -33.92 -15.71 -5.48
C PRO I 51 -34.14 -16.97 -4.64
N GLN I 52 -35.32 -17.58 -4.75
CA GLN I 52 -35.54 -18.85 -4.10
C GLN I 52 -34.71 -19.93 -4.79
N GLU I 53 -34.54 -21.06 -4.10
CA GLU I 53 -33.80 -22.18 -4.66
C GLU I 53 -34.65 -22.88 -5.72
N LEU I 54 -34.82 -22.24 -6.87
CA LEU I 54 -35.65 -22.79 -7.93
C LEU I 54 -35.02 -24.04 -8.51
N VAL I 55 -35.86 -24.98 -8.92
CA VAL I 55 -35.43 -26.29 -9.41
C VAL I 55 -35.69 -26.36 -10.91
N LEU I 56 -34.65 -26.74 -11.66
CA LEU I 56 -34.73 -26.91 -13.11
C LEU I 56 -34.97 -28.38 -13.45
N GLY I 57 -36.21 -28.82 -13.24
CA GLY I 57 -36.49 -30.24 -13.08
C GLY I 57 -36.03 -31.14 -14.21
N ASN I 58 -36.04 -30.63 -15.45
CA ASN I 58 -35.76 -31.45 -16.62
C ASN I 58 -34.28 -31.47 -17.01
N VAL I 59 -33.39 -30.90 -16.19
CA VAL I 59 -32.01 -30.69 -16.61
C VAL I 59 -31.17 -31.91 -16.28
N THR I 60 -30.13 -32.11 -17.09
CA THR I 60 -28.96 -32.90 -16.71
C THR I 60 -27.72 -32.04 -16.91
N GLU I 61 -26.81 -32.09 -15.94
CA GLU I 61 -25.60 -31.28 -15.99
C GLU I 61 -24.47 -32.00 -15.25
N ASN I 62 -23.26 -31.90 -15.80
CA ASN I 62 -22.08 -32.55 -15.25
C ASN I 62 -21.36 -31.58 -14.33
N PHE I 63 -21.20 -31.97 -13.06
CA PHE I 63 -20.48 -31.17 -12.08
C PHE I 63 -19.15 -31.81 -11.73
N ASN I 64 -18.32 -31.05 -11.03
CA ASN I 64 -16.99 -31.53 -10.63
C ASN I 64 -16.54 -30.73 -9.41
N MET I 65 -15.56 -31.30 -8.69
CA MET I 65 -14.92 -30.65 -7.56
C MET I 65 -13.43 -30.43 -7.76
N TRP I 66 -12.73 -31.38 -8.40
CA TRP I 66 -11.28 -31.43 -8.40
C TRP I 66 -10.66 -30.66 -9.54
N LYS I 67 -11.36 -30.60 -10.68
CA LYS I 67 -11.07 -29.60 -11.70
C LYS I 67 -11.78 -28.28 -11.44
N ASN I 68 -12.56 -28.18 -10.37
CA ASN I 68 -13.35 -26.99 -10.10
C ASN I 68 -12.43 -25.79 -9.83
N ASP I 69 -12.76 -24.66 -10.47
CA ASP I 69 -12.03 -23.42 -10.25
C ASP I 69 -12.45 -22.70 -8.98
N MET I 70 -13.70 -22.93 -8.52
CA MET I 70 -14.26 -22.15 -7.43
C MET I 70 -13.47 -22.32 -6.13
N VAL I 71 -13.05 -23.55 -5.83
CA VAL I 71 -12.34 -23.79 -4.58
C VAL I 71 -11.00 -23.07 -4.57
N ASP I 72 -10.27 -23.12 -5.69
CA ASP I 72 -9.01 -22.39 -5.80
C ASP I 72 -9.22 -20.88 -5.74
N GLN I 73 -10.28 -20.39 -6.37
CA GLN I 73 -10.56 -18.96 -6.32
C GLN I 73 -10.86 -18.52 -4.90
N MET I 74 -11.63 -19.33 -4.15
CA MET I 74 -11.92 -18.99 -2.76
C MET I 74 -10.64 -19.06 -1.92
N HIS I 75 -9.76 -20.02 -2.22
CA HIS I 75 -8.48 -20.08 -1.52
C HIS I 75 -7.69 -18.81 -1.73
N GLU I 76 -7.61 -18.35 -2.98
CA GLU I 76 -6.89 -17.10 -3.27
C GLU I 76 -7.57 -15.92 -2.57
N ASP I 77 -8.90 -15.88 -2.57
CA ASP I 77 -9.62 -14.80 -1.91
C ASP I 77 -9.30 -14.77 -0.42
N ILE I 78 -9.32 -15.94 0.23
CA ILE I 78 -9.08 -16.00 1.66
C ILE I 78 -7.65 -15.57 1.97
N ILE I 79 -6.68 -16.02 1.16
CA ILE I 79 -5.28 -15.65 1.42
C ILE I 79 -5.08 -14.15 1.24
N SER I 80 -5.63 -13.60 0.16
CA SER I 80 -5.47 -12.17 -0.10
C SER I 80 -6.13 -11.34 0.99
N LEU I 81 -7.32 -11.75 1.42
CA LEU I 81 -7.98 -11.08 2.54
C LEU I 81 -7.16 -11.22 3.81
N TRP I 82 -6.48 -12.35 3.98
CA TRP I 82 -5.71 -12.56 5.20
C TRP I 82 -4.54 -11.57 5.25
N ASP I 83 -3.87 -11.41 4.12
CA ASP I 83 -2.82 -10.39 4.01
C ASP I 83 -3.37 -9.00 4.26
N GLN I 84 -4.54 -8.70 3.69
CA GLN I 84 -5.12 -7.37 3.88
C GLN I 84 -5.52 -7.14 5.33
N SER I 85 -5.93 -8.19 6.04
CA SER I 85 -6.38 -8.06 7.42
C SER I 85 -5.20 -7.88 8.37
N LEU I 86 -4.09 -8.60 8.13
CA LEU I 86 -2.94 -8.49 9.02
C LEU I 86 -2.05 -7.31 8.68
N LYS I 87 -2.31 -6.59 7.59
CA LYS I 87 -1.46 -5.49 7.18
C LYS I 87 -1.39 -4.35 8.22
N PRO I 88 -2.49 -3.82 8.76
CA PRO I 88 -2.36 -2.69 9.69
C PRO I 88 -1.80 -3.08 11.06
N CYS I 89 -1.69 -4.35 11.39
CA CYS I 89 -1.32 -4.75 12.73
C CYS I 89 0.19 -4.59 12.96
N VAL I 90 0.58 -4.68 14.23
CA VAL I 90 1.97 -4.45 14.61
C VAL I 90 2.87 -5.52 14.00
N LYS I 91 4.07 -5.11 13.60
CA LYS I 91 5.03 -5.99 12.94
C LYS I 91 5.99 -6.67 13.94
N LEU I 92 5.61 -6.75 15.22
CA LEU I 92 6.47 -7.29 16.27
C LEU I 92 7.81 -6.59 16.31
N THR I 93 8.72 -6.97 15.41
CA THR I 93 10.12 -6.51 15.35
C THR I 93 10.90 -6.81 16.65
N PRO I 94 11.11 -5.92 17.69
CA PRO I 94 12.00 -6.39 18.76
C PRO I 94 11.37 -7.47 19.64
N LEU I 95 11.40 -8.70 19.14
CA LEU I 95 11.11 -9.88 19.96
C LEU I 95 12.13 -10.98 19.74
N CYS I 96 12.84 -10.96 18.61
CA CYS I 96 13.89 -11.94 18.35
C CYS I 96 15.18 -11.63 19.10
N VAL I 97 15.16 -10.61 19.97
CA VAL I 97 16.23 -10.42 20.94
C VAL I 97 16.41 -11.71 21.76
N THR I 98 17.61 -11.84 22.34
CA THR I 98 17.96 -13.06 23.07
C THR I 98 17.04 -13.27 24.26
N LEU I 99 16.13 -14.24 24.15
CA LEU I 99 15.27 -14.60 25.27
C LEU I 99 16.05 -15.50 26.24
N ILE I 100 16.05 -15.11 27.51
CA ILE I 100 16.63 -15.92 28.58
C ILE I 100 15.49 -16.60 29.30
N CYS I 101 15.39 -17.91 29.15
CA CYS I 101 14.22 -18.67 29.59
C CYS I 101 14.60 -19.54 30.78
N SER I 102 13.84 -19.43 31.85
CA SER I 102 14.15 -20.14 33.09
C SER I 102 13.64 -21.57 33.02
N ASN I 103 14.50 -22.52 33.41
CA ASN I 103 14.11 -23.92 33.55
C ASN I 103 13.42 -24.08 34.90
N ALA I 104 12.10 -23.96 34.88
CA ALA I 104 11.33 -23.98 36.12
C ALA I 104 11.42 -25.33 36.81
N THR I 105 11.31 -25.30 38.14
CA THR I 105 11.49 -26.49 38.96
C THR I 105 10.28 -27.43 38.93
N VAL I 106 9.16 -27.01 38.35
CA VAL I 106 7.98 -27.85 38.33
C VAL I 106 8.24 -29.12 37.52
N LYS I 107 7.74 -30.25 38.02
CA LYS I 107 7.97 -31.52 37.37
C LYS I 107 7.29 -31.57 36.00
N ASN I 108 7.99 -32.13 35.02
CA ASN I 108 7.43 -32.25 33.68
C ASN I 108 6.52 -33.47 33.59
N GLY I 109 5.79 -33.56 32.48
CA GLY I 109 4.89 -34.67 32.24
C GLY I 109 3.79 -34.26 31.29
N THR I 110 2.62 -34.88 31.48
CA THR I 110 1.45 -34.59 30.66
C THR I 110 0.70 -33.39 31.23
N VAL I 111 1.38 -32.24 31.30
CA VAL I 111 0.81 -31.02 31.85
C VAL I 111 1.00 -29.81 30.95
N GLU I 112 1.79 -29.93 29.88
CA GLU I 112 2.02 -28.84 28.93
C GLU I 112 2.59 -27.61 29.64
N GLU I 113 3.81 -27.79 30.16
CA GLU I 113 4.50 -26.70 30.86
C GLU I 113 5.12 -25.74 29.86
N MET I 114 4.95 -24.45 30.10
CA MET I 114 5.51 -23.42 29.24
C MET I 114 6.83 -22.90 29.82
N LYS I 115 7.53 -22.12 29.01
CA LYS I 115 8.83 -21.56 29.38
C LYS I 115 8.67 -20.09 29.70
N ASN I 116 9.12 -19.68 30.89
CA ASN I 116 9.06 -18.30 31.34
C ASN I 116 10.31 -17.59 30.80
N CYS I 117 10.12 -16.76 29.78
CA CYS I 117 11.22 -16.15 29.04
C CYS I 117 11.24 -14.64 29.29
N SER I 118 12.42 -14.13 29.65
CA SER I 118 12.64 -12.73 29.94
C SER I 118 13.56 -12.13 28.89
N PHE I 119 13.28 -10.89 28.49
CA PHE I 119 13.94 -10.29 27.35
C PHE I 119 13.86 -8.78 27.43
N ASN I 120 14.74 -8.12 26.69
CA ASN I 120 14.79 -6.66 26.65
C ASN I 120 13.88 -6.13 25.55
N THR I 121 13.20 -5.02 25.85
CA THR I 121 12.27 -4.38 24.91
C THR I 121 12.61 -2.91 24.78
N THR I 122 12.44 -2.38 23.57
CA THR I 122 12.50 -0.93 23.37
C THR I 122 11.19 -0.33 23.83
N THR I 123 11.23 0.39 24.96
CA THR I 123 10.03 0.95 25.54
C THR I 123 9.54 2.11 24.67
N GLU I 124 8.52 2.83 25.16
CA GLU I 124 7.99 3.97 24.41
C GLU I 124 9.07 5.00 24.12
N ILE I 125 10.06 5.14 25.01
CA ILE I 125 11.27 5.88 24.71
C ILE I 125 12.06 4.99 23.77
N ARG I 126 11.99 5.28 22.47
CA ARG I 126 12.41 4.35 21.41
C ARG I 126 13.88 3.96 21.55
N ASP I 127 14.73 4.89 21.98
CA ASP I 127 16.15 4.64 22.20
C ASP I 127 16.45 4.44 23.68
N LYS I 128 15.55 3.78 24.40
CA LYS I 128 15.78 3.33 25.77
C LYS I 128 15.07 2.00 25.94
N GLU I 129 15.54 1.21 26.91
CA GLU I 129 15.13 -0.19 27.02
C GLU I 129 14.90 -0.57 28.48
N LYS I 130 14.15 -1.66 28.65
CA LYS I 130 13.85 -2.23 29.95
C LYS I 130 13.73 -3.74 29.82
N LYS I 131 13.92 -4.44 30.93
CA LYS I 131 13.72 -5.89 30.95
C LYS I 131 12.23 -6.20 31.12
N GLU I 132 11.76 -7.22 30.39
CA GLU I 132 10.36 -7.60 30.43
C GLU I 132 10.27 -9.13 30.30
N TYR I 133 9.24 -9.70 30.92
CA TYR I 133 9.05 -11.14 30.95
C TYR I 133 7.67 -11.50 30.40
N ALA I 134 7.63 -12.65 29.72
CA ALA I 134 6.38 -13.17 29.18
C ALA I 134 6.56 -14.66 28.94
N LEU I 135 5.47 -15.41 29.15
CA LEU I 135 5.50 -16.86 29.01
C LEU I 135 5.12 -17.25 27.58
N PHE I 136 5.94 -18.11 26.98
CA PHE I 136 5.72 -18.60 25.62
C PHE I 136 5.59 -20.12 25.64
N TYR I 137 4.73 -20.64 24.76
CA TYR I 137 4.64 -22.08 24.60
C TYR I 137 5.93 -22.61 23.99
N LYS I 138 6.28 -23.84 24.36
CA LYS I 138 7.52 -24.45 23.87
C LYS I 138 7.63 -24.50 22.35
N PRO I 139 6.58 -24.83 21.58
CA PRO I 139 6.71 -24.80 20.12
C PRO I 139 7.07 -23.43 19.55
N ASP I 140 6.81 -22.35 20.27
CA ASP I 140 7.17 -21.01 19.80
C ASP I 140 8.64 -20.69 20.00
N ILE I 141 9.41 -21.55 20.66
CA ILE I 141 10.72 -21.20 21.19
C ILE I 141 11.74 -22.23 20.70
N VAL I 142 12.94 -21.75 20.37
CA VAL I 142 14.01 -22.58 19.82
C VAL I 142 15.32 -22.18 20.52
N PRO I 143 16.25 -23.09 20.78
CA PRO I 143 17.56 -22.66 21.32
C PRO I 143 18.32 -21.80 20.33
N LEU I 144 19.21 -20.96 20.88
CA LEU I 144 19.67 -19.77 20.16
C LEU I 144 20.42 -20.11 18.87
N SER I 145 21.60 -20.72 19.00
CA SER I 145 22.53 -20.78 17.87
C SER I 145 23.70 -21.69 18.20
N GLU I 146 24.62 -21.78 17.24
CA GLU I 146 25.85 -22.57 17.44
C GLU I 146 26.71 -22.01 18.57
N THR I 147 26.60 -20.71 18.87
CA THR I 147 27.16 -20.17 20.10
C THR I 147 26.28 -20.60 21.27
N ASN I 148 26.42 -21.87 21.61
CA ASN I 148 25.37 -22.56 22.35
C ASN I 148 25.33 -22.13 23.81
N ASN I 149 24.13 -21.84 24.28
CA ASN I 149 23.86 -21.67 25.71
C ASN I 149 22.44 -22.13 25.95
N THR I 150 22.27 -23.19 26.75
CA THR I 150 20.97 -23.80 26.93
C THR I 150 19.97 -22.88 27.62
N SER I 151 20.41 -21.79 28.25
CA SER I 151 19.53 -20.85 28.91
C SER I 151 19.10 -19.69 28.01
N GLU I 152 19.54 -19.65 26.75
CA GLU I 152 19.25 -18.55 25.84
C GLU I 152 18.49 -19.10 24.64
N TYR I 153 17.46 -18.37 24.19
CA TYR I 153 16.50 -18.89 23.23
C TYR I 153 16.09 -17.81 22.25
N ARG I 154 15.36 -18.23 21.22
CA ARG I 154 14.86 -17.39 20.15
C ARG I 154 13.42 -17.80 19.83
N LEU I 155 12.63 -16.85 19.35
CA LEU I 155 11.34 -17.20 18.78
C LEU I 155 11.55 -18.08 17.55
N ILE I 156 10.57 -18.94 17.25
CA ILE I 156 10.69 -19.85 16.12
C ILE I 156 10.72 -19.11 14.78
N ASN I 157 10.30 -17.84 14.74
CA ASN I 157 10.53 -17.01 13.57
C ASN I 157 11.99 -16.56 13.57
N CYS I 158 12.36 -15.70 12.61
CA CYS I 158 13.70 -15.18 12.37
C CYS I 158 14.64 -16.23 11.78
N ASN I 159 14.17 -17.47 11.62
CA ASN I 159 14.61 -18.36 10.55
C ASN I 159 13.65 -18.27 9.34
N THR I 160 13.00 -17.11 9.27
CA THR I 160 11.80 -16.89 8.50
C THR I 160 11.54 -15.39 8.53
N SER I 161 10.73 -14.90 7.59
CA SER I 161 10.37 -13.50 7.53
C SER I 161 9.74 -13.01 8.83
N ALA I 162 9.73 -11.70 9.03
CA ALA I 162 9.17 -11.14 10.26
C ALA I 162 7.69 -11.47 10.37
N CYS I 163 7.23 -11.62 11.60
CA CYS I 163 5.90 -12.14 11.87
C CYS I 163 5.09 -11.07 12.61
N THR I 164 3.77 -11.12 12.43
CA THR I 164 2.87 -10.03 12.85
C THR I 164 1.79 -10.55 13.78
N GLN I 165 1.49 -9.76 14.81
CA GLN I 165 0.44 -10.11 15.75
C GLN I 165 -0.93 -9.89 15.12
N ALA I 166 -1.91 -10.68 15.54
CA ALA I 166 -3.30 -10.43 15.18
C ALA I 166 -3.87 -9.38 16.13
N CYS I 167 -4.41 -8.31 15.57
CA CYS I 167 -5.00 -7.27 16.41
C CYS I 167 -6.21 -7.85 17.14
N PRO I 168 -6.37 -7.56 18.44
CA PRO I 168 -7.57 -8.07 19.13
C PRO I 168 -8.87 -7.46 18.63
N LYS I 169 -8.80 -6.34 17.89
CA LYS I 169 -10.00 -5.70 17.37
C LYS I 169 -10.71 -6.54 16.30
N VAL I 170 -10.05 -7.57 15.77
CA VAL I 170 -10.65 -8.51 14.82
C VAL I 170 -10.60 -9.90 15.43
N THR I 171 -11.68 -10.66 15.25
CA THR I 171 -11.81 -12.00 15.79
C THR I 171 -12.06 -12.97 14.65
N PHE I 172 -11.40 -14.12 14.70
CA PHE I 172 -11.38 -15.05 13.58
C PHE I 172 -12.43 -16.13 13.78
N GLU I 173 -13.68 -15.73 13.96
CA GLU I 173 -14.78 -16.69 13.99
C GLU I 173 -15.08 -17.16 12.57
N PRO I 174 -15.45 -18.43 12.36
CA PRO I 174 -15.82 -18.85 11.00
C PRO I 174 -17.19 -18.33 10.62
N ILE I 175 -17.27 -17.03 10.33
CA ILE I 175 -18.54 -16.41 9.96
C ILE I 175 -19.02 -16.99 8.64
N PRO I 176 -20.30 -17.29 8.45
CA PRO I 176 -20.74 -17.81 7.14
C PRO I 176 -20.50 -16.82 6.03
N ILE I 177 -20.05 -17.34 4.88
CA ILE I 177 -19.78 -16.54 3.69
C ILE I 177 -20.59 -17.12 2.54
N HIS I 178 -21.43 -16.29 1.94
CA HIS I 178 -22.16 -16.65 0.73
C HIS I 178 -21.37 -16.18 -0.49
N TYR I 179 -20.86 -17.12 -1.27
CA TYR I 179 -20.28 -16.78 -2.57
C TYR I 179 -21.40 -16.70 -3.61
N CYS I 180 -21.42 -15.61 -4.38
CA CYS I 180 -22.47 -15.35 -5.34
C CYS I 180 -21.86 -15.06 -6.70
N ALA I 181 -22.48 -15.60 -7.74
CA ALA I 181 -22.02 -15.35 -9.10
C ALA I 181 -22.33 -13.91 -9.48
N PRO I 182 -21.50 -13.27 -10.31
CA PRO I 182 -21.83 -11.92 -10.74
C PRO I 182 -22.98 -11.92 -11.74
N ALA I 183 -23.55 -10.72 -11.95
CA ALA I 183 -24.66 -10.58 -12.86
C ALA I 183 -24.28 -11.04 -14.26
N GLY I 184 -25.17 -11.79 -14.90
CA GLY I 184 -24.88 -12.45 -16.15
C GLY I 184 -24.34 -13.85 -16.02
N TYR I 185 -23.96 -14.27 -14.81
CA TYR I 185 -23.62 -15.64 -14.48
C TYR I 185 -24.60 -16.16 -13.45
N ALA I 186 -24.63 -17.48 -13.28
CA ALA I 186 -25.46 -18.13 -12.28
C ALA I 186 -24.69 -19.31 -11.71
N ILE I 187 -25.11 -19.73 -10.51
CA ILE I 187 -24.54 -20.89 -9.83
C ILE I 187 -25.60 -22.00 -9.86
N LEU I 188 -25.24 -23.14 -10.44
CA LEU I 188 -26.10 -24.31 -10.41
C LEU I 188 -25.73 -25.19 -9.23
N LYS I 189 -26.75 -25.66 -8.52
CA LYS I 189 -26.61 -26.39 -7.25
C LYS I 189 -27.20 -27.78 -7.42
N CYS I 190 -26.40 -28.81 -7.19
CA CYS I 190 -26.89 -30.18 -7.32
C CYS I 190 -27.93 -30.45 -6.24
N ASN I 191 -29.09 -30.95 -6.66
CA ASN I 191 -30.16 -31.29 -5.74
C ASN I 191 -30.15 -32.76 -5.34
N ASP I 192 -29.40 -33.61 -6.04
CA ASP I 192 -29.34 -35.03 -5.73
C ASP I 192 -28.33 -35.27 -4.61
N GLU I 193 -28.82 -35.81 -3.49
CA GLU I 193 -27.95 -36.10 -2.35
C GLU I 193 -26.95 -37.21 -2.63
N THR I 194 -27.17 -38.01 -3.69
CA THR I 194 -26.32 -39.15 -3.97
C THR I 194 -25.06 -38.79 -4.75
N PHE I 195 -24.77 -37.51 -4.93
CA PHE I 195 -23.64 -37.08 -5.75
C PHE I 195 -22.33 -37.57 -5.17
N ASN I 196 -21.50 -38.19 -6.01
CA ASN I 196 -20.27 -38.84 -5.60
C ASN I 196 -19.01 -38.10 -6.04
N GLY I 197 -19.11 -36.80 -6.32
CA GLY I 197 -17.95 -35.96 -6.56
C GLY I 197 -17.67 -35.66 -8.02
N THR I 198 -18.18 -36.47 -8.94
CA THR I 198 -18.00 -36.23 -10.37
C THR I 198 -19.09 -36.97 -11.13
N GLY I 199 -19.53 -36.38 -12.25
CA GLY I 199 -20.53 -36.96 -13.10
C GLY I 199 -21.84 -36.22 -13.04
N PRO I 200 -22.83 -36.67 -13.82
CA PRO I 200 -24.08 -35.91 -13.95
C PRO I 200 -24.95 -35.99 -12.71
N CYS I 201 -25.31 -34.82 -12.17
CA CYS I 201 -26.50 -34.68 -11.33
C CYS I 201 -27.68 -34.53 -12.27
N SER I 202 -28.61 -35.48 -12.23
CA SER I 202 -29.78 -35.44 -13.11
C SER I 202 -30.93 -34.66 -12.47
N ASN I 203 -30.63 -33.79 -11.50
CA ASN I 203 -31.61 -32.92 -10.88
C ASN I 203 -30.87 -31.77 -10.24
N VAL I 204 -31.08 -30.55 -10.74
CA VAL I 204 -30.26 -29.39 -10.38
C VAL I 204 -31.17 -28.24 -10.02
N SER I 205 -30.68 -27.38 -9.12
CA SER I 205 -31.35 -26.15 -8.72
C SER I 205 -30.42 -24.97 -8.99
N THR I 206 -31.01 -23.79 -9.15
CA THR I 206 -30.28 -22.57 -9.48
C THR I 206 -30.42 -21.56 -8.34
N VAL I 207 -29.29 -20.94 -7.98
CA VAL I 207 -29.26 -19.91 -6.95
C VAL I 207 -28.19 -18.89 -7.33
N GLN I 208 -28.47 -17.62 -7.04
CA GLN I 208 -27.47 -16.59 -7.27
C GLN I 208 -26.39 -16.58 -6.19
N CYS I 209 -26.71 -17.05 -4.98
CA CYS I 209 -25.79 -17.05 -3.86
C CYS I 209 -25.72 -18.44 -3.26
N THR I 210 -24.53 -18.82 -2.79
CA THR I 210 -24.31 -20.14 -2.24
C THR I 210 -24.71 -20.20 -0.77
N HIS I 211 -24.63 -21.40 -0.21
CA HIS I 211 -24.80 -21.65 1.22
C HIS I 211 -23.84 -20.76 2.01
N GLY I 212 -24.13 -20.51 3.28
CA GLY I 212 -23.24 -19.73 4.12
C GLY I 212 -21.98 -20.49 4.45
N ILE I 213 -21.08 -20.61 3.46
CA ILE I 213 -19.90 -21.46 3.59
C ILE I 213 -19.07 -21.03 4.77
N ARG I 214 -18.65 -21.98 5.57
CA ARG I 214 -17.78 -21.71 6.71
C ARG I 214 -16.34 -21.63 6.23
N PRO I 215 -15.61 -20.49 6.42
CA PRO I 215 -14.18 -20.45 6.11
C PRO I 215 -13.33 -21.02 7.24
N VAL I 216 -13.61 -22.27 7.61
CA VAL I 216 -13.05 -22.86 8.82
C VAL I 216 -11.64 -23.38 8.51
N VAL I 217 -10.72 -23.15 9.45
CA VAL I 217 -9.35 -23.65 9.34
C VAL I 217 -9.26 -24.90 10.20
N SER I 218 -9.06 -26.06 9.57
CA SER I 218 -9.00 -27.32 10.28
C SER I 218 -8.37 -28.36 9.38
N THR I 219 -7.46 -29.15 9.95
CA THR I 219 -6.58 -29.97 9.14
C THR I 219 -7.12 -31.37 8.91
N GLN I 220 -7.27 -32.17 9.97
CA GLN I 220 -7.60 -33.59 9.81
C GLN I 220 -9.06 -33.90 10.10
N LEU I 221 -9.81 -32.96 10.64
CA LEU I 221 -11.26 -33.08 10.76
C LEU I 221 -11.89 -31.77 10.31
N LEU I 222 -13.11 -31.88 9.82
CA LEU I 222 -13.85 -30.74 9.28
C LEU I 222 -14.85 -30.29 10.33
N LEU I 223 -14.76 -29.01 10.71
CA LEU I 223 -15.44 -28.48 11.88
C LEU I 223 -16.58 -27.56 11.47
N ASN I 224 -17.74 -27.75 12.11
CA ASN I 224 -18.92 -26.89 11.92
C ASN I 224 -19.37 -26.86 10.45
N GLY I 225 -19.10 -27.93 9.71
CA GLY I 225 -19.40 -27.95 8.30
C GLY I 225 -20.85 -28.34 8.01
N SER I 226 -21.15 -28.41 6.71
CA SER I 226 -22.48 -28.82 6.27
C SER I 226 -22.60 -30.34 6.35
N LEU I 227 -23.83 -30.82 6.13
CA LEU I 227 -24.17 -32.24 6.29
C LEU I 227 -24.87 -32.75 5.04
N ALA I 228 -24.73 -34.05 4.79
CA ALA I 228 -25.46 -34.72 3.73
C ALA I 228 -26.89 -35.01 4.19
N GLU I 229 -27.81 -35.06 3.22
CA GLU I 229 -29.22 -35.16 3.57
C GLU I 229 -29.62 -36.54 4.07
N LYS I 230 -29.15 -37.61 3.42
CA LYS I 230 -29.71 -38.95 3.62
C LYS I 230 -28.69 -40.03 3.97
N GLU I 231 -27.41 -39.88 3.62
CA GLU I 231 -26.45 -40.94 3.88
C GLU I 231 -25.04 -40.36 3.93
N ILE I 232 -24.16 -41.08 4.61
CA ILE I 232 -22.75 -40.71 4.66
C ILE I 232 -22.15 -40.89 3.28
N VAL I 233 -21.27 -39.95 2.90
CA VAL I 233 -20.75 -39.86 1.54
C VAL I 233 -19.23 -39.91 1.58
N ILE I 234 -18.64 -40.42 0.51
CA ILE I 234 -17.20 -40.44 0.30
C ILE I 234 -16.92 -39.82 -1.05
N ARG I 235 -15.85 -39.03 -1.13
CA ARG I 235 -15.50 -38.28 -2.33
C ARG I 235 -14.00 -38.32 -2.53
N SER I 236 -13.59 -38.50 -3.79
CA SER I 236 -12.17 -38.52 -4.15
C SER I 236 -12.05 -38.39 -5.66
N GLU I 237 -10.98 -37.72 -6.09
CA GLU I 237 -10.75 -37.58 -7.53
C GLU I 237 -10.50 -38.93 -8.18
N ASN I 238 -9.68 -39.77 -7.55
CA ASN I 238 -9.39 -41.10 -8.07
C ASN I 238 -8.97 -41.97 -6.89
N LEU I 239 -9.87 -42.86 -6.46
CA LEU I 239 -9.59 -43.74 -5.33
C LEU I 239 -8.47 -44.74 -5.63
N THR I 240 -8.12 -44.94 -6.91
CA THR I 240 -7.03 -45.85 -7.23
C THR I 240 -5.70 -45.35 -6.68
N ASN I 241 -5.52 -44.03 -6.59
CA ASN I 241 -4.24 -43.47 -6.18
C ASN I 241 -4.12 -43.46 -4.66
N ASN I 242 -2.92 -43.79 -4.18
CA ASN I 242 -2.61 -43.68 -2.76
C ASN I 242 -2.27 -42.25 -2.33
N ALA I 243 -1.96 -41.37 -3.29
CA ALA I 243 -1.54 -40.02 -2.96
C ALA I 243 -2.71 -39.05 -2.84
N LYS I 244 -3.83 -39.34 -3.50
CA LYS I 244 -4.94 -38.40 -3.54
C LYS I 244 -5.72 -38.44 -2.22
N ILE I 245 -6.11 -37.26 -1.74
CA ILE I 245 -6.89 -37.17 -0.52
C ILE I 245 -8.29 -37.73 -0.78
N ILE I 246 -8.87 -38.33 0.25
CA ILE I 246 -10.23 -38.86 0.22
C ILE I 246 -11.03 -38.10 1.27
N ILE I 247 -12.08 -37.41 0.83
CA ILE I 247 -12.96 -36.70 1.74
C ILE I 247 -14.10 -37.61 2.15
N VAL I 248 -14.51 -37.51 3.42
CA VAL I 248 -15.68 -38.20 3.94
C VAL I 248 -16.63 -37.15 4.50
N HIS I 249 -17.90 -37.28 4.16
CA HIS I 249 -18.93 -36.33 4.56
C HIS I 249 -20.03 -37.08 5.29
N LEU I 250 -20.37 -36.62 6.49
CA LEU I 250 -21.20 -37.37 7.42
C LEU I 250 -22.68 -37.03 7.26
N HIS I 251 -23.52 -37.96 7.72
CA HIS I 251 -24.97 -37.79 7.73
C HIS I 251 -25.45 -37.12 9.00
N THR I 252 -24.83 -37.44 10.14
CA THR I 252 -25.07 -36.78 11.41
C THR I 252 -23.74 -36.32 12.00
N PRO I 253 -23.72 -35.27 12.82
CA PRO I 253 -22.44 -34.76 13.32
C PRO I 253 -21.97 -35.53 14.54
N VAL I 254 -20.65 -35.53 14.73
CA VAL I 254 -20.01 -36.07 15.91
C VAL I 254 -19.48 -34.90 16.73
N GLU I 255 -20.03 -34.72 17.93
CA GLU I 255 -19.72 -33.54 18.72
C GLU I 255 -18.30 -33.60 19.26
N ILE I 256 -17.59 -32.48 19.18
CA ILE I 256 -16.24 -32.33 19.71
C ILE I 256 -16.19 -31.07 20.57
N VAL I 257 -15.59 -31.19 21.75
CA VAL I 257 -15.41 -30.07 22.66
C VAL I 257 -13.94 -30.02 23.07
N CYS I 258 -13.35 -28.83 22.99
CA CYS I 258 -11.95 -28.61 23.33
C CYS I 258 -11.88 -27.44 24.30
N THR I 259 -10.77 -27.36 25.05
CA THR I 259 -10.68 -26.33 26.08
C THR I 259 -9.26 -26.19 26.57
N ARG I 260 -8.93 -24.97 27.01
CA ARG I 260 -7.74 -24.73 27.83
C ARG I 260 -8.18 -24.68 29.29
N PRO I 261 -7.83 -25.66 30.14
CA PRO I 261 -8.05 -25.46 31.58
C PRO I 261 -7.07 -24.49 32.21
N ASN I 262 -5.95 -24.19 31.56
CA ASN I 262 -5.04 -23.18 32.06
C ASN I 262 -5.71 -21.81 31.99
N ASN I 263 -5.63 -21.06 33.09
CA ASN I 263 -6.25 -19.74 33.18
C ASN I 263 -5.20 -18.65 32.95
N ASN I 264 -4.93 -18.40 31.68
CA ASN I 264 -3.96 -17.39 31.29
C ASN I 264 -4.45 -16.00 31.68
N THR I 265 -3.51 -15.10 31.93
CA THR I 265 -3.79 -13.68 32.04
C THR I 265 -3.03 -12.94 30.95
N ARG I 266 -3.71 -12.02 30.28
CA ARG I 266 -3.14 -11.33 29.12
C ARG I 266 -2.24 -10.20 29.61
N LYS I 267 -0.93 -10.37 29.43
CA LYS I 267 0.01 -9.30 29.70
C LYS I 267 0.00 -8.31 28.53
N SER I 268 0.36 -7.07 28.83
CA SER I 268 0.34 -5.97 27.85
C SER I 268 1.71 -5.32 27.84
N VAL I 269 2.60 -5.85 26.99
CA VAL I 269 3.92 -5.26 26.78
C VAL I 269 3.81 -4.18 25.72
N ARG I 270 4.54 -3.09 25.92
CA ARG I 270 4.62 -1.99 24.97
C ARG I 270 5.90 -2.10 24.17
N ILE I 271 5.78 -1.96 22.85
CA ILE I 271 6.89 -2.14 21.92
C ILE I 271 6.98 -0.85 21.10
N GLY I 272 7.90 0.03 21.49
CA GLY I 272 8.16 1.23 20.74
C GLY I 272 6.98 2.20 20.76
N PRO I 273 6.64 2.81 19.61
CA PRO I 273 5.69 3.94 19.64
C PRO I 273 4.25 3.51 19.83
N GLY I 274 3.85 3.27 21.08
CA GLY I 274 2.44 3.10 21.40
C GLY I 274 1.87 1.71 21.16
N GLN I 275 2.29 1.07 20.07
CA GLN I 275 1.76 -0.26 19.76
C GLN I 275 2.15 -1.25 20.84
N THR I 276 1.20 -2.12 21.18
CA THR I 276 1.34 -3.07 22.28
C THR I 276 1.54 -4.48 21.74
N PHE I 277 2.32 -5.28 22.45
CA PHE I 277 2.48 -6.70 22.18
C PHE I 277 1.93 -7.49 23.36
N TYR I 278 0.94 -8.33 23.09
CA TYR I 278 0.24 -9.09 24.13
C TYR I 278 0.88 -10.47 24.25
N ALA I 279 1.04 -10.93 25.50
CA ALA I 279 1.65 -12.22 25.74
C ALA I 279 1.13 -12.79 27.05
N THR I 280 1.29 -14.09 27.22
CA THR I 280 0.74 -14.79 28.37
C THR I 280 1.50 -14.40 29.63
N GLY I 281 0.75 -14.00 30.66
CA GLY I 281 1.35 -13.68 31.95
C GLY I 281 1.45 -14.89 32.84
N ASP I 282 1.11 -14.72 34.12
CA ASP I 282 1.12 -15.85 35.04
C ASP I 282 -0.09 -16.75 34.78
N ILE I 283 0.04 -18.01 35.18
CA ILE I 283 -1.06 -18.97 35.12
C ILE I 283 -1.75 -18.91 36.48
N ILE I 284 -2.77 -18.06 36.57
CA ILE I 284 -3.46 -17.84 37.83
C ILE I 284 -4.39 -19.02 38.04
N GLY I 285 -3.89 -20.04 38.72
CA GLY I 285 -4.58 -21.31 38.83
C GLY I 285 -3.59 -22.43 38.74
N ASP I 286 -4.12 -23.66 38.80
CA ASP I 286 -3.28 -24.83 38.69
C ASP I 286 -3.01 -25.16 37.23
N ILE I 287 -1.83 -25.71 36.97
CA ILE I 287 -1.44 -26.06 35.61
C ILE I 287 -2.17 -27.34 35.21
N LYS I 288 -2.75 -27.33 34.01
CA LYS I 288 -3.60 -28.43 33.56
C LYS I 288 -3.42 -28.61 32.06
N GLN I 289 -3.95 -29.73 31.55
CA GLN I 289 -3.68 -30.14 30.18
C GLN I 289 -4.78 -29.64 29.25
N ALA I 290 -4.39 -28.86 28.23
CA ALA I 290 -5.32 -28.53 27.16
C ALA I 290 -5.60 -29.78 26.33
N HIS I 291 -6.86 -29.95 25.94
CA HIS I 291 -7.27 -31.23 25.37
C HIS I 291 -8.55 -31.06 24.56
N CYS I 292 -9.00 -32.18 23.98
CA CYS I 292 -10.27 -32.26 23.26
C CYS I 292 -10.97 -33.55 23.63
N ASN I 293 -12.28 -33.59 23.38
CA ASN I 293 -13.11 -34.73 23.74
C ASN I 293 -14.05 -35.09 22.60
N ILE I 294 -14.34 -36.38 22.48
CA ILE I 294 -15.37 -36.89 21.60
C ILE I 294 -16.10 -38.01 22.33
N SER I 295 -17.43 -38.04 22.20
CA SER I 295 -18.21 -39.14 22.76
C SER I 295 -17.79 -40.43 22.07
N GLU I 296 -17.30 -41.40 22.86
CA GLU I 296 -16.60 -42.54 22.30
C GLU I 296 -17.54 -43.41 21.45
N GLU I 297 -18.73 -43.70 21.97
CA GLU I 297 -19.63 -44.59 21.23
C GLU I 297 -20.11 -43.95 19.93
N LYS I 298 -20.38 -42.65 19.95
CA LYS I 298 -20.80 -41.98 18.72
C LYS I 298 -19.67 -41.94 17.70
N TRP I 299 -18.43 -41.71 18.14
CA TRP I 299 -17.31 -41.78 17.21
C TRP I 299 -17.15 -43.18 16.65
N ASN I 300 -17.33 -44.20 17.48
CA ASN I 300 -17.23 -45.58 17.00
C ASN I 300 -18.30 -45.87 15.95
N ASP I 301 -19.54 -45.42 16.21
CA ASP I 301 -20.62 -45.64 15.27
C ASP I 301 -20.35 -44.93 13.95
N THR I 302 -19.95 -43.65 14.01
CA THR I 302 -19.65 -42.91 12.79
C THR I 302 -18.49 -43.54 12.03
N LEU I 303 -17.47 -44.02 12.76
CA LEU I 303 -16.31 -44.60 12.11
C LEU I 303 -16.65 -45.93 11.44
N GLN I 304 -17.49 -46.76 12.07
CA GLN I 304 -17.92 -48.00 11.43
C GLN I 304 -18.84 -47.71 10.24
N LYS I 305 -19.62 -46.63 10.31
CA LYS I 305 -20.48 -46.30 9.17
C LYS I 305 -19.66 -45.81 7.99
N VAL I 306 -18.62 -45.00 8.26
CA VAL I 306 -17.67 -44.69 7.20
C VAL I 306 -16.98 -45.96 6.73
N GLY I 307 -16.86 -46.96 7.61
CA GLY I 307 -16.38 -48.26 7.17
C GLY I 307 -17.27 -48.90 6.13
N ILE I 308 -18.59 -48.88 6.35
CA ILE I 308 -19.48 -49.49 5.35
C ILE I 308 -19.42 -48.69 4.05
N GLU I 309 -19.30 -47.37 4.15
CA GLU I 309 -19.21 -46.57 2.93
C GLU I 309 -17.90 -46.78 2.21
N LEU I 310 -16.83 -47.14 2.94
CA LEU I 310 -15.58 -47.51 2.29
C LEU I 310 -15.67 -48.90 1.67
N GLN I 311 -16.50 -49.78 2.25
CA GLN I 311 -16.67 -51.11 1.69
C GLN I 311 -17.34 -51.06 0.32
N LYS I 312 -18.18 -50.06 0.08
CA LYS I 312 -18.82 -49.93 -1.23
C LYS I 312 -17.79 -49.76 -2.35
N HIS I 313 -16.63 -49.19 -2.03
CA HIS I 313 -15.52 -49.06 -2.97
C HIS I 313 -14.43 -50.11 -2.76
N PHE I 314 -14.42 -50.78 -1.61
CA PHE I 314 -13.46 -51.86 -1.31
C PHE I 314 -14.22 -53.02 -0.70
N PRO I 315 -15.03 -53.73 -1.50
CA PRO I 315 -15.97 -54.71 -0.93
C PRO I 315 -15.29 -55.89 -0.24
N ASN I 316 -14.17 -56.38 -0.75
CA ASN I 316 -13.58 -57.63 -0.26
C ASN I 316 -12.59 -57.41 0.87
N LYS I 317 -12.70 -56.31 1.62
CA LYS I 317 -11.73 -55.98 2.65
C LYS I 317 -12.41 -55.32 3.84
N THR I 318 -11.93 -55.65 5.03
CA THR I 318 -12.20 -54.86 6.21
C THR I 318 -11.41 -53.56 6.15
N ILE I 319 -11.78 -52.61 7.02
CA ILE I 319 -11.15 -51.30 7.09
C ILE I 319 -10.40 -51.19 8.41
N LYS I 320 -9.11 -50.87 8.32
CA LYS I 320 -8.27 -50.59 9.48
C LYS I 320 -7.93 -49.11 9.47
N TYR I 321 -7.80 -48.54 10.67
CA TYR I 321 -7.47 -47.13 10.86
C TYR I 321 -6.26 -47.02 11.78
N ASN I 322 -5.36 -46.10 11.43
CA ASN I 322 -4.02 -46.08 12.01
C ASN I 322 -3.64 -44.65 12.39
N GLN I 323 -2.51 -44.54 13.09
CA GLN I 323 -1.98 -43.26 13.52
C GLN I 323 -1.68 -42.38 12.31
N SER I 324 -1.61 -41.06 12.56
CA SER I 324 -1.39 -40.10 11.48
C SER I 324 0.00 -40.31 10.85
N ALA I 325 0.26 -39.53 9.79
CA ALA I 325 1.45 -39.74 8.98
C ALA I 325 2.74 -39.48 9.74
N GLY I 326 2.76 -38.50 10.64
CA GLY I 326 3.95 -38.14 11.37
C GLY I 326 4.81 -37.14 10.63
N GLY I 327 5.81 -36.62 11.34
CA GLY I 327 6.73 -35.65 10.78
C GLY I 327 6.45 -34.25 11.29
N ASP I 328 6.10 -33.35 10.39
CA ASP I 328 5.87 -31.96 10.75
C ASP I 328 4.69 -31.85 11.71
N MET I 329 4.80 -30.94 12.68
CA MET I 329 3.76 -30.80 13.70
C MET I 329 2.45 -30.33 13.09
N GLU I 330 2.50 -29.34 12.20
CA GLU I 330 1.27 -28.78 11.65
C GLU I 330 0.58 -29.73 10.67
N ILE I 331 1.30 -30.71 10.13
CA ILE I 331 0.74 -31.65 9.15
C ILE I 331 0.20 -32.89 9.86
N THR I 332 0.95 -33.42 10.82
CA THR I 332 0.56 -34.69 11.45
C THR I 332 -0.57 -34.49 12.45
N THR I 333 -0.61 -33.35 13.13
CA THR I 333 -1.58 -33.11 14.18
C THR I 333 -2.84 -32.45 13.62
N HIS I 334 -3.93 -32.56 14.37
CA HIS I 334 -5.18 -31.90 14.05
C HIS I 334 -5.11 -30.45 14.46
N SER I 335 -4.63 -29.58 13.56
CA SER I 335 -4.55 -28.15 13.83
C SER I 335 -5.86 -27.47 13.46
N PHE I 336 -6.39 -26.68 14.38
CA PHE I 336 -7.65 -25.97 14.13
C PHE I 336 -7.73 -24.77 15.08
N ASN I 337 -8.61 -23.85 14.74
CA ASN I 337 -8.77 -22.59 15.46
C ASN I 337 -9.90 -22.71 16.46
N CYS I 338 -9.69 -22.15 17.66
CA CYS I 338 -10.63 -22.29 18.76
C CYS I 338 -10.63 -21.01 19.59
N GLY I 339 -11.54 -20.09 19.27
CA GLY I 339 -11.78 -18.93 20.12
C GLY I 339 -10.75 -17.82 20.00
N GLY I 340 -9.67 -18.06 19.27
CA GLY I 340 -8.56 -17.13 19.20
C GLY I 340 -7.23 -17.85 19.33
N GLU I 341 -7.22 -18.92 20.11
CA GLU I 341 -6.06 -19.81 20.20
C GLU I 341 -6.14 -20.88 19.12
N PHE I 342 -4.97 -21.36 18.73
CA PHE I 342 -4.84 -22.41 17.71
C PHE I 342 -4.35 -23.68 18.38
N PHE I 343 -5.21 -24.69 18.43
CA PHE I 343 -4.88 -25.97 19.04
C PHE I 343 -4.16 -26.86 18.04
N TYR I 344 -3.39 -27.81 18.57
CA TYR I 344 -2.68 -28.80 17.76
C TYR I 344 -2.80 -30.12 18.51
N CYS I 345 -3.69 -30.99 18.06
CA CYS I 345 -4.10 -32.17 18.82
C CYS I 345 -3.49 -33.44 18.24
N ASN I 346 -3.04 -34.32 19.14
CA ASN I 346 -2.49 -35.62 18.79
C ASN I 346 -3.65 -36.61 18.68
N THR I 347 -4.11 -36.82 17.44
CA THR I 347 -5.35 -37.56 17.21
C THR I 347 -5.16 -39.07 17.14
N SER I 348 -4.01 -39.60 17.55
CA SER I 348 -3.78 -41.04 17.45
C SER I 348 -4.75 -41.85 18.32
N ASN I 349 -5.37 -41.22 19.32
CA ASN I 349 -6.34 -41.92 20.15
C ASN I 349 -7.64 -42.21 19.41
N LEU I 350 -7.98 -41.41 18.40
CA LEU I 350 -9.20 -41.63 17.64
C LEU I 350 -9.05 -42.73 16.59
N PHE I 351 -8.14 -42.54 15.65
CA PHE I 351 -8.02 -43.42 14.49
C PHE I 351 -7.19 -44.65 14.85
N ASN I 352 -7.81 -45.49 15.69
CA ASN I 352 -7.19 -46.73 16.17
C ASN I 352 -8.11 -47.93 16.10
N GLY I 353 -9.40 -47.77 15.78
CA GLY I 353 -10.32 -48.88 15.70
C GLY I 353 -10.31 -49.52 14.33
N THR I 354 -11.31 -50.36 14.10
CA THR I 354 -11.45 -51.07 12.83
C THR I 354 -12.91 -51.46 12.64
N TYR I 355 -13.26 -51.77 11.39
CA TYR I 355 -14.58 -52.26 11.04
C TYR I 355 -14.38 -53.73 10.67
N ASN I 356 -15.17 -54.61 11.29
CA ASN I 356 -15.02 -56.06 11.10
C ASN I 356 -15.80 -56.60 9.91
N GLY I 357 -16.44 -55.74 9.11
CA GLY I 357 -17.36 -56.18 8.08
C GLY I 357 -18.77 -56.41 8.56
N THR I 358 -19.03 -56.33 9.86
CA THR I 358 -20.38 -56.39 10.41
C THR I 358 -20.44 -55.43 11.58
N TYR I 359 -21.50 -54.64 11.61
CA TYR I 359 -21.61 -53.56 12.59
C TYR I 359 -21.62 -54.12 14.01
N ILE I 360 -20.81 -53.53 14.86
CA ILE I 360 -20.69 -53.92 16.27
C ILE I 360 -21.56 -52.97 17.07
N SER I 361 -22.54 -53.54 17.79
CA SER I 361 -23.59 -52.73 18.39
C SER I 361 -23.07 -51.94 19.58
N THR I 362 -23.40 -50.66 19.61
CA THR I 362 -23.26 -49.83 20.81
C THR I 362 -24.53 -49.76 21.64
N ASN I 363 -25.61 -50.38 21.19
CA ASN I 363 -26.89 -50.38 21.90
C ASN I 363 -27.06 -51.73 22.60
N SER I 364 -27.46 -51.73 23.87
CA SER I 364 -27.75 -50.63 24.79
C SER I 364 -26.45 -49.96 25.24
N SER I 365 -26.48 -48.65 25.41
CA SER I 365 -25.30 -47.89 25.78
C SER I 365 -25.02 -48.03 27.28
N ALA I 366 -23.77 -48.33 27.61
CA ALA I 366 -23.36 -48.36 29.01
C ALA I 366 -23.34 -46.95 29.60
N ASN I 367 -22.75 -46.00 28.88
CA ASN I 367 -22.75 -44.61 29.30
C ASN I 367 -22.49 -43.76 28.06
N SER I 368 -23.50 -43.01 27.62
CA SER I 368 -23.36 -42.16 26.45
C SER I 368 -22.41 -40.99 26.68
N THR I 369 -22.15 -40.63 27.93
CA THR I 369 -21.21 -39.56 28.26
C THR I 369 -19.78 -40.05 28.44
N SER I 370 -19.51 -41.33 28.18
CA SER I 370 -18.12 -41.79 28.14
C SER I 370 -17.42 -41.17 26.94
N THR I 371 -16.20 -40.69 27.16
CA THR I 371 -15.48 -39.85 26.20
C THR I 371 -14.09 -40.40 25.92
N ILE I 372 -13.66 -40.23 24.67
CA ILE I 372 -12.26 -40.37 24.32
C ILE I 372 -11.62 -38.99 24.35
N THR I 373 -10.39 -38.92 24.84
CA THR I 373 -9.72 -37.65 25.11
C THR I 373 -8.48 -37.51 24.25
N LEU I 374 -8.27 -36.31 23.73
CA LEU I 374 -7.11 -35.97 22.92
C LEU I 374 -6.36 -34.84 23.59
N GLN I 375 -5.07 -35.05 23.83
CA GLN I 375 -4.24 -34.10 24.57
C GLN I 375 -3.51 -33.23 23.55
N CYS I 376 -3.76 -31.92 23.60
CA CYS I 376 -3.43 -31.01 22.51
C CYS I 376 -2.34 -30.04 22.92
N ARG I 377 -1.35 -29.87 22.04
CA ARG I 377 -0.42 -28.75 22.13
C ARG I 377 -1.11 -27.47 21.69
N ILE I 378 -0.49 -26.34 21.98
CA ILE I 378 -0.97 -25.03 21.56
C ILE I 378 0.21 -24.20 21.07
N LYS I 379 0.01 -23.50 19.96
CA LYS I 379 0.99 -22.58 19.39
C LYS I 379 0.41 -21.19 19.33
N GLN I 380 1.28 -20.19 19.41
CA GLN I 380 0.95 -18.81 19.10
C GLN I 380 1.53 -18.36 17.77
N ILE I 381 2.79 -18.70 17.50
CA ILE I 381 3.40 -18.44 16.20
C ILE I 381 2.87 -19.51 15.24
N ILE I 382 1.95 -19.12 14.37
CA ILE I 382 1.28 -20.03 13.46
C ILE I 382 1.84 -19.81 12.07
N ASN I 383 2.32 -20.88 11.45
CA ASN I 383 2.77 -20.87 10.06
C ASN I 383 1.66 -21.45 9.18
N MET I 384 0.60 -20.65 8.96
CA MET I 384 -0.63 -21.20 8.39
C MET I 384 -0.42 -21.72 6.97
N TRP I 385 -0.04 -20.83 6.04
CA TRP I 385 -0.13 -21.13 4.62
C TRP I 385 1.18 -20.76 3.95
N GLN I 386 1.32 -21.18 2.70
CA GLN I 386 2.44 -20.74 1.88
C GLN I 386 2.02 -19.54 1.04
N GLY I 387 2.71 -18.42 1.24
CA GLY I 387 2.46 -17.21 0.48
C GLY I 387 1.52 -16.22 1.13
N VAL I 388 1.21 -16.38 2.42
CA VAL I 388 0.35 -15.45 3.15
C VAL I 388 1.24 -14.54 3.99
N GLY I 389 2.52 -14.49 3.65
CA GLY I 389 3.54 -14.11 4.63
C GLY I 389 3.97 -15.26 5.52
N ARG I 390 3.25 -16.38 5.46
CA ARG I 390 3.52 -17.62 6.18
C ARG I 390 3.72 -17.48 7.69
N CYS I 391 3.29 -16.39 8.32
CA CYS I 391 3.36 -16.27 9.77
C CYS I 391 2.27 -15.38 10.34
N MET I 392 1.94 -15.65 11.61
CA MET I 392 1.09 -14.82 12.44
C MET I 392 1.42 -15.17 13.88
N TYR I 393 1.36 -14.18 14.77
CA TYR I 393 1.36 -14.43 16.20
C TYR I 393 -0.06 -14.24 16.71
N ALA I 394 -0.67 -15.32 17.20
CA ALA I 394 -2.03 -15.25 17.72
C ALA I 394 -1.97 -14.87 19.20
N PRO I 395 -2.49 -13.70 19.61
CA PRO I 395 -2.31 -13.29 21.00
C PRO I 395 -3.12 -14.16 21.93
N PRO I 396 -2.69 -14.32 23.18
CA PRO I 396 -3.45 -15.16 24.12
C PRO I 396 -4.66 -14.41 24.66
N ILE I 397 -5.74 -15.16 24.86
CA ILE I 397 -7.01 -14.62 25.35
C ILE I 397 -7.27 -15.17 26.75
N ALA I 398 -7.58 -14.26 27.68
CA ALA I 398 -7.49 -14.52 29.11
C ALA I 398 -8.69 -15.24 29.70
N GLY I 399 -8.74 -16.56 29.57
CA GLY I 399 -9.78 -17.35 30.21
C GLY I 399 -9.61 -18.80 29.86
N ASN I 400 -10.31 -19.65 30.62
CA ASN I 400 -10.32 -21.09 30.34
C ASN I 400 -11.43 -21.35 29.32
N ILE I 401 -11.02 -21.38 28.05
CA ILE I 401 -11.97 -21.27 26.95
C ILE I 401 -12.56 -22.62 26.60
N THR I 402 -13.68 -22.59 25.89
CA THR I 402 -14.29 -23.79 25.31
C THR I 402 -14.86 -23.43 23.94
N CYS I 403 -14.76 -24.39 23.01
CA CYS I 403 -15.23 -24.23 21.62
C CYS I 403 -15.99 -25.50 21.21
N ARG I 404 -16.96 -25.87 22.05
CA ARG I 404 -17.87 -26.96 21.75
C ARG I 404 -18.45 -26.82 20.34
N SER I 405 -18.15 -27.81 19.49
CA SER I 405 -18.42 -27.70 18.06
C SER I 405 -18.73 -29.09 17.51
N ASN I 406 -19.06 -29.13 16.22
CA ASN I 406 -19.49 -30.34 15.53
C ASN I 406 -18.45 -30.78 14.50
N ILE I 407 -18.16 -32.08 14.47
CA ILE I 407 -17.48 -32.67 13.32
C ILE I 407 -18.52 -33.07 12.30
N THR I 408 -18.22 -32.81 11.02
CA THR I 408 -19.09 -33.23 9.92
C THR I 408 -18.33 -33.85 8.75
N GLY I 409 -17.03 -34.05 8.87
CA GLY I 409 -16.27 -34.68 7.80
C GLY I 409 -14.89 -35.06 8.25
N LEU I 410 -14.31 -36.02 7.54
CA LEU I 410 -12.98 -36.54 7.81
C LEU I 410 -12.15 -36.47 6.55
N LEU I 411 -10.84 -36.26 6.73
CA LEU I 411 -9.87 -36.24 5.63
C LEU I 411 -8.89 -37.39 5.86
N LEU I 412 -9.16 -38.53 5.24
CA LEU I 412 -8.33 -39.71 5.37
C LEU I 412 -7.35 -39.82 4.21
N THR I 413 -6.58 -40.92 4.18
CA THR I 413 -5.66 -41.18 3.09
C THR I 413 -5.26 -42.65 3.14
N ARG I 414 -5.35 -43.33 2.00
CA ARG I 414 -5.02 -44.75 1.94
C ARG I 414 -3.51 -44.95 2.04
N ASP I 415 -3.10 -45.89 2.89
CA ASP I 415 -1.69 -46.20 3.05
C ASP I 415 -1.22 -47.09 1.90
N GLY I 416 0.09 -47.24 1.79
CA GLY I 416 0.69 -48.09 0.77
C GLY I 416 0.23 -49.53 0.88
N GLY I 417 -0.18 -50.11 -0.25
CA GLY I 417 -0.68 -51.47 -0.24
C GLY I 417 0.41 -52.50 -0.04
N THR I 418 0.02 -53.65 0.51
CA THR I 418 0.93 -54.76 0.70
C THR I 418 0.16 -56.07 0.75
N ASN I 419 0.64 -57.06 -0.01
CA ASN I 419 0.10 -58.42 -0.01
C ASN I 419 -1.35 -58.51 -0.45
N SER I 420 -1.91 -57.43 -1.00
CA SER I 420 -3.35 -57.35 -1.27
C SER I 420 -4.14 -57.67 -0.01
N ASN I 421 -3.72 -57.08 1.11
CA ASN I 421 -4.21 -57.49 2.42
C ASN I 421 -5.70 -57.18 2.56
N GLU I 422 -6.38 -58.02 3.34
CA GLU I 422 -7.81 -57.90 3.64
C GLU I 422 -8.14 -56.76 4.61
N THR I 423 -7.13 -56.03 5.12
CA THR I 423 -7.32 -55.04 6.16
C THR I 423 -6.65 -53.70 5.84
N GLU I 424 -6.47 -53.36 4.56
CA GLU I 424 -5.58 -52.27 4.20
C GLU I 424 -6.10 -50.95 4.74
N THR I 425 -5.18 -50.11 5.21
CA THR I 425 -5.50 -49.07 6.19
C THR I 425 -5.57 -47.68 5.57
N PHE I 426 -6.23 -46.79 6.30
CA PHE I 426 -6.37 -45.37 5.97
C PHE I 426 -5.76 -44.55 7.10
N ARG I 427 -5.11 -43.44 6.75
CA ARG I 427 -4.52 -42.52 7.72
C ARG I 427 -5.11 -41.12 7.56
N PRO I 428 -5.32 -40.36 8.64
CA PRO I 428 -5.67 -38.94 8.46
C PRO I 428 -4.43 -38.13 8.09
N ALA I 429 -4.47 -37.53 6.89
CA ALA I 429 -3.33 -36.76 6.39
C ALA I 429 -3.75 -35.52 5.60
N GLY I 430 -5.03 -35.16 5.65
CA GLY I 430 -5.49 -33.99 4.91
C GLY I 430 -4.84 -32.71 5.40
N GLY I 431 -3.91 -32.17 4.62
CA GLY I 431 -3.17 -31.00 5.02
C GLY I 431 -3.68 -29.69 4.45
N ASP I 432 -3.92 -29.66 3.14
CA ASP I 432 -4.29 -28.42 2.47
C ASP I 432 -5.68 -27.98 2.91
N MET I 433 -5.85 -26.66 3.10
CA MET I 433 -7.15 -26.13 3.49
C MET I 433 -8.07 -25.95 2.29
N ARG I 434 -7.59 -26.20 1.08
CA ARG I 434 -8.47 -26.27 -0.08
C ARG I 434 -9.53 -27.34 0.11
N ASP I 435 -9.12 -28.50 0.64
CA ASP I 435 -10.04 -29.63 0.79
C ASP I 435 -11.18 -29.33 1.76
N ASN I 436 -10.95 -28.47 2.75
CA ASN I 436 -12.03 -28.12 3.68
C ASN I 436 -13.17 -27.42 2.94
N TRP I 437 -12.83 -26.46 2.08
CA TRP I 437 -13.83 -25.76 1.31
C TRP I 437 -14.33 -26.61 0.15
N ARG I 438 -13.47 -27.48 -0.38
CA ARG I 438 -13.91 -28.39 -1.43
C ARG I 438 -14.91 -29.40 -0.89
N SER I 439 -14.83 -29.73 0.39
CA SER I 439 -15.82 -30.61 1.02
C SER I 439 -17.14 -29.91 1.29
N GLU I 440 -17.21 -28.58 1.13
CA GLU I 440 -18.40 -27.81 1.47
C GLU I 440 -19.01 -27.15 0.24
N LEU I 441 -18.19 -26.89 -0.78
CA LEU I 441 -18.65 -26.38 -2.07
C LEU I 441 -18.94 -27.50 -3.07
N TYR I 442 -19.34 -28.68 -2.58
CA TYR I 442 -19.45 -29.85 -3.46
C TYR I 442 -20.68 -29.76 -4.38
N LYS I 443 -21.61 -28.86 -4.10
CA LYS I 443 -22.85 -28.80 -4.86
C LYS I 443 -22.80 -27.84 -6.04
N TYR I 444 -21.81 -26.96 -6.11
CA TYR I 444 -21.91 -25.72 -6.86
C TYR I 444 -20.99 -25.71 -8.08
N LYS I 445 -21.50 -25.12 -9.16
CA LYS I 445 -20.72 -24.79 -10.35
C LYS I 445 -21.30 -23.52 -10.96
N VAL I 446 -20.41 -22.63 -11.41
CA VAL I 446 -20.84 -21.42 -12.10
C VAL I 446 -21.14 -21.77 -13.55
N VAL I 447 -22.18 -21.14 -14.10
CA VAL I 447 -22.52 -21.23 -15.51
C VAL I 447 -22.51 -19.82 -16.10
N LYS I 448 -21.80 -19.66 -17.22
CA LYS I 448 -21.85 -18.41 -17.98
C LYS I 448 -23.07 -18.43 -18.88
N ILE I 449 -23.98 -17.47 -18.68
CA ILE I 449 -25.14 -17.38 -19.56
C ILE I 449 -24.68 -16.98 -20.95
N GLU I 450 -25.22 -17.67 -21.96
CA GLU I 450 -24.98 -17.39 -23.36
C GLU I 450 -26.35 -17.13 -23.96
N PRO I 451 -26.94 -15.96 -23.69
CA PRO I 451 -28.38 -15.77 -23.95
C PRO I 451 -28.74 -15.53 -25.41
N LEU I 452 -27.82 -15.72 -26.34
CA LEU I 452 -28.01 -15.34 -27.75
C LEU I 452 -27.96 -16.61 -28.60
N GLY I 453 -29.13 -17.15 -28.91
CA GLY I 453 -29.24 -18.38 -29.69
C GLY I 453 -29.95 -18.12 -31.01
N VAL I 454 -29.62 -18.93 -32.01
CA VAL I 454 -30.19 -18.85 -33.36
C VAL I 454 -30.78 -20.21 -33.71
N ALA I 455 -32.01 -20.20 -34.23
CA ALA I 455 -32.75 -21.42 -34.54
C ALA I 455 -33.59 -21.20 -35.79
N PRO I 456 -34.00 -22.27 -36.47
CA PRO I 456 -34.81 -22.10 -37.68
C PRO I 456 -36.30 -22.04 -37.39
N THR I 457 -37.03 -21.32 -38.24
CA THR I 457 -38.48 -21.37 -38.26
C THR I 457 -38.97 -20.68 -39.54
N ARG I 458 -40.26 -20.86 -39.81
CA ARG I 458 -40.87 -20.36 -41.05
C ARG I 458 -41.26 -18.88 -40.92
N CYS I 459 -40.25 -18.02 -41.07
CA CYS I 459 -40.48 -16.59 -41.14
C CYS I 459 -39.23 -15.92 -41.68
N LYS I 460 -39.43 -14.93 -42.55
CA LYS I 460 -38.36 -14.10 -43.07
C LYS I 460 -38.75 -12.64 -42.93
N ARG I 461 -37.76 -11.78 -42.77
CA ARG I 461 -37.99 -10.38 -42.45
C ARG I 461 -38.79 -9.70 -43.55
N ARG I 462 -39.77 -8.89 -43.16
CA ARG I 462 -40.66 -8.23 -44.10
C ARG I 462 -39.93 -7.09 -44.79
N VAL I 463 -39.88 -7.13 -46.13
CA VAL I 463 -39.27 -6.07 -46.92
C VAL I 463 -40.17 -5.78 -48.12
N ALA J 1 -50.58 -22.66 -18.45
CA ALA J 1 -49.87 -22.43 -19.74
C ALA J 1 -48.60 -21.62 -19.50
N VAL J 2 -47.70 -21.60 -20.49
CA VAL J 2 -46.46 -20.87 -20.35
C VAL J 2 -46.69 -19.36 -20.35
N GLY J 3 -47.83 -18.90 -20.85
CA GLY J 3 -48.19 -17.49 -20.73
C GLY J 3 -48.66 -17.17 -19.33
N ILE J 4 -47.72 -17.23 -18.37
CA ILE J 4 -48.07 -17.11 -16.96
C ILE J 4 -48.57 -15.71 -16.65
N GLY J 5 -48.00 -14.69 -17.28
CA GLY J 5 -48.33 -13.31 -16.96
C GLY J 5 -47.49 -12.80 -15.82
N ALA J 6 -47.77 -13.28 -14.62
CA ALA J 6 -46.92 -13.01 -13.46
C ALA J 6 -45.75 -13.98 -13.46
N VAL J 7 -44.87 -13.87 -14.46
CA VAL J 7 -43.80 -14.85 -14.63
C VAL J 7 -42.85 -14.80 -13.45
N PHE J 8 -42.44 -15.98 -12.99
CA PHE J 8 -41.69 -16.13 -11.75
C PHE J 8 -40.51 -17.10 -11.90
N LEU J 9 -40.04 -17.34 -13.12
CA LEU J 9 -39.14 -18.45 -13.37
C LEU J 9 -37.68 -18.10 -13.09
N GLY J 10 -37.44 -17.00 -12.37
CA GLY J 10 -36.10 -16.70 -11.89
C GLY J 10 -35.12 -16.48 -13.02
N PHE J 11 -33.88 -16.92 -12.80
CA PHE J 11 -32.84 -16.74 -13.80
C PHE J 11 -33.06 -17.65 -15.01
N LEU J 12 -33.36 -18.93 -14.77
CA LEU J 12 -33.19 -19.95 -15.80
C LEU J 12 -34.30 -21.00 -15.81
N GLY J 13 -35.49 -20.70 -15.27
CA GLY J 13 -36.50 -21.71 -15.07
C GLY J 13 -36.99 -22.41 -16.33
N ALA J 14 -36.74 -21.83 -17.50
CA ALA J 14 -37.13 -22.46 -18.76
C ALA J 14 -36.11 -23.46 -19.28
N ALA J 15 -34.92 -23.54 -18.66
CA ALA J 15 -33.89 -24.45 -19.15
C ALA J 15 -34.35 -25.90 -19.01
N GLY J 16 -33.99 -26.72 -20.00
CA GLY J 16 -34.35 -28.11 -20.01
C GLY J 16 -35.67 -28.40 -20.67
N SER J 17 -36.66 -27.55 -20.43
CA SER J 17 -37.99 -27.74 -21.00
C SER J 17 -37.95 -27.57 -22.51
N THR J 18 -39.06 -27.93 -23.16
CA THR J 18 -39.13 -27.89 -24.61
C THR J 18 -39.00 -26.46 -25.12
N MET J 19 -38.39 -26.32 -26.31
CA MET J 19 -38.16 -25.00 -26.87
C MET J 19 -39.47 -24.28 -27.19
N GLY J 20 -40.55 -25.04 -27.41
CA GLY J 20 -41.83 -24.40 -27.64
C GLY J 20 -42.31 -23.56 -26.47
N ALA J 21 -42.00 -24.01 -25.25
CA ALA J 21 -42.36 -23.26 -24.05
C ALA J 21 -41.31 -22.19 -23.74
N ALA J 22 -40.02 -22.53 -23.91
CA ALA J 22 -38.95 -21.58 -23.66
C ALA J 22 -38.93 -20.43 -24.66
N SER J 23 -39.62 -20.56 -25.80
CA SER J 23 -39.74 -19.44 -26.73
C SER J 23 -40.42 -18.25 -26.06
N MET J 24 -41.39 -18.50 -25.20
CA MET J 24 -41.94 -17.50 -24.30
C MET J 24 -41.13 -17.48 -23.01
N THR J 25 -41.34 -16.43 -22.22
CA THR J 25 -40.58 -16.16 -21.01
C THR J 25 -39.09 -15.98 -21.29
N LEU J 26 -38.71 -15.48 -22.47
CA LEU J 26 -37.33 -15.13 -22.70
C LEU J 26 -36.89 -13.94 -21.86
N THR J 27 -37.85 -13.14 -21.38
CA THR J 27 -37.51 -11.87 -20.74
C THR J 27 -36.78 -12.09 -19.42
N VAL J 28 -37.12 -13.14 -18.67
CA VAL J 28 -36.48 -13.35 -17.37
C VAL J 28 -35.01 -13.69 -17.55
N GLN J 29 -34.66 -14.44 -18.59
CA GLN J 29 -33.24 -14.64 -18.89
C GLN J 29 -32.57 -13.35 -19.35
N ALA J 30 -33.32 -12.40 -19.89
CA ALA J 30 -32.75 -11.15 -20.39
C ALA J 30 -32.77 -10.06 -19.33
N ARG J 31 -33.84 -10.02 -18.52
CA ARG J 31 -33.99 -8.95 -17.54
C ARG J 31 -32.97 -9.06 -16.43
N ASN J 32 -32.57 -10.28 -16.08
CA ASN J 32 -31.76 -10.50 -14.88
C ASN J 32 -30.26 -10.27 -15.09
N LEU J 33 -29.84 -9.87 -16.29
CA LEU J 33 -28.42 -9.91 -16.65
C LEU J 33 -27.59 -8.79 -16.05
N LEU J 34 -28.20 -7.85 -15.30
CA LEU J 34 -27.48 -6.77 -14.65
C LEU J 34 -27.94 -6.66 -13.20
N SER J 35 -26.99 -6.66 -12.27
CA SER J 35 -27.26 -6.55 -10.85
C SER J 35 -25.93 -6.46 -10.10
N GLY J 36 -26.02 -6.18 -8.80
CA GLY J 36 -24.89 -6.26 -7.89
C GLY J 36 -24.41 -4.89 -7.44
N THR J 37 -23.64 -4.88 -6.35
CA THR J 37 -22.98 -3.69 -5.85
C THR J 37 -21.56 -4.04 -5.46
N VAL J 38 -20.80 -3.03 -5.03
CA VAL J 38 -19.34 -3.06 -5.11
C VAL J 38 -18.72 -3.69 -3.86
N TRP J 39 -17.63 -4.42 -4.07
CA TRP J 39 -16.61 -4.65 -3.04
C TRP J 39 -15.25 -4.60 -3.71
N GLY J 40 -14.49 -3.54 -3.44
CA GLY J 40 -13.10 -3.49 -3.84
C GLY J 40 -12.85 -3.60 -5.34
N ILE J 41 -11.58 -3.63 -5.71
CA ILE J 41 -11.21 -3.65 -7.13
C ILE J 41 -11.56 -4.99 -7.76
N LYS J 42 -11.39 -6.09 -7.02
CA LYS J 42 -11.52 -7.41 -7.62
C LYS J 42 -12.94 -7.66 -8.14
N GLN J 43 -13.95 -7.37 -7.32
CA GLN J 43 -15.34 -7.52 -7.75
C GLN J 43 -15.86 -6.35 -8.57
N LEU J 44 -15.24 -5.17 -8.47
CA LEU J 44 -15.61 -4.09 -9.39
C LEU J 44 -15.32 -4.51 -10.82
N GLN J 45 -14.27 -5.31 -11.03
CA GLN J 45 -14.01 -5.86 -12.35
C GLN J 45 -15.14 -6.79 -12.78
N ALA J 46 -15.68 -7.58 -11.85
CA ALA J 46 -16.82 -8.41 -12.17
C ALA J 46 -18.03 -7.58 -12.56
N ARG J 47 -18.27 -6.49 -11.83
CA ARG J 47 -19.42 -5.63 -12.14
C ARG J 47 -19.30 -5.01 -13.52
N VAL J 48 -18.10 -4.54 -13.88
CA VAL J 48 -17.91 -3.94 -15.19
C VAL J 48 -18.00 -4.99 -16.29
N LEU J 49 -17.48 -6.20 -16.02
CA LEU J 49 -17.47 -7.24 -17.05
C LEU J 49 -18.89 -7.68 -17.42
N ALA J 50 -19.80 -7.69 -16.45
CA ALA J 50 -21.18 -8.03 -16.75
C ALA J 50 -21.78 -7.03 -17.74
N VAL J 51 -21.53 -5.73 -17.49
CA VAL J 51 -22.05 -4.69 -18.38
C VAL J 51 -21.44 -4.84 -19.77
N GLU J 52 -20.14 -5.09 -19.84
CA GLU J 52 -19.48 -5.19 -21.14
C GLU J 52 -19.99 -6.40 -21.91
N ARG J 53 -20.11 -7.56 -21.25
CA ARG J 53 -20.62 -8.73 -21.94
C ARG J 53 -22.05 -8.53 -22.42
N TYR J 54 -22.89 -7.90 -21.58
CA TYR J 54 -24.23 -7.57 -22.04
C TYR J 54 -24.20 -6.69 -23.27
N LEU J 55 -23.39 -5.62 -23.24
CA LEU J 55 -23.39 -4.70 -24.36
C LEU J 55 -22.87 -5.39 -25.62
N ARG J 56 -21.98 -6.37 -25.46
CA ARG J 56 -21.55 -7.17 -26.60
C ARG J 56 -22.72 -7.96 -27.17
N ASP J 57 -23.50 -8.62 -26.29
CA ASP J 57 -24.67 -9.34 -26.75
C ASP J 57 -25.68 -8.42 -27.41
N GLN J 58 -25.73 -7.15 -27.00
CA GLN J 58 -26.59 -6.19 -27.68
C GLN J 58 -26.01 -5.70 -29.01
N GLN J 59 -24.68 -5.60 -29.12
CA GLN J 59 -24.08 -5.32 -30.42
C GLN J 59 -24.48 -6.37 -31.43
N LEU J 60 -24.37 -7.64 -31.06
CA LEU J 60 -24.74 -8.69 -32.00
C LEU J 60 -26.22 -8.59 -32.36
N LEU J 61 -27.11 -8.43 -31.38
CA LEU J 61 -28.53 -8.32 -31.70
C LEU J 61 -28.89 -7.02 -32.41
N GLY J 62 -28.04 -5.99 -32.36
CA GLY J 62 -28.35 -4.73 -32.99
C GLY J 62 -27.93 -4.66 -34.44
N ILE J 63 -26.71 -5.10 -34.74
CA ILE J 63 -26.24 -5.03 -36.11
C ILE J 63 -26.92 -6.06 -37.02
N TRP J 64 -27.56 -7.08 -36.44
CA TRP J 64 -28.36 -8.06 -37.17
C TRP J 64 -29.73 -7.53 -37.58
N GLY J 65 -30.21 -6.44 -36.98
CA GLY J 65 -31.42 -5.78 -37.45
C GLY J 65 -32.70 -6.13 -36.73
N CYS J 66 -32.63 -6.70 -35.52
CA CYS J 66 -33.85 -7.06 -34.83
C CYS J 66 -34.65 -5.82 -34.43
N SER J 67 -35.94 -5.84 -34.73
CA SER J 67 -36.91 -4.87 -34.23
C SER J 67 -37.83 -5.58 -33.24
N GLY J 68 -38.06 -4.96 -32.09
CA GLY J 68 -38.59 -5.69 -30.96
C GLY J 68 -37.55 -6.71 -30.56
N LYS J 69 -36.39 -6.21 -30.14
CA LYS J 69 -35.16 -6.99 -30.21
C LYS J 69 -34.95 -7.96 -29.07
N LEU J 70 -35.83 -8.97 -28.98
CA LEU J 70 -35.45 -10.21 -28.31
C LEU J 70 -35.88 -11.42 -29.13
N ILE J 71 -36.77 -11.23 -30.10
CA ILE J 71 -37.02 -12.19 -31.18
C ILE J 71 -37.11 -11.41 -32.47
N CYS J 72 -36.43 -11.87 -33.51
CA CYS J 72 -36.57 -11.27 -34.83
C CYS J 72 -36.23 -12.31 -35.88
N CYS J 73 -36.99 -12.29 -36.98
CA CYS J 73 -36.67 -13.13 -38.11
C CYS J 73 -35.61 -12.46 -38.99
N THR J 74 -35.03 -13.24 -39.89
CA THR J 74 -33.98 -12.78 -40.80
C THR J 74 -34.24 -13.33 -42.18
N ASN J 75 -33.59 -12.72 -43.17
CA ASN J 75 -33.71 -13.12 -44.56
C ASN J 75 -32.62 -14.09 -45.01
N VAL J 76 -31.72 -14.48 -44.10
CA VAL J 76 -30.66 -15.42 -44.46
C VAL J 76 -31.25 -16.83 -44.44
N PRO J 77 -31.21 -17.60 -45.53
CA PRO J 77 -31.81 -18.94 -45.50
C PRO J 77 -31.04 -19.88 -44.59
N TRP J 78 -31.78 -20.80 -43.99
CA TRP J 78 -31.18 -21.84 -43.16
C TRP J 78 -30.57 -22.89 -44.09
N ASN J 79 -29.28 -22.76 -44.36
CA ASN J 79 -28.54 -23.82 -45.04
C ASN J 79 -28.70 -25.08 -44.20
N SER J 80 -29.38 -26.09 -44.76
CA SER J 80 -29.86 -27.21 -43.95
C SER J 80 -28.73 -27.96 -43.27
N SER J 81 -27.51 -27.89 -43.82
CA SER J 81 -26.36 -28.57 -43.24
C SER J 81 -26.09 -28.10 -41.81
N TRP J 82 -26.58 -26.93 -41.43
CA TRP J 82 -26.43 -26.45 -40.06
C TRP J 82 -27.15 -27.35 -39.05
N SER J 83 -28.28 -27.97 -39.41
CA SER J 83 -28.94 -28.92 -38.51
C SER J 83 -29.28 -30.27 -39.15
N ASN J 84 -29.80 -30.28 -40.38
CA ASN J 84 -30.38 -31.48 -40.99
C ASN J 84 -31.38 -32.16 -40.04
N ARG J 85 -32.26 -31.37 -39.41
CA ARG J 85 -33.26 -31.89 -38.49
C ARG J 85 -34.59 -31.21 -38.71
N ASN J 86 -35.67 -31.94 -38.42
CA ASN J 86 -37.01 -31.45 -38.67
C ASN J 86 -37.34 -30.28 -37.76
N LEU J 87 -38.18 -29.36 -38.26
CA LEU J 87 -38.57 -28.20 -37.48
C LEU J 87 -39.34 -28.61 -36.22
N SER J 88 -40.30 -29.52 -36.38
CA SER J 88 -41.10 -29.98 -35.24
C SER J 88 -40.22 -30.67 -34.21
N GLU J 89 -39.24 -31.46 -34.65
CA GLU J 89 -38.31 -32.09 -33.73
C GLU J 89 -37.54 -31.03 -32.94
N ILE J 90 -37.10 -29.97 -33.63
CA ILE J 90 -36.30 -28.93 -32.95
C ILE J 90 -37.14 -28.21 -31.92
N TRP J 91 -38.37 -27.82 -32.28
CA TRP J 91 -39.12 -26.92 -31.42
C TRP J 91 -39.91 -27.65 -30.34
N ASP J 92 -40.55 -28.77 -30.68
CA ASP J 92 -41.43 -29.46 -29.74
C ASP J 92 -40.66 -30.43 -28.84
N ASN J 93 -39.78 -31.23 -29.43
CA ASN J 93 -39.09 -32.29 -28.68
C ASN J 93 -37.84 -31.79 -27.98
N MET J 94 -37.01 -31.02 -28.67
CA MET J 94 -35.70 -30.66 -28.14
C MET J 94 -35.83 -29.50 -27.15
N THR J 95 -34.70 -29.16 -26.52
CA THR J 95 -34.61 -28.04 -25.60
C THR J 95 -33.39 -27.19 -25.96
N TRP J 96 -33.43 -25.92 -25.52
CA TRP J 96 -32.38 -24.97 -25.88
C TRP J 96 -31.01 -25.44 -25.41
N LEU J 97 -30.95 -25.99 -24.19
CA LEU J 97 -29.70 -26.50 -23.63
C LEU J 97 -29.07 -27.53 -24.54
N GLN J 98 -29.88 -28.41 -25.14
CA GLN J 98 -29.35 -29.40 -26.07
C GLN J 98 -29.06 -28.76 -27.43
N TRP J 99 -29.89 -27.80 -27.84
CA TRP J 99 -29.71 -27.19 -29.16
C TRP J 99 -28.40 -26.42 -29.25
N ASP J 100 -27.88 -25.94 -28.11
CA ASP J 100 -26.57 -25.30 -28.12
C ASP J 100 -25.51 -26.22 -28.72
N LYS J 101 -25.55 -27.51 -28.38
CA LYS J 101 -24.52 -28.43 -28.83
C LYS J 101 -24.56 -28.63 -30.34
N GLU J 102 -25.70 -28.40 -30.99
CA GLU J 102 -25.81 -28.57 -32.43
C GLU J 102 -25.26 -27.37 -33.18
N ILE J 103 -25.81 -26.18 -32.92
CA ILE J 103 -25.51 -25.01 -33.74
C ILE J 103 -24.17 -24.38 -33.40
N SER J 104 -23.63 -24.60 -32.19
CA SER J 104 -22.44 -23.88 -31.74
C SER J 104 -21.22 -24.13 -32.63
N ASN J 105 -21.21 -25.23 -33.39
CA ASN J 105 -20.10 -25.48 -34.30
C ASN J 105 -20.03 -24.48 -35.44
N TYR J 106 -21.12 -23.78 -35.74
CA TYR J 106 -21.28 -23.01 -36.96
C TYR J 106 -21.70 -21.55 -36.72
N THR J 107 -21.74 -21.11 -35.46
CA THR J 107 -22.35 -19.82 -35.14
C THR J 107 -21.60 -18.65 -35.76
N GLN J 108 -20.26 -18.74 -35.82
CA GLN J 108 -19.45 -17.60 -36.22
C GLN J 108 -19.71 -17.18 -37.66
N ILE J 109 -20.20 -18.10 -38.50
CA ILE J 109 -20.52 -17.74 -39.89
C ILE J 109 -21.86 -17.00 -39.94
N ILE J 110 -22.84 -17.51 -39.20
CA ILE J 110 -24.16 -16.87 -39.17
C ILE J 110 -24.04 -15.46 -38.60
N TYR J 111 -23.17 -15.27 -37.61
CA TYR J 111 -23.04 -13.96 -36.98
C TYR J 111 -22.50 -12.90 -37.93
N GLY J 112 -21.92 -13.29 -39.07
CA GLY J 112 -21.50 -12.35 -40.09
C GLY J 112 -22.49 -12.26 -41.23
N LEU J 113 -23.13 -13.39 -41.55
CA LEU J 113 -24.16 -13.39 -42.58
C LEU J 113 -25.32 -12.46 -42.21
N LEU J 114 -25.76 -12.52 -40.94
CA LEU J 114 -26.82 -11.63 -40.51
C LEU J 114 -26.37 -10.18 -40.58
N GLU J 115 -25.12 -9.91 -40.21
CA GLU J 115 -24.57 -8.56 -40.25
C GLU J 115 -24.63 -7.98 -41.66
N GLU J 116 -24.08 -8.72 -42.63
CA GLU J 116 -24.03 -8.19 -43.99
C GLU J 116 -25.42 -8.07 -44.59
N SER J 117 -26.30 -9.04 -44.30
CA SER J 117 -27.67 -8.95 -44.81
C SER J 117 -28.42 -7.76 -44.22
N GLN J 118 -28.27 -7.49 -42.92
CA GLN J 118 -28.92 -6.34 -42.32
C GLN J 118 -28.41 -5.04 -42.91
N ASN J 119 -27.10 -4.92 -43.10
CA ASN J 119 -26.58 -3.67 -43.66
C ASN J 119 -27.04 -3.49 -45.12
N GLN J 120 -27.08 -4.58 -45.89
CA GLN J 120 -27.68 -4.56 -47.23
C GLN J 120 -29.12 -4.03 -47.17
N GLN J 121 -29.92 -4.57 -46.24
CA GLN J 121 -31.30 -4.13 -46.10
C GLN J 121 -31.39 -2.66 -45.72
N GLU J 122 -30.46 -2.18 -44.88
CA GLU J 122 -30.48 -0.78 -44.48
C GLU J 122 -30.28 0.14 -45.67
N LYS J 123 -29.26 -0.13 -46.49
CA LYS J 123 -29.02 0.71 -47.66
C LYS J 123 -30.18 0.60 -48.65
N ASN J 124 -30.71 -0.61 -48.83
CA ASN J 124 -31.82 -0.78 -49.77
C ASN J 124 -33.06 -0.03 -49.30
N GLU J 125 -33.31 -0.03 -47.98
CA GLU J 125 -34.45 0.71 -47.46
C GLU J 125 -34.26 2.20 -47.63
N GLN J 126 -33.04 2.71 -47.41
CA GLN J 126 -32.81 4.14 -47.66
C GLN J 126 -33.03 4.47 -49.13
N ASP J 127 -32.58 3.61 -50.03
CA ASP J 127 -32.77 3.85 -51.45
C ASP J 127 -34.26 3.85 -51.81
N LEU J 128 -35.03 2.91 -51.26
CA LEU J 128 -36.46 2.87 -51.52
C LEU J 128 -37.16 4.10 -50.97
N LEU J 129 -36.77 4.54 -49.78
CA LEU J 129 -37.35 5.76 -49.21
C LEU J 129 -37.02 6.98 -50.06
N ALA J 130 -35.80 7.03 -50.61
CA ALA J 130 -35.45 8.12 -51.52
C ALA J 130 -36.28 8.07 -52.80
N LEU J 131 -36.50 6.88 -53.35
CA LEU J 131 -37.31 6.77 -54.56
C LEU J 131 -38.77 7.09 -54.28
N ASP J 132 -39.26 6.80 -53.08
CA ASP J 132 -40.64 7.09 -52.72
C ASP J 132 -40.87 8.61 -52.70
N GLN K 1 -11.54 -44.47 57.05
CA GLN K 1 -10.40 -44.97 56.24
C GLN K 1 -9.43 -43.85 55.87
N VAL K 2 -9.97 -42.64 55.73
CA VAL K 2 -9.14 -41.46 55.47
C VAL K 2 -8.72 -40.85 56.80
N GLN K 3 -7.43 -40.52 56.91
CA GLN K 3 -6.91 -39.91 58.13
C GLN K 3 -5.71 -39.06 57.78
N LEU K 4 -5.59 -37.91 58.45
CA LEU K 4 -4.47 -36.97 58.28
C LEU K 4 -3.88 -36.71 59.66
N VAL K 5 -2.92 -37.54 60.06
CA VAL K 5 -2.25 -37.36 61.34
C VAL K 5 -1.29 -36.19 61.24
N GLN K 6 -1.40 -35.24 62.17
CA GLN K 6 -0.65 -34.00 62.16
C GLN K 6 0.30 -33.94 63.35
N SER K 7 1.29 -33.05 63.24
CA SER K 7 2.33 -32.94 64.25
C SER K 7 1.79 -32.35 65.55
N GLY K 8 2.64 -32.29 66.56
CA GLY K 8 2.27 -31.71 67.84
C GLY K 8 2.39 -30.20 67.82
N ALA K 9 2.06 -29.60 68.97
CA ALA K 9 2.03 -28.15 69.09
C ALA K 9 3.42 -27.56 68.93
N GLU K 10 3.64 -26.82 67.82
CA GLU K 10 4.93 -26.21 67.52
C GLU K 10 4.94 -24.76 67.99
N MET K 11 5.01 -24.62 69.31
CA MET K 11 5.09 -23.29 69.92
C MET K 11 6.41 -22.64 69.57
N LYS K 12 6.37 -21.39 69.12
CA LYS K 12 7.57 -20.70 68.66
C LYS K 12 7.43 -19.20 68.89
N ASN K 13 8.56 -18.52 68.93
CA ASN K 13 8.59 -17.09 69.22
C ASN K 13 8.31 -16.28 67.95
N PRO K 14 7.98 -14.99 68.09
CA PRO K 14 7.82 -14.15 66.89
C PRO K 14 9.11 -14.04 66.10
N GLY K 15 8.97 -13.86 64.79
CA GLY K 15 10.11 -13.74 63.89
C GLY K 15 10.64 -15.04 63.36
N ALA K 16 10.28 -16.17 63.95
CA ALA K 16 10.71 -17.48 63.47
C ALA K 16 9.72 -17.99 62.43
N SER K 17 9.90 -19.25 62.03
CA SER K 17 9.02 -19.93 61.10
C SER K 17 8.53 -21.24 61.71
N VAL K 18 7.26 -21.55 61.45
CA VAL K 18 6.61 -22.75 61.97
C VAL K 18 6.32 -23.68 60.79
N LYS K 19 6.67 -24.95 60.95
CA LYS K 19 6.57 -25.94 59.88
C LYS K 19 5.67 -27.09 60.37
N VAL K 20 4.46 -27.16 59.80
CA VAL K 20 3.50 -28.21 60.12
C VAL K 20 3.56 -29.28 59.04
N SER K 21 3.28 -30.53 59.45
CA SER K 21 3.24 -31.67 58.53
C SER K 21 2.01 -32.52 58.83
N CYS K 22 1.43 -33.09 57.77
CA CYS K 22 0.31 -34.01 57.88
C CYS K 22 0.56 -35.22 57.00
N ALA K 23 0.41 -36.42 57.56
CA ALA K 23 0.62 -37.66 56.84
C ALA K 23 -0.72 -38.33 56.57
N ALA K 24 -0.92 -38.77 55.33
CA ALA K 24 -2.21 -39.22 54.83
C ALA K 24 -2.26 -40.73 54.69
N SER K 25 -3.47 -41.27 54.77
CA SER K 25 -3.73 -42.68 54.54
C SER K 25 -5.14 -42.84 54.00
N GLY K 26 -5.39 -43.96 53.34
CA GLY K 26 -6.69 -44.21 52.73
C GLY K 26 -6.82 -43.53 51.40
N TYR K 27 -7.03 -42.21 51.41
CA TYR K 27 -6.91 -41.42 50.20
C TYR K 27 -5.44 -41.35 49.84
N THR K 28 -5.02 -42.08 48.81
CA THR K 28 -3.61 -42.11 48.43
C THR K 28 -3.14 -40.71 48.06
N PHE K 29 -1.90 -40.40 48.48
CA PHE K 29 -1.48 -39.01 48.61
C PHE K 29 -1.41 -38.30 47.27
N THR K 30 -1.10 -39.00 46.19
CA THR K 30 -0.99 -38.38 44.88
C THR K 30 -2.35 -38.07 44.25
N ASP K 31 -3.43 -38.69 44.72
CA ASP K 31 -4.72 -38.51 44.07
C ASP K 31 -5.35 -37.16 44.37
N PHE K 32 -5.32 -36.71 45.64
CA PHE K 32 -6.12 -35.57 46.09
C PHE K 32 -5.23 -34.41 46.48
N TYR K 33 -5.75 -33.20 46.28
CA TYR K 33 -5.08 -31.99 46.73
C TYR K 33 -4.95 -31.99 48.26
N ILE K 34 -4.13 -31.06 48.76
CA ILE K 34 -4.10 -30.72 50.16
C ILE K 34 -4.29 -29.21 50.29
N HIS K 35 -5.45 -28.82 50.85
CA HIS K 35 -5.70 -27.45 51.26
C HIS K 35 -5.34 -27.31 52.72
N TRP K 36 -5.01 -26.08 53.14
CA TRP K 36 -4.72 -25.77 54.52
C TRP K 36 -5.63 -24.64 55.01
N VAL K 37 -6.17 -24.79 56.21
CA VAL K 37 -7.02 -23.79 56.83
C VAL K 37 -6.57 -23.58 58.27
N ARG K 38 -6.95 -22.43 58.82
CA ARG K 38 -6.49 -22.00 60.14
C ARG K 38 -7.64 -21.34 60.89
N LEU K 39 -7.75 -21.65 62.18
CA LEU K 39 -8.75 -21.08 63.07
C LEU K 39 -8.06 -20.07 63.97
N ALA K 40 -7.90 -18.85 63.48
CA ALA K 40 -7.40 -17.77 64.31
C ALA K 40 -8.47 -17.43 65.34
N PRO K 41 -8.18 -17.38 66.65
CA PRO K 41 -9.24 -17.09 67.62
C PRO K 41 -9.88 -15.73 67.37
N GLY K 42 -11.20 -15.68 67.58
CA GLY K 42 -11.98 -14.51 67.23
C GLY K 42 -12.42 -14.54 65.78
N GLN K 43 -11.45 -14.60 64.88
CA GLN K 43 -11.73 -14.73 63.46
C GLN K 43 -12.22 -16.15 63.15
N GLY K 44 -12.87 -16.30 62.01
CA GLY K 44 -13.33 -17.59 61.55
C GLY K 44 -12.23 -18.38 60.85
N LEU K 45 -12.65 -19.29 59.97
CA LEU K 45 -11.71 -20.07 59.20
C LEU K 45 -10.87 -19.15 58.32
N GLN K 46 -9.55 -19.38 58.33
CA GLN K 46 -8.60 -18.61 57.54
C GLN K 46 -7.87 -19.58 56.63
N TRP K 47 -8.10 -19.44 55.32
CA TRP K 47 -7.55 -20.35 54.32
C TRP K 47 -6.25 -19.76 53.78
N MET K 48 -5.25 -20.61 53.57
CA MET K 48 -3.88 -20.16 53.36
C MET K 48 -3.28 -20.61 52.01
N GLY K 49 -3.53 -21.84 51.60
CA GLY K 49 -2.96 -22.30 50.33
C GLY K 49 -3.34 -23.73 50.06
N TRP K 50 -3.28 -24.07 48.77
CA TRP K 50 -3.41 -25.46 48.32
C TRP K 50 -2.05 -25.95 47.83
N MET K 51 -1.96 -27.27 47.66
CA MET K 51 -0.75 -27.90 47.16
C MET K 51 -1.18 -29.07 46.29
N ASN K 52 -0.64 -29.14 45.08
CA ASN K 52 -0.89 -30.26 44.19
C ASN K 52 0.20 -31.30 44.45
N PRO K 53 -0.05 -32.36 45.24
CA PRO K 53 1.03 -33.31 45.53
C PRO K 53 1.54 -34.03 44.29
N LYS K 54 0.73 -34.14 43.25
CA LYS K 54 1.15 -34.79 42.02
C LYS K 54 2.06 -33.90 41.18
N THR K 55 1.88 -32.58 41.24
CA THR K 55 2.64 -31.62 40.43
C THR K 55 3.56 -30.75 41.26
N GLY K 56 3.05 -30.06 42.28
CA GLY K 56 3.85 -29.22 43.15
C GLY K 56 3.49 -27.74 43.08
N ARG K 57 2.58 -27.35 42.19
CA ARG K 57 2.15 -25.96 42.13
C ARG K 57 1.45 -25.56 43.42
N THR K 58 1.67 -24.31 43.83
CA THR K 58 1.07 -23.78 45.04
C THR K 58 0.63 -22.34 44.79
N ASN K 59 -0.36 -21.91 45.56
CA ASN K 59 -0.82 -20.53 45.57
C ASN K 59 -1.32 -20.22 46.97
N ASN K 60 -1.41 -18.93 47.28
CA ASN K 60 -1.82 -18.49 48.60
C ASN K 60 -2.78 -17.30 48.47
N ALA K 61 -3.62 -17.15 49.48
CA ALA K 61 -4.43 -15.94 49.59
C ALA K 61 -3.52 -14.73 49.71
N GLN K 62 -4.05 -13.56 49.32
CA GLN K 62 -3.21 -12.36 49.28
C GLN K 62 -2.69 -11.97 50.65
N ASN K 63 -3.37 -12.39 51.72
CA ASN K 63 -2.85 -12.15 53.05
C ASN K 63 -1.54 -12.89 53.29
N PHE K 64 -1.36 -14.05 52.64
CA PHE K 64 -0.23 -14.94 52.90
C PHE K 64 0.74 -15.06 51.74
N GLN K 65 0.54 -14.30 50.66
CA GLN K 65 1.33 -14.53 49.44
C GLN K 65 2.79 -14.16 49.69
N GLY K 66 3.69 -15.09 49.37
CA GLY K 66 5.11 -14.92 49.62
C GLY K 66 5.52 -15.34 51.01
N ARG K 67 4.55 -15.56 51.90
CA ARG K 67 4.85 -15.85 53.30
C ARG K 67 4.82 -17.36 53.58
N VAL K 68 4.12 -18.13 52.76
CA VAL K 68 3.91 -19.57 52.98
C VAL K 68 4.60 -20.34 51.86
N THR K 69 5.25 -21.44 52.22
CA THR K 69 5.85 -22.37 51.27
C THR K 69 5.41 -23.78 51.66
N MET K 70 5.43 -24.70 50.70
CA MET K 70 4.93 -26.05 50.91
C MET K 70 5.80 -27.06 50.19
N THR K 71 5.88 -28.26 50.76
CA THR K 71 6.61 -29.37 50.19
C THR K 71 6.05 -30.66 50.77
N ARG K 72 6.48 -31.78 50.21
CA ARG K 72 5.90 -33.07 50.57
C ARG K 72 6.82 -34.18 50.09
N ASP K 73 6.36 -35.42 50.29
CA ASP K 73 6.99 -36.61 49.72
C ASP K 73 5.90 -37.61 49.43
N THR K 74 5.73 -37.95 48.15
CA THR K 74 4.68 -38.87 47.74
C THR K 74 4.97 -40.32 48.13
N SER K 75 6.24 -40.71 48.19
CA SER K 75 6.56 -42.05 48.66
C SER K 75 6.20 -42.22 50.13
N ILE K 76 6.57 -41.25 50.96
CA ILE K 76 6.14 -41.28 52.36
C ILE K 76 4.65 -41.04 52.46
N GLY K 77 4.12 -40.13 51.63
CA GLY K 77 2.74 -39.73 51.72
C GLY K 77 2.52 -38.77 52.88
N THR K 78 3.31 -37.69 52.90
CA THR K 78 3.25 -36.72 53.99
C THR K 78 3.48 -35.33 53.42
N ALA K 79 2.53 -34.43 53.67
CA ALA K 79 2.68 -33.03 53.29
C ALA K 79 3.49 -32.28 54.33
N TYR K 80 4.16 -31.22 53.88
CA TYR K 80 4.77 -30.25 54.76
C TYR K 80 4.40 -28.85 54.30
N MET K 81 4.40 -27.92 55.25
CA MET K 81 4.04 -26.53 54.99
C MET K 81 4.67 -25.65 56.05
N GLU K 82 5.33 -24.58 55.62
CA GLU K 82 6.07 -23.69 56.49
C GLU K 82 5.56 -22.26 56.34
N LEU K 83 5.30 -21.62 57.48
CA LEU K 83 4.88 -20.23 57.54
C LEU K 83 6.05 -19.41 58.04
N ARG K 84 6.43 -18.39 57.29
CA ARG K 84 7.56 -17.53 57.62
C ARG K 84 7.06 -16.21 58.22
N SER K 85 7.98 -15.52 58.90
CA SER K 85 7.66 -14.27 59.60
C SER K 85 6.52 -14.47 60.60
N LEU K 86 6.70 -15.45 61.49
CA LEU K 86 5.68 -15.76 62.49
C LEU K 86 5.48 -14.59 63.45
N THR K 87 4.24 -14.39 63.88
CA THR K 87 3.92 -13.33 64.83
C THR K 87 2.82 -13.81 65.77
N SER K 88 2.39 -12.91 66.66
CA SER K 88 1.47 -13.28 67.72
C SER K 88 0.11 -13.69 67.17
N ASP K 89 -0.38 -12.99 66.13
CA ASP K 89 -1.69 -13.28 65.58
C ASP K 89 -1.76 -14.67 64.94
N ASP K 90 -0.61 -15.26 64.61
CA ASP K 90 -0.61 -16.61 64.04
C ASP K 90 -0.98 -17.68 65.06
N THR K 91 -1.09 -17.35 66.35
CA THR K 91 -1.54 -18.30 67.34
C THR K 91 -2.91 -18.83 66.95
N ALA K 92 -2.98 -20.10 66.56
CA ALA K 92 -4.18 -20.65 65.98
C ALA K 92 -4.04 -22.16 65.86
N VAL K 93 -5.15 -22.82 65.55
CA VAL K 93 -5.15 -24.25 65.28
C VAL K 93 -5.02 -24.46 63.76
N TYR K 94 -4.07 -25.29 63.37
CA TYR K 94 -3.80 -25.59 61.97
C TYR K 94 -4.48 -26.91 61.63
N TYR K 95 -5.03 -27.01 60.43
CA TYR K 95 -5.76 -28.20 60.00
C TYR K 95 -5.36 -28.57 58.58
N CYS K 96 -4.95 -29.82 58.40
CA CYS K 96 -4.66 -30.37 57.08
C CYS K 96 -5.92 -30.99 56.50
N VAL K 97 -6.31 -30.53 55.32
CA VAL K 97 -7.57 -30.92 54.70
C VAL K 97 -7.33 -31.22 53.22
N THR K 98 -8.07 -32.20 52.70
CA THR K 98 -7.84 -32.76 51.37
C THR K 98 -9.11 -32.72 50.54
N GLY K 99 -8.91 -32.66 49.22
CA GLY K 99 -10.00 -32.66 48.25
C GLY K 99 -10.04 -31.37 47.45
N GLY K 100 -10.59 -31.37 46.24
CA GLY K 100 -11.23 -32.47 45.53
C GLY K 100 -10.24 -33.39 44.84
N TRP K 101 -10.68 -34.02 43.76
CA TRP K 101 -9.89 -35.03 43.08
C TRP K 101 -9.04 -34.38 41.98
N ILE K 102 -7.76 -34.73 41.93
CA ILE K 102 -6.87 -34.16 40.92
C ILE K 102 -7.15 -34.80 39.58
N SER K 103 -7.23 -33.96 38.55
CA SER K 103 -7.47 -34.41 37.19
C SER K 103 -6.63 -33.57 36.25
N LEU K 104 -6.12 -34.19 35.19
CA LEU K 104 -5.28 -33.46 34.25
C LEU K 104 -6.09 -32.58 33.31
N TYR K 105 -7.40 -32.77 33.25
CA TYR K 105 -8.22 -32.20 32.18
C TYR K 105 -9.09 -31.03 32.61
N TYR K 106 -9.40 -30.90 33.89
CA TYR K 106 -10.10 -29.73 34.40
C TYR K 106 -9.54 -29.36 35.76
N ASP K 107 -9.34 -28.06 35.97
CA ASP K 107 -8.78 -27.58 37.22
C ASP K 107 -9.76 -27.86 38.35
N SER K 108 -9.27 -28.48 39.42
CA SER K 108 -10.06 -28.77 40.61
C SER K 108 -9.34 -28.34 41.89
N SER K 109 -8.41 -27.40 41.79
CA SER K 109 -7.73 -26.90 42.99
C SER K 109 -8.69 -26.15 43.89
N TYR K 110 -9.28 -25.07 43.38
CA TYR K 110 -10.11 -24.18 44.19
C TYR K 110 -11.46 -24.78 44.57
N TYR K 111 -11.76 -26.00 44.15
CA TYR K 111 -13.01 -26.63 44.55
C TYR K 111 -12.99 -26.84 46.06
N PRO K 112 -13.75 -26.04 46.88
CA PRO K 112 -13.59 -26.08 48.34
C PRO K 112 -14.27 -27.28 48.99
N ASN K 113 -13.91 -28.49 48.54
CA ASN K 113 -14.47 -29.73 49.08
C ASN K 113 -13.46 -30.32 50.05
N PHE K 114 -13.38 -29.72 51.24
CA PHE K 114 -12.49 -30.18 52.29
C PHE K 114 -13.08 -31.47 52.87
N ASP K 115 -12.82 -32.57 52.15
CA ASP K 115 -13.51 -33.83 52.42
C ASP K 115 -13.21 -34.37 53.81
N HIS K 116 -11.93 -34.38 54.21
CA HIS K 116 -11.50 -35.02 55.44
C HIS K 116 -10.48 -34.13 56.13
N TRP K 117 -10.53 -34.11 57.46
CA TRP K 117 -9.79 -33.16 58.28
C TRP K 117 -8.89 -33.91 59.25
N GLY K 118 -7.66 -33.43 59.38
CA GLY K 118 -6.77 -33.93 60.41
C GLY K 118 -7.12 -33.35 61.77
N GLN K 119 -6.64 -34.02 62.82
CA GLN K 119 -6.97 -33.59 64.17
C GLN K 119 -6.35 -32.24 64.51
N GLY K 120 -5.27 -31.84 63.84
CA GLY K 120 -4.75 -30.50 63.94
C GLY K 120 -3.58 -30.38 64.91
N THR K 121 -2.99 -29.18 64.92
CA THR K 121 -1.88 -28.84 65.79
C THR K 121 -2.08 -27.42 66.30
N LEU K 122 -1.70 -27.20 67.57
CA LEU K 122 -1.89 -25.91 68.24
C LEU K 122 -0.62 -25.09 68.11
N VAL K 123 -0.55 -24.25 67.08
CA VAL K 123 0.53 -23.29 66.97
C VAL K 123 0.24 -22.12 67.90
N THR K 124 1.20 -21.80 68.77
CA THR K 124 1.03 -20.78 69.80
C THR K 124 2.22 -19.82 69.76
N VAL K 125 1.93 -18.53 69.83
CA VAL K 125 2.94 -17.47 69.74
C VAL K 125 2.58 -16.38 70.76
N SER K 126 3.27 -16.29 71.90
CA SER K 126 4.36 -17.17 72.36
C SER K 126 4.47 -17.10 73.87
N GLN L 1 -17.15 -8.87 50.98
CA GLN L 1 -16.56 -7.51 50.90
C GLN L 1 -15.10 -7.57 51.36
N SER L 2 -14.91 -7.70 52.67
CA SER L 2 -13.62 -8.01 53.27
C SER L 2 -13.72 -9.44 53.82
N ALA L 3 -13.04 -10.38 53.15
CA ALA L 3 -13.29 -11.80 53.37
C ALA L 3 -14.75 -12.09 53.05
N LEU L 4 -15.28 -13.20 53.57
CA LEU L 4 -16.67 -13.56 53.32
C LEU L 4 -17.57 -12.99 54.40
N THR L 5 -18.65 -12.31 53.97
CA THR L 5 -19.63 -11.76 54.89
C THR L 5 -20.55 -12.87 55.37
N GLN L 6 -20.85 -12.87 56.67
CA GLN L 6 -21.66 -13.94 57.26
C GLN L 6 -22.19 -13.44 58.60
N PRO L 7 -23.46 -13.78 58.96
CA PRO L 7 -23.97 -13.38 60.29
C PRO L 7 -23.23 -14.02 61.44
N ALA L 8 -23.62 -13.68 62.68
CA ALA L 8 -23.05 -14.30 63.86
C ALA L 8 -24.08 -14.52 64.98
N SER L 9 -25.34 -14.79 64.63
CA SER L 9 -26.43 -14.79 65.59
C SER L 9 -27.36 -15.96 65.35
N VAL L 10 -28.21 -16.22 66.35
CA VAL L 10 -29.22 -17.27 66.32
C VAL L 10 -30.59 -16.63 66.22
N SER L 11 -31.49 -17.25 65.45
CA SER L 11 -32.84 -16.70 65.25
C SER L 11 -33.90 -17.80 65.22
N GLY L 12 -33.73 -18.87 65.99
CA GLY L 12 -34.71 -19.96 65.98
C GLY L 12 -34.73 -20.70 67.30
N SER L 13 -35.56 -21.73 67.34
CA SER L 13 -35.78 -22.56 68.52
C SER L 13 -35.75 -24.03 68.12
N PRO L 14 -35.71 -24.97 69.07
CA PRO L 14 -35.70 -26.39 68.70
C PRO L 14 -36.94 -26.77 67.89
N GLY L 15 -36.74 -27.63 66.89
CA GLY L 15 -37.78 -28.00 65.96
C GLY L 15 -38.01 -27.03 64.84
N GLN L 16 -37.41 -25.84 64.89
CA GLN L 16 -37.57 -24.82 63.86
C GLN L 16 -36.36 -24.80 62.94
N SER L 17 -36.58 -24.33 61.73
CA SER L 17 -35.50 -24.17 60.76
C SER L 17 -34.83 -22.81 60.93
N ILE L 18 -33.54 -22.77 60.64
CA ILE L 18 -32.73 -21.56 60.68
C ILE L 18 -31.95 -21.46 59.38
N THR L 19 -31.92 -20.26 58.80
CA THR L 19 -31.25 -20.01 57.53
C THR L 19 -30.11 -19.03 57.76
N ILE L 20 -28.94 -19.35 57.19
CA ILE L 20 -27.72 -18.55 57.32
C ILE L 20 -27.25 -18.22 55.92
N SER L 21 -26.88 -16.96 55.70
CA SER L 21 -26.54 -16.44 54.37
C SER L 21 -25.07 -16.05 54.33
N CYS L 22 -24.36 -16.57 53.32
CA CYS L 22 -22.99 -16.18 53.03
C CYS L 22 -22.98 -15.25 51.81
N THR L 23 -21.98 -14.39 51.73
CA THR L 23 -21.94 -13.39 50.68
C THR L 23 -20.50 -12.94 50.45
N GLY L 24 -20.17 -12.71 49.18
CA GLY L 24 -18.90 -12.12 48.79
C GLY L 24 -19.10 -11.04 47.74
N THR L 25 -18.40 -11.17 46.62
CA THR L 25 -18.53 -10.29 45.47
C THR L 25 -18.78 -11.12 44.22
N SER L 26 -19.14 -10.45 43.12
CA SER L 26 -19.34 -11.12 41.85
C SER L 26 -18.05 -11.72 41.29
N TYR L 27 -16.89 -11.29 41.80
CA TYR L 27 -15.60 -11.89 41.47
C TYR L 27 -15.34 -13.17 42.26
N ASP L 28 -16.26 -13.53 43.16
CA ASP L 28 -16.10 -14.56 44.17
C ASP L 28 -17.33 -15.46 44.02
N VAL L 29 -17.77 -16.12 45.11
CA VAL L 29 -18.79 -17.17 45.14
C VAL L 29 -19.97 -16.94 44.19
N GLY L 30 -20.34 -15.69 43.95
CA GLY L 30 -21.37 -15.41 42.95
C GLY L 30 -20.99 -15.81 41.54
N LYS L 31 -19.71 -16.11 41.29
CA LYS L 31 -19.24 -16.45 39.96
C LYS L 31 -19.70 -17.84 39.53
N PHE L 32 -19.34 -18.88 40.30
CA PHE L 32 -19.42 -20.27 39.85
C PHE L 32 -20.52 -21.09 40.50
N ASP L 33 -20.83 -20.84 41.79
CA ASP L 33 -21.58 -21.64 42.77
C ASP L 33 -20.71 -22.62 43.56
N LEU L 34 -19.39 -22.49 43.50
CA LEU L 34 -18.50 -23.34 44.31
C LEU L 34 -18.58 -22.88 45.76
N VAL L 35 -19.37 -23.62 46.54
CA VAL L 35 -19.64 -23.32 47.95
C VAL L 35 -19.61 -24.60 48.76
N SER L 36 -19.24 -24.48 50.03
CA SER L 36 -19.37 -25.57 50.98
C SER L 36 -19.52 -25.00 52.39
N TRP L 37 -20.07 -25.82 53.28
CA TRP L 37 -20.35 -25.43 54.65
C TRP L 37 -19.87 -26.53 55.59
N TYR L 38 -19.40 -26.13 56.78
CA TYR L 38 -18.77 -27.03 57.72
C TYR L 38 -19.28 -26.77 59.13
N GLN L 39 -19.32 -27.82 59.95
CA GLN L 39 -19.86 -27.77 61.31
C GLN L 39 -18.76 -28.19 62.28
N GLN L 40 -18.54 -27.36 63.30
CA GLN L 40 -17.55 -27.63 64.34
C GLN L 40 -18.24 -27.71 65.70
N HIS L 41 -18.10 -28.87 66.35
CA HIS L 41 -18.37 -28.94 67.79
C HIS L 41 -17.14 -28.43 68.56
N PRO L 42 -17.30 -27.95 69.78
CA PRO L 42 -16.13 -27.49 70.54
C PRO L 42 -15.11 -28.59 70.74
N GLY L 43 -13.83 -28.26 70.52
CA GLY L 43 -12.77 -29.21 70.70
C GLY L 43 -12.71 -30.31 69.65
N LYS L 44 -13.24 -30.06 68.45
CA LYS L 44 -13.29 -31.05 67.39
C LYS L 44 -12.94 -30.39 66.06
N ALA L 45 -12.46 -31.20 65.12
CA ALA L 45 -12.22 -30.71 63.77
C ALA L 45 -13.57 -30.40 63.11
N PRO L 46 -13.70 -29.31 62.33
CA PRO L 46 -14.97 -29.08 61.62
C PRO L 46 -15.34 -30.21 60.67
N LYS L 47 -16.59 -30.67 60.77
CA LYS L 47 -17.09 -31.72 59.90
C LYS L 47 -17.66 -31.12 58.62
N TYR L 48 -17.96 -31.99 57.65
CA TYR L 48 -18.23 -31.60 56.28
C TYR L 48 -19.69 -31.91 55.93
N MET L 49 -20.49 -30.85 55.73
CA MET L 49 -21.94 -30.99 55.63
C MET L 49 -22.46 -30.76 54.21
N ILE L 50 -22.20 -29.61 53.61
CA ILE L 50 -22.77 -29.21 52.34
C ILE L 50 -21.64 -28.78 51.41
N TYR L 51 -21.83 -29.03 50.11
CA TYR L 51 -20.84 -28.68 49.11
C TYR L 51 -21.56 -28.38 47.81
N GLU L 52 -20.96 -27.47 47.03
CA GLU L 52 -21.55 -27.00 45.77
C GLU L 52 -23.01 -26.60 45.98
N VAL L 53 -23.21 -25.68 46.92
CA VAL L 53 -24.46 -25.03 47.30
C VAL L 53 -25.56 -25.99 47.77
N ASN L 54 -25.86 -27.06 47.00
CA ASN L 54 -27.06 -27.86 47.24
C ASN L 54 -26.84 -29.37 47.29
N LYS L 55 -25.61 -29.86 47.36
CA LYS L 55 -25.31 -31.27 47.53
C LYS L 55 -24.75 -31.52 48.93
N TRP L 56 -24.81 -32.78 49.36
CA TRP L 56 -24.21 -33.21 50.62
C TRP L 56 -23.57 -34.58 50.46
N PRO L 57 -22.57 -34.91 51.28
CA PRO L 57 -21.87 -36.19 51.13
C PRO L 57 -22.53 -37.30 51.95
N SER L 58 -21.90 -38.48 51.87
CA SER L 58 -22.40 -39.63 52.62
C SER L 58 -22.22 -39.43 54.11
N GLY L 59 -23.14 -40.02 54.88
CA GLY L 59 -23.09 -39.97 56.33
C GLY L 59 -23.67 -38.72 56.95
N VAL L 60 -23.96 -37.69 56.15
CA VAL L 60 -24.49 -36.45 56.69
C VAL L 60 -26.02 -36.53 56.75
N SER L 61 -26.58 -36.02 57.84
CA SER L 61 -28.03 -36.00 57.98
C SER L 61 -28.65 -35.03 56.99
N HIS L 62 -29.91 -35.27 56.65
CA HIS L 62 -30.61 -34.45 55.66
C HIS L 62 -31.19 -33.17 56.24
N ARG L 63 -30.83 -32.80 57.48
CA ARG L 63 -31.33 -31.56 58.06
C ARG L 63 -30.76 -30.35 57.33
N PHE L 64 -29.55 -30.47 56.79
CA PHE L 64 -28.87 -29.34 56.17
C PHE L 64 -29.21 -29.26 54.68
N SER L 65 -29.50 -28.05 54.22
CA SER L 65 -29.79 -27.78 52.82
C SER L 65 -29.34 -26.37 52.51
N GLY L 66 -29.20 -26.07 51.22
CA GLY L 66 -28.67 -24.78 50.82
C GLY L 66 -29.11 -24.36 49.44
N SER L 67 -28.82 -23.11 49.13
CA SER L 67 -29.15 -22.51 47.84
C SER L 67 -28.33 -21.24 47.68
N LYS L 68 -28.32 -20.71 46.46
CA LYS L 68 -27.66 -19.43 46.20
C LYS L 68 -28.45 -18.67 45.14
N SER L 69 -28.26 -17.36 45.13
CA SER L 69 -28.90 -16.49 44.15
C SER L 69 -28.11 -15.21 44.07
N GLY L 70 -27.56 -14.93 42.89
CA GLY L 70 -26.74 -13.74 42.73
C GLY L 70 -25.48 -13.82 43.56
N ASN L 71 -25.29 -12.83 44.44
CA ASN L 71 -24.11 -12.73 45.28
C ASN L 71 -24.27 -13.46 46.62
N THR L 72 -25.41 -14.10 46.88
CA THR L 72 -25.70 -14.70 48.17
C THR L 72 -25.78 -16.22 48.03
N ALA L 73 -25.13 -16.92 48.95
CA ALA L 73 -25.22 -18.38 49.07
C ALA L 73 -25.51 -18.71 50.53
N SER L 74 -26.52 -19.56 50.75
CA SER L 74 -27.11 -19.72 52.08
C SER L 74 -27.20 -21.18 52.49
N LEU L 75 -27.14 -21.41 53.80
CA LEU L 75 -27.35 -22.70 54.43
C LEU L 75 -28.65 -22.66 55.23
N THR L 76 -29.43 -23.73 55.13
CA THR L 76 -30.69 -23.88 55.85
C THR L 76 -30.63 -25.13 56.71
N ILE L 77 -30.63 -24.94 58.02
CA ILE L 77 -30.83 -26.05 58.96
C ILE L 77 -32.33 -26.26 59.06
N SER L 78 -32.77 -27.51 58.93
CA SER L 78 -34.18 -27.88 58.97
C SER L 78 -34.40 -28.84 60.13
N GLY L 79 -35.25 -28.43 61.07
CA GLY L 79 -35.49 -29.26 62.25
C GLY L 79 -34.30 -29.28 63.19
N LEU L 80 -34.02 -28.15 63.82
CA LEU L 80 -32.86 -28.04 64.69
C LEU L 80 -32.95 -29.02 65.85
N GLN L 81 -31.81 -29.64 66.18
CA GLN L 81 -31.69 -30.62 67.23
C GLN L 81 -30.65 -30.19 68.26
N ALA L 82 -30.55 -30.95 69.34
CA ALA L 82 -29.53 -30.70 70.34
C ALA L 82 -28.12 -30.95 69.80
N GLU L 83 -28.00 -31.74 68.74
CA GLU L 83 -26.70 -31.90 68.08
C GLU L 83 -26.22 -30.59 67.43
N ASP L 84 -27.14 -29.65 67.20
CA ASP L 84 -26.87 -28.44 66.44
C ASP L 84 -26.08 -27.39 67.24
N GLU L 85 -25.72 -27.67 68.49
CA GLU L 85 -24.97 -26.69 69.26
C GLU L 85 -23.55 -26.62 68.73
N ALA L 86 -23.34 -25.84 67.67
CA ALA L 86 -22.08 -25.85 66.95
C ALA L 86 -21.92 -24.56 66.16
N ASP L 87 -20.71 -24.33 65.68
CA ASP L 87 -20.35 -23.17 64.88
C ASP L 87 -20.26 -23.58 63.43
N TYR L 88 -20.89 -22.80 62.54
CA TYR L 88 -21.01 -23.15 61.12
C TYR L 88 -20.25 -22.14 60.27
N TYR L 89 -19.33 -22.64 59.45
CA TYR L 89 -18.43 -21.83 58.64
C TYR L 89 -18.80 -21.92 57.18
N CYS L 90 -18.87 -20.77 56.52
CA CYS L 90 -19.00 -20.72 55.06
C CYS L 90 -17.61 -20.79 54.43
N CYS L 91 -17.52 -21.46 53.28
CA CYS L 91 -16.32 -21.46 52.46
C CYS L 91 -16.72 -21.56 50.99
N SER L 92 -15.96 -20.87 50.14
CA SER L 92 -16.33 -20.78 48.73
C SER L 92 -15.12 -20.40 47.90
N PHE L 93 -15.27 -20.53 46.59
CA PHE L 93 -14.27 -20.07 45.65
C PHE L 93 -14.02 -18.58 45.83
N GLY L 94 -12.75 -18.20 45.90
CA GLY L 94 -12.33 -16.88 46.33
C GLY L 94 -11.77 -15.96 45.27
N GLY L 95 -11.88 -16.30 43.99
CA GLY L 95 -11.33 -15.46 42.95
C GLY L 95 -9.83 -15.59 42.83
N SER L 96 -9.31 -15.51 41.60
CA SER L 96 -7.88 -15.74 41.34
C SER L 96 -7.45 -17.11 41.86
N ALA L 97 -8.33 -18.09 41.74
CA ALA L 97 -8.13 -19.47 42.16
C ALA L 97 -8.05 -19.63 43.68
N THR L 98 -8.24 -18.56 44.46
CA THR L 98 -8.14 -18.69 45.90
C THR L 98 -9.43 -19.28 46.47
N VAL L 99 -9.37 -19.62 47.77
CA VAL L 99 -10.53 -20.05 48.53
C VAL L 99 -10.53 -19.25 49.84
N VAL L 100 -11.73 -18.85 50.26
CA VAL L 100 -11.91 -18.02 51.45
C VAL L 100 -13.00 -18.62 52.31
N CYS L 101 -12.99 -18.26 53.59
CA CYS L 101 -13.98 -18.73 54.55
C CYS L 101 -14.37 -17.60 55.49
N GLY L 102 -15.59 -17.71 56.04
CA GLY L 102 -16.19 -16.64 56.81
C GLY L 102 -16.00 -16.78 58.32
N GLY L 103 -16.58 -15.82 59.04
CA GLY L 103 -16.38 -15.72 60.47
C GLY L 103 -16.96 -16.87 61.28
N GLY L 104 -18.20 -17.27 61.01
CA GLY L 104 -18.82 -18.41 61.65
C GLY L 104 -20.05 -18.10 62.46
N THR L 105 -21.19 -18.66 62.08
CA THR L 105 -22.43 -18.50 62.84
C THR L 105 -22.49 -19.51 63.98
N LYS L 106 -22.55 -19.01 65.21
CA LYS L 106 -22.86 -19.87 66.34
C LYS L 106 -24.34 -20.22 66.32
N VAL L 107 -24.66 -21.44 66.75
CA VAL L 107 -26.02 -21.93 66.78
C VAL L 107 -26.25 -22.60 68.13
N THR L 108 -27.42 -22.34 68.72
CA THR L 108 -27.77 -22.88 70.03
C THR L 108 -29.24 -23.30 70.02
N VAL L 109 -29.61 -24.08 71.03
CA VAL L 109 -31.01 -24.44 71.26
C VAL L 109 -31.65 -23.33 72.07
N LEU L 110 -32.09 -22.27 71.40
CA LEU L 110 -32.56 -21.07 72.06
C LEU L 110 -34.06 -21.14 72.32
#